data_4GE9
#
_entry.id   4GE9
#
_cell.length_a   69.155
_cell.length_b   107.050
_cell.length_c   116.599
_cell.angle_alpha   90.000
_cell.angle_beta   94.520
_cell.angle_gamma   90.000
#
_symmetry.space_group_name_H-M   'P 1 21 1'
#
loop_
_entity.id
_entity.type
_entity.pdbx_description
1 polymer 'Kynurenine/alpha-aminoadipate aminotransferase, mitochondrial'
2 non-polymer '(4-{[(6-benzyl-1-hydroxy-7-methoxy-2-oxo-1,2-dihydroquinolin-3-yl)amino]methyl}-5-hydroxy-6-methylpyridin-3-yl)methyl dihydrogen phosphate'
3 water water
#
_entity_poly.entity_id   1
_entity_poly.type   'polypeptide(L)'
_entity_poly.pdbx_seq_one_letter_code
;MNYARFITAASAARNPSPIRTMTDILSRGPKSMISLAGGLPNPNMFPFKTAVITVENGKTIQFGEEMMKRALQYSPSAGI
PELLSWLKQLQIKLHNPPTIHYPPSQGQMDLCVTSGSQQGLCKVFEMIINPGDNVLLDEPAYSGTLQSLHPLGCNIINVA
SDESGIVPDSLRDILSRWKPEDAKNPQKNTPKFLYTVPNGNNPTGNSLTSERKKEIYELARKYDFLIIEDDPYYFLQFNS
GRVPTFLSMDVDGRVIRADSFSKIISSGLRIGFLTGPKPLIERVILHIQVSTLHPSTFNQLMISQLLHEWGEEGFMAHVD
RVIDFYSNQKDAILAAADKWLTGLAEWHVPAAGMFLWIKVKGINDVKELIEEKAVKMGVLMLPGNAFYVDSSAPSPYLRA
SFSSASPEQMDVAFQVLAQLIKESLLVPRGSLEHHHHHH
;
_entity_poly.pdbx_strand_id   A,B,C,D
#
# COMPACT_ATOMS: atom_id res chain seq x y z
N MET A 1 -15.88 14.79 -20.92
CA MET A 1 -15.36 13.80 -19.97
C MET A 1 -13.85 13.55 -20.13
N ASN A 2 -13.19 13.22 -19.00
CA ASN A 2 -11.76 12.91 -18.94
C ASN A 2 -11.58 11.45 -18.59
N TYR A 3 -11.15 10.66 -19.58
CA TYR A 3 -10.94 9.23 -19.45
C TYR A 3 -9.65 8.84 -18.77
N ALA A 4 -8.68 9.77 -18.69
CA ALA A 4 -7.36 9.58 -18.06
C ALA A 4 -7.43 9.09 -16.60
N ARG A 5 -8.51 9.43 -15.85
CA ARG A 5 -8.66 8.91 -14.48
C ARG A 5 -9.12 7.42 -14.49
N PHE A 6 -9.61 6.91 -15.66
CA PHE A 6 -10.08 5.52 -15.81
C PHE A 6 -9.08 4.59 -16.53
N ILE A 7 -7.86 5.11 -16.78
CA ILE A 7 -6.79 4.39 -17.48
C ILE A 7 -5.54 4.34 -16.55
N THR A 8 -5.05 3.12 -16.22
CA THR A 8 -3.84 2.98 -15.41
C THR A 8 -2.60 3.48 -16.23
N ALA A 9 -1.43 3.63 -15.55
CA ALA A 9 -0.17 4.10 -16.17
C ALA A 9 0.32 3.12 -17.21
N ALA A 10 0.21 1.81 -16.92
CA ALA A 10 0.59 0.73 -17.83
C ALA A 10 -0.30 0.76 -19.10
N SER A 11 -1.64 0.92 -18.94
CA SER A 11 -2.56 1.00 -20.08
C SER A 11 -2.32 2.24 -20.97
N ALA A 12 -2.00 3.39 -20.35
CA ALA A 12 -1.73 4.66 -21.04
C ALA A 12 -0.46 4.59 -21.87
N ALA A 13 0.53 3.79 -21.40
CA ALA A 13 1.84 3.58 -22.02
C ALA A 13 1.80 2.71 -23.30
N ARG A 14 0.68 1.99 -23.54
CA ARG A 14 0.50 1.11 -24.69
C ARG A 14 0.53 1.88 -25.96
N ASN A 15 1.31 1.39 -26.92
CA ASN A 15 1.46 2.03 -28.22
C ASN A 15 0.95 1.14 -29.34
N PRO A 16 0.47 1.73 -30.46
CA PRO A 16 0.03 0.88 -31.58
C PRO A 16 1.25 0.26 -32.23
N SER A 17 1.08 -0.95 -32.80
CA SER A 17 2.15 -1.70 -33.44
C SER A 17 2.77 -0.87 -34.57
N PRO A 18 4.10 -0.52 -34.51
CA PRO A 18 4.69 0.27 -35.63
C PRO A 18 4.69 -0.46 -36.97
N ILE A 19 4.60 -1.78 -36.89
CA ILE A 19 4.55 -2.72 -38.00
C ILE A 19 3.24 -2.58 -38.69
N ARG A 20 2.16 -2.68 -37.92
CA ARG A 20 0.80 -2.61 -38.39
C ARG A 20 0.50 -1.28 -39.00
N THR A 21 1.09 -0.19 -38.46
CA THR A 21 1.01 1.20 -38.92
C THR A 21 1.40 1.24 -40.42
N MET A 22 2.49 0.55 -40.79
CA MET A 22 2.96 0.42 -42.18
C MET A 22 1.97 -0.48 -42.97
N THR A 23 1.52 -1.56 -42.34
CA THR A 23 0.60 -2.56 -42.89
C THR A 23 -0.75 -2.01 -43.32
N ASP A 24 -1.15 -0.87 -42.72
CA ASP A 24 -2.40 -0.23 -43.06
C ASP A 24 -2.25 0.77 -44.20
N ILE A 25 -1.02 1.25 -44.47
CA ILE A 25 -0.84 2.12 -45.61
C ILE A 25 -1.01 1.32 -46.92
N LEU A 26 -0.87 0.02 -46.85
CA LEU A 26 -1.00 -0.89 -47.98
C LEU A 26 -2.46 -1.04 -48.29
N SER A 27 -3.31 -0.95 -47.24
CA SER A 27 -4.77 -1.07 -47.40
C SER A 27 -5.41 0.17 -48.03
N ARG A 28 -4.64 1.31 -48.08
CA ARG A 28 -4.89 2.64 -48.64
C ARG A 28 -3.64 3.18 -49.44
N GLY A 29 -3.33 2.58 -50.60
CA GLY A 29 -4.08 1.45 -51.14
C GLY A 29 -4.03 1.08 -52.60
N PRO A 30 -3.29 1.70 -53.59
CA PRO A 30 -3.49 1.19 -54.96
C PRO A 30 -2.98 -0.24 -55.13
N LYS A 31 -3.53 -0.95 -56.16
CA LYS A 31 -3.15 -2.33 -56.51
C LYS A 31 -1.66 -2.44 -56.91
N SER A 32 -1.08 -1.34 -57.43
CA SER A 32 0.31 -1.25 -57.86
C SER A 32 1.34 -1.39 -56.71
N MET A 33 0.90 -1.20 -55.44
CA MET A 33 1.75 -1.23 -54.25
C MET A 33 2.36 -2.59 -53.98
N ILE A 34 3.65 -2.59 -53.62
CA ILE A 34 4.43 -3.79 -53.27
C ILE A 34 4.78 -3.67 -51.79
N SER A 35 4.52 -4.74 -51.05
CA SER A 35 4.84 -4.81 -49.62
C SER A 35 5.87 -5.89 -49.32
N LEU A 36 6.91 -5.50 -48.57
CA LEU A 36 7.96 -6.35 -48.03
C LEU A 36 7.96 -6.02 -46.53
N ALA A 37 6.85 -5.41 -46.07
CA ALA A 37 6.70 -4.92 -44.71
C ALA A 37 6.24 -5.95 -43.71
N GLY A 38 5.06 -6.50 -43.90
CA GLY A 38 4.47 -7.41 -42.93
C GLY A 38 5.07 -8.78 -42.84
N GLY A 39 4.89 -9.39 -41.67
CA GLY A 39 5.32 -10.76 -41.44
C GLY A 39 4.20 -11.74 -41.70
N LEU A 40 3.32 -11.44 -42.68
CA LEU A 40 2.19 -12.30 -43.05
C LEU A 40 2.70 -13.49 -43.84
N PRO A 41 2.47 -14.72 -43.34
CA PRO A 41 2.95 -15.90 -44.07
C PRO A 41 2.18 -16.11 -45.37
N ASN A 42 2.72 -16.91 -46.27
CA ASN A 42 2.06 -17.18 -47.54
C ASN A 42 0.90 -18.14 -47.27
N PRO A 43 -0.36 -17.69 -47.42
CA PRO A 43 -1.49 -18.61 -47.12
C PRO A 43 -1.66 -19.84 -48.06
N ASN A 44 -0.80 -19.97 -49.13
CA ASN A 44 -0.84 -21.11 -50.07
C ASN A 44 -0.14 -22.34 -49.50
N MET A 45 0.52 -22.15 -48.34
CA MET A 45 1.29 -23.13 -47.56
C MET A 45 0.45 -23.72 -46.46
N PHE A 46 -0.76 -23.12 -46.22
CA PHE A 46 -1.69 -23.62 -45.22
C PHE A 46 -2.40 -24.88 -45.75
N PRO A 47 -2.59 -25.92 -44.93
CA PRO A 47 -3.16 -27.18 -45.48
C PRO A 47 -4.65 -27.24 -45.74
N PHE A 48 -5.47 -26.44 -45.04
CA PHE A 48 -6.93 -26.40 -45.23
C PHE A 48 -7.26 -25.52 -46.45
N LYS A 49 -8.06 -26.05 -47.40
CA LYS A 49 -8.32 -25.36 -48.67
C LYS A 49 -9.69 -24.76 -48.93
N THR A 50 -10.75 -25.43 -48.47
CA THR A 50 -12.12 -24.95 -48.61
C THR A 50 -12.89 -25.42 -47.41
N ALA A 51 -14.01 -24.75 -47.13
CA ALA A 51 -14.88 -25.13 -46.04
C ALA A 51 -16.30 -24.98 -46.48
N VAL A 52 -17.12 -25.95 -46.13
CA VAL A 52 -18.56 -25.89 -46.34
C VAL A 52 -19.24 -26.18 -45.03
N ILE A 53 -19.87 -25.14 -44.46
CA ILE A 53 -20.59 -25.20 -43.19
C ILE A 53 -22.09 -25.06 -43.44
N THR A 54 -22.87 -26.03 -42.98
CA THR A 54 -24.33 -25.97 -43.10
C THR A 54 -24.90 -25.20 -41.92
N VAL A 55 -25.97 -24.40 -42.18
CA VAL A 55 -26.68 -23.55 -41.23
C VAL A 55 -28.13 -24.00 -40.97
N GLU A 56 -28.60 -23.89 -39.70
CA GLU A 56 -29.96 -24.14 -39.22
C GLU A 56 -30.80 -22.93 -39.65
N ASN A 57 -31.81 -23.20 -40.51
CA ASN A 57 -32.70 -22.17 -41.10
C ASN A 57 -31.82 -21.11 -41.80
N GLY A 58 -31.16 -21.52 -42.86
CA GLY A 58 -30.25 -20.63 -43.57
C GLY A 58 -29.40 -21.31 -44.63
N LYS A 59 -28.78 -20.47 -45.46
CA LYS A 59 -27.90 -20.84 -46.56
C LYS A 59 -26.62 -21.47 -46.04
N THR A 60 -26.10 -22.45 -46.80
CA THR A 60 -24.84 -23.13 -46.51
C THR A 60 -23.67 -22.15 -46.69
N ILE A 61 -22.91 -21.90 -45.60
CA ILE A 61 -21.73 -21.01 -45.64
C ILE A 61 -20.58 -21.74 -46.33
N GLN A 62 -20.13 -21.18 -47.44
CA GLN A 62 -19.03 -21.76 -48.23
C GLN A 62 -17.81 -20.86 -48.27
N PHE A 63 -16.66 -21.40 -47.89
CA PHE A 63 -15.38 -20.69 -47.94
C PHE A 63 -14.62 -21.25 -49.09
N GLY A 64 -14.66 -20.54 -50.22
CA GLY A 64 -13.90 -20.90 -51.41
C GLY A 64 -12.42 -20.66 -51.15
N GLU A 65 -11.57 -21.06 -52.12
CA GLU A 65 -10.10 -20.96 -52.05
C GLU A 65 -9.57 -19.65 -51.51
N GLU A 66 -10.07 -18.50 -52.05
CA GLU A 66 -9.68 -17.14 -51.68
C GLU A 66 -10.16 -16.73 -50.30
N MET A 67 -11.43 -17.03 -49.99
CA MET A 67 -12.09 -16.81 -48.69
C MET A 67 -11.35 -17.60 -47.60
N MET A 68 -10.98 -18.86 -47.90
CA MET A 68 -10.25 -19.74 -46.98
C MET A 68 -8.84 -19.20 -46.67
N LYS A 69 -8.13 -18.65 -47.68
CA LYS A 69 -6.80 -18.06 -47.50
C LYS A 69 -6.90 -16.88 -46.55
N ARG A 70 -7.96 -16.04 -46.70
CA ARG A 70 -8.25 -14.86 -45.89
C ARG A 70 -8.62 -15.29 -44.44
N ALA A 71 -9.50 -16.33 -44.33
CA ALA A 71 -9.96 -16.93 -43.05
C ALA A 71 -8.81 -17.58 -42.23
N LEU A 72 -7.78 -18.12 -42.90
CA LEU A 72 -6.59 -18.77 -42.27
C LEU A 72 -5.44 -17.79 -42.01
N GLN A 73 -5.62 -16.52 -42.43
CA GLN A 73 -4.63 -15.46 -42.34
C GLN A 73 -4.90 -14.48 -41.20
N TYR A 74 -3.89 -13.67 -40.82
CA TYR A 74 -4.00 -12.61 -39.81
C TYR A 74 -5.02 -11.55 -40.28
N SER A 75 -5.60 -10.81 -39.32
CA SER A 75 -6.58 -9.78 -39.57
C SER A 75 -6.48 -8.67 -38.47
N PRO A 76 -7.25 -7.51 -38.56
CA PRO A 76 -7.08 -6.45 -37.57
C PRO A 76 -7.45 -6.83 -36.13
N SER A 77 -6.79 -6.17 -35.16
CA SER A 77 -6.98 -6.42 -33.72
C SER A 77 -8.40 -6.20 -33.26
N ALA A 78 -9.10 -5.16 -33.80
CA ALA A 78 -10.45 -4.80 -33.43
C ALA A 78 -11.48 -5.77 -33.97
N GLY A 79 -11.14 -6.44 -35.07
CA GLY A 79 -12.02 -7.39 -35.74
C GLY A 79 -12.04 -7.18 -37.24
N ILE A 80 -12.67 -8.12 -37.97
CA ILE A 80 -12.80 -8.04 -39.43
C ILE A 80 -13.77 -6.89 -39.78
N PRO A 81 -13.58 -6.14 -40.88
CA PRO A 81 -14.47 -4.97 -41.10
C PRO A 81 -15.96 -5.26 -41.26
N GLU A 82 -16.32 -6.39 -41.88
CA GLU A 82 -17.71 -6.78 -42.11
C GLU A 82 -18.47 -7.09 -40.83
N LEU A 83 -17.79 -7.72 -39.85
CA LEU A 83 -18.38 -8.03 -38.55
C LEU A 83 -18.55 -6.74 -37.75
N LEU A 84 -17.53 -5.87 -37.80
CA LEU A 84 -17.56 -4.56 -37.13
C LEU A 84 -18.67 -3.62 -37.60
N SER A 85 -18.89 -3.49 -38.92
CA SER A 85 -19.95 -2.62 -39.42
C SER A 85 -21.35 -3.14 -39.14
N TRP A 86 -21.50 -4.47 -39.18
CA TRP A 86 -22.79 -5.12 -38.87
C TRP A 86 -23.12 -5.02 -37.39
N LEU A 87 -22.12 -5.15 -36.49
CA LEU A 87 -22.33 -5.05 -35.04
C LEU A 87 -22.62 -3.61 -34.61
N LYS A 88 -21.92 -2.61 -35.18
CA LYS A 88 -22.19 -1.19 -34.91
C LYS A 88 -23.62 -0.78 -35.30
N GLN A 89 -24.08 -1.31 -36.46
CA GLN A 89 -25.39 -1.15 -37.10
C GLN A 89 -26.48 -1.66 -36.20
N LEU A 90 -26.26 -2.84 -35.63
CA LEU A 90 -27.11 -3.55 -34.69
C LEU A 90 -27.22 -2.76 -33.40
N GLN A 91 -26.07 -2.29 -32.84
CA GLN A 91 -26.06 -1.46 -31.62
C GLN A 91 -26.90 -0.21 -31.82
N ILE A 92 -26.81 0.43 -33.01
CA ILE A 92 -27.60 1.62 -33.35
C ILE A 92 -29.08 1.23 -33.46
N LYS A 93 -29.42 0.16 -34.18
CA LYS A 93 -30.80 -0.33 -34.32
C LYS A 93 -31.46 -0.60 -32.94
N LEU A 94 -30.75 -1.34 -32.09
CA LEU A 94 -31.21 -1.79 -30.79
C LEU A 94 -31.13 -0.75 -29.67
N HIS A 95 -30.00 -0.03 -29.58
CA HIS A 95 -29.72 0.87 -28.47
C HIS A 95 -29.65 2.31 -28.83
N ASN A 96 -29.44 2.62 -30.12
CA ASN A 96 -29.35 4.00 -30.62
C ASN A 96 -28.52 4.90 -29.67
N PRO A 97 -27.23 4.55 -29.39
CA PRO A 97 -26.44 5.35 -28.44
C PRO A 97 -26.35 6.83 -28.78
N PRO A 98 -26.42 7.75 -27.79
CA PRO A 98 -26.32 9.18 -28.13
C PRO A 98 -24.92 9.61 -28.61
N THR A 99 -23.90 8.76 -28.37
CA THR A 99 -22.49 9.01 -28.69
C THR A 99 -22.04 8.77 -30.15
N ILE A 100 -22.92 8.19 -31.01
CA ILE A 100 -22.62 7.84 -32.42
C ILE A 100 -21.77 8.92 -33.14
N HIS A 101 -22.15 10.19 -33.04
CA HIS A 101 -21.42 11.28 -33.71
C HIS A 101 -20.60 12.26 -32.85
N TYR A 102 -20.27 11.88 -31.60
CA TYR A 102 -19.43 12.69 -30.70
C TYR A 102 -17.97 12.71 -31.23
N PRO A 103 -17.13 13.74 -30.90
CA PRO A 103 -15.73 13.68 -31.32
C PRO A 103 -15.04 12.53 -30.60
N PRO A 104 -14.04 11.83 -31.22
CA PRO A 104 -13.37 10.71 -30.52
C PRO A 104 -13.00 10.96 -29.05
N SER A 105 -12.23 12.05 -28.76
CA SER A 105 -11.76 12.45 -27.42
C SER A 105 -12.85 12.65 -26.38
N GLN A 106 -14.07 12.96 -26.84
CA GLN A 106 -15.25 13.16 -25.98
C GLN A 106 -16.01 11.86 -25.71
N GLY A 107 -15.55 10.75 -26.28
CA GLY A 107 -16.11 9.42 -26.07
C GLY A 107 -17.08 8.87 -27.10
N GLN A 108 -16.77 9.07 -28.38
CA GLN A 108 -17.54 8.56 -29.53
C GLN A 108 -17.71 7.06 -29.41
N MET A 109 -18.84 6.53 -29.90
CA MET A 109 -19.08 5.11 -29.85
C MET A 109 -18.06 4.38 -30.74
N ASP A 110 -17.40 3.37 -30.15
CA ASP A 110 -16.50 2.46 -30.80
C ASP A 110 -16.83 1.06 -30.37
N LEU A 111 -16.55 0.09 -31.24
CA LEU A 111 -16.82 -1.32 -30.98
C LEU A 111 -15.59 -2.17 -31.38
N CYS A 112 -15.31 -3.22 -30.60
CA CYS A 112 -14.25 -4.17 -30.92
C CYS A 112 -14.69 -5.59 -30.61
N VAL A 113 -14.31 -6.51 -31.50
CA VAL A 113 -14.62 -7.93 -31.38
C VAL A 113 -13.61 -8.49 -30.40
N THR A 114 -14.08 -9.24 -29.41
CA THR A 114 -13.23 -9.85 -28.39
C THR A 114 -13.37 -11.35 -28.45
N SER A 115 -12.47 -12.05 -27.76
CA SER A 115 -12.47 -13.52 -27.68
C SER A 115 -13.37 -13.86 -26.50
N GLY A 116 -14.67 -13.75 -26.76
CA GLY A 116 -15.74 -13.90 -25.78
C GLY A 116 -15.95 -12.58 -25.03
N SER A 117 -17.06 -12.44 -24.31
CA SER A 117 -17.30 -11.23 -23.53
C SER A 117 -16.31 -11.15 -22.33
N GLN A 118 -15.88 -12.32 -21.84
CA GLN A 118 -14.90 -12.49 -20.75
C GLN A 118 -13.59 -11.71 -21.06
N GLN A 119 -13.07 -11.79 -22.33
CA GLN A 119 -11.85 -11.09 -22.74
C GLN A 119 -12.02 -9.58 -22.64
N GLY A 120 -13.13 -9.08 -23.14
CA GLY A 120 -13.43 -7.66 -23.08
C GLY A 120 -13.46 -7.15 -21.66
N LEU A 121 -14.21 -7.84 -20.78
CA LEU A 121 -14.39 -7.52 -19.36
C LEU A 121 -13.07 -7.47 -18.64
N CYS A 122 -12.24 -8.53 -18.85
CA CYS A 122 -10.89 -8.70 -18.30
C CYS A 122 -10.01 -7.52 -18.70
N LYS A 123 -9.90 -7.24 -20.01
CA LYS A 123 -9.08 -6.12 -20.51
C LYS A 123 -9.56 -4.74 -19.99
N VAL A 124 -10.88 -4.59 -19.72
CA VAL A 124 -11.45 -3.36 -19.17
C VAL A 124 -11.05 -3.20 -17.68
N PHE A 125 -11.18 -4.26 -16.87
CA PHE A 125 -10.79 -4.22 -15.45
C PHE A 125 -9.29 -3.92 -15.29
N GLU A 126 -8.45 -4.62 -16.10
CA GLU A 126 -7.01 -4.43 -16.14
C GLU A 126 -6.64 -3.00 -16.55
N MET A 127 -7.43 -2.40 -17.49
CA MET A 127 -7.29 -1.02 -17.96
C MET A 127 -7.58 0.02 -16.87
N ILE A 128 -8.62 -0.24 -16.05
CA ILE A 128 -9.13 0.66 -15.02
C ILE A 128 -8.46 0.52 -13.64
N ILE A 129 -8.34 -0.71 -13.12
CA ILE A 129 -7.91 -0.96 -11.75
C ILE A 129 -6.42 -0.87 -11.39
N ASN A 130 -6.16 -0.06 -10.35
CA ASN A 130 -4.89 0.13 -9.63
C ASN A 130 -5.11 -0.53 -8.26
N PRO A 131 -4.09 -1.16 -7.62
CA PRO A 131 -4.36 -1.84 -6.34
C PRO A 131 -4.85 -0.87 -5.28
N GLY A 132 -5.91 -1.28 -4.58
CA GLY A 132 -6.54 -0.49 -3.53
C GLY A 132 -7.71 0.36 -3.99
N ASP A 133 -7.98 0.39 -5.31
CA ASP A 133 -9.11 1.16 -5.90
C ASP A 133 -10.47 0.62 -5.42
N ASN A 134 -11.51 1.50 -5.37
CA ASN A 134 -12.87 1.11 -4.96
C ASN A 134 -13.72 0.76 -6.20
N VAL A 135 -14.48 -0.36 -6.13
CA VAL A 135 -15.34 -0.75 -7.25
C VAL A 135 -16.71 -1.15 -6.74
N LEU A 136 -17.78 -0.79 -7.49
CA LEU A 136 -19.16 -1.09 -7.08
C LEU A 136 -19.71 -2.25 -7.86
N LEU A 137 -20.34 -3.19 -7.14
CA LEU A 137 -20.85 -4.44 -7.65
C LEU A 137 -21.95 -4.97 -6.69
N ASP A 138 -22.94 -5.72 -7.21
CA ASP A 138 -23.91 -6.39 -6.36
C ASP A 138 -23.60 -7.89 -6.25
N GLU A 139 -23.37 -8.35 -5.02
CA GLU A 139 -23.12 -9.76 -4.68
C GLU A 139 -24.50 -10.39 -4.32
N PRO A 140 -24.83 -11.64 -4.77
CA PRO A 140 -24.01 -12.56 -5.59
C PRO A 140 -23.76 -12.08 -7.02
N ALA A 141 -22.52 -12.27 -7.50
CA ALA A 141 -22.07 -11.90 -8.84
C ALA A 141 -21.46 -13.10 -9.60
N TYR A 142 -21.28 -12.94 -10.91
CA TYR A 142 -20.69 -13.90 -11.83
C TYR A 142 -19.24 -14.19 -11.39
N SER A 143 -18.94 -15.46 -11.05
CA SER A 143 -17.63 -15.93 -10.56
C SER A 143 -16.43 -15.49 -11.39
N GLY A 144 -16.54 -15.57 -12.70
CA GLY A 144 -15.53 -15.09 -13.64
C GLY A 144 -15.16 -13.63 -13.45
N THR A 145 -16.11 -12.75 -13.05
CA THR A 145 -15.68 -11.37 -12.76
C THR A 145 -15.06 -11.26 -11.39
N LEU A 146 -15.44 -12.16 -10.47
CA LEU A 146 -14.86 -12.21 -9.13
C LEU A 146 -13.47 -12.76 -9.18
N GLN A 147 -13.23 -13.75 -10.07
CA GLN A 147 -11.88 -14.30 -10.22
C GLN A 147 -10.94 -13.38 -11.07
N SER A 148 -11.48 -12.39 -11.85
CA SER A 148 -10.67 -11.40 -12.59
C SER A 148 -10.31 -10.28 -11.64
N LEU A 149 -11.29 -9.89 -10.78
CA LEU A 149 -11.16 -8.78 -9.83
C LEU A 149 -10.22 -9.05 -8.69
N HIS A 150 -10.29 -10.25 -8.08
CA HIS A 150 -9.45 -10.68 -6.97
C HIS A 150 -7.92 -10.43 -7.15
N PRO A 151 -7.28 -10.86 -8.27
CA PRO A 151 -5.83 -10.58 -8.44
C PRO A 151 -5.50 -9.09 -8.65
N LEU A 152 -6.49 -8.26 -9.06
CA LEU A 152 -6.27 -6.83 -9.30
C LEU A 152 -6.09 -5.96 -8.05
N GLY A 153 -6.38 -6.54 -6.88
CA GLY A 153 -6.18 -5.92 -5.57
C GLY A 153 -7.13 -4.80 -5.19
N CYS A 154 -8.31 -4.75 -5.85
CA CYS A 154 -9.30 -3.71 -5.57
C CYS A 154 -10.18 -4.03 -4.35
N ASN A 155 -11.02 -3.04 -3.95
CA ASN A 155 -11.97 -3.16 -2.88
C ASN A 155 -13.36 -3.19 -3.50
N ILE A 156 -14.02 -4.33 -3.37
CA ILE A 156 -15.35 -4.55 -3.92
C ILE A 156 -16.40 -4.16 -2.89
N ILE A 157 -17.11 -3.06 -3.16
CA ILE A 157 -18.21 -2.55 -2.34
C ILE A 157 -19.50 -3.25 -2.80
N ASN A 158 -20.13 -3.98 -1.89
CA ASN A 158 -21.37 -4.66 -2.20
C ASN A 158 -22.52 -3.65 -2.21
N VAL A 159 -23.21 -3.51 -3.36
CA VAL A 159 -24.41 -2.67 -3.50
C VAL A 159 -25.60 -3.64 -3.32
N ALA A 160 -26.53 -3.32 -2.43
CA ALA A 160 -27.63 -4.24 -2.15
C ALA A 160 -28.59 -4.40 -3.31
N SER A 161 -29.22 -5.56 -3.42
CA SER A 161 -30.18 -5.86 -4.48
C SER A 161 -31.38 -6.69 -4.02
N ASP A 162 -32.43 -6.66 -4.85
CA ASP A 162 -33.68 -7.37 -4.65
C ASP A 162 -34.07 -8.05 -5.98
N GLU A 163 -35.37 -8.44 -6.17
CA GLU A 163 -35.85 -9.10 -7.40
C GLU A 163 -35.78 -8.18 -8.63
N SER A 164 -35.71 -6.85 -8.41
CA SER A 164 -35.59 -5.88 -9.48
C SER A 164 -34.14 -5.40 -9.65
N GLY A 165 -33.18 -6.26 -9.34
CA GLY A 165 -31.77 -5.96 -9.45
C GLY A 165 -31.29 -5.03 -8.35
N ILE A 166 -30.21 -4.29 -8.61
CA ILE A 166 -29.60 -3.29 -7.72
C ILE A 166 -30.67 -2.30 -7.18
N VAL A 167 -30.66 -2.02 -5.84
CA VAL A 167 -31.57 -1.07 -5.19
C VAL A 167 -30.87 0.30 -5.32
N PRO A 168 -31.42 1.27 -6.11
CA PRO A 168 -30.73 2.57 -6.29
C PRO A 168 -30.48 3.36 -5.01
N ASP A 169 -31.32 3.18 -3.98
CA ASP A 169 -31.16 3.84 -2.68
C ASP A 169 -30.00 3.30 -1.89
N SER A 170 -29.62 2.02 -2.14
CA SER A 170 -28.45 1.38 -1.54
C SER A 170 -27.18 2.02 -2.16
N LEU A 171 -27.19 2.26 -3.48
CA LEU A 171 -26.07 2.88 -4.22
C LEU A 171 -25.92 4.32 -3.78
N ARG A 172 -27.06 5.02 -3.56
CA ARG A 172 -27.12 6.40 -3.10
C ARG A 172 -26.55 6.49 -1.65
N ASP A 173 -26.80 5.45 -0.83
CA ASP A 173 -26.31 5.35 0.55
C ASP A 173 -24.79 5.13 0.60
N ILE A 174 -24.28 4.25 -0.29
CA ILE A 174 -22.86 3.95 -0.39
C ILE A 174 -22.06 5.17 -0.87
N LEU A 175 -22.53 5.79 -1.97
CA LEU A 175 -21.89 6.96 -2.56
C LEU A 175 -21.84 8.20 -1.69
N SER A 176 -22.82 8.37 -0.76
CA SER A 176 -22.91 9.54 0.12
C SER A 176 -21.69 9.79 1.02
N ARG A 177 -20.79 8.78 1.14
CA ARG A 177 -19.53 8.87 1.90
C ARG A 177 -18.46 9.72 1.17
N TRP A 178 -18.80 10.20 -0.02
CA TRP A 178 -17.99 11.08 -0.85
C TRP A 178 -18.88 12.27 -1.24
N LYS A 179 -18.30 13.29 -1.88
CA LYS A 179 -19.01 14.45 -2.38
C LYS A 179 -18.87 14.40 -3.93
N PRO A 180 -19.86 14.80 -4.76
CA PRO A 180 -19.69 14.73 -6.24
C PRO A 180 -18.35 15.25 -6.79
N GLU A 181 -17.73 16.20 -6.06
CA GLU A 181 -16.47 16.86 -6.38
C GLU A 181 -15.26 15.98 -6.09
N ASP A 182 -15.46 14.89 -5.31
CA ASP A 182 -14.42 13.92 -4.95
C ASP A 182 -13.85 13.16 -6.15
N ALA A 183 -14.64 13.02 -7.26
CA ALA A 183 -14.20 12.37 -8.51
C ALA A 183 -13.04 13.15 -9.17
N LYS A 184 -12.93 14.48 -8.89
CA LYS A 184 -11.87 15.34 -9.41
C LYS A 184 -10.54 15.15 -8.65
N ASN A 185 -10.59 14.63 -7.41
CA ASN A 185 -9.45 14.36 -6.53
C ASN A 185 -9.12 12.85 -6.58
N PRO A 186 -7.93 12.43 -7.07
CA PRO A 186 -7.60 10.98 -7.11
C PRO A 186 -7.48 10.34 -5.71
N GLN A 187 -6.88 11.09 -4.78
CA GLN A 187 -6.62 10.72 -3.38
C GLN A 187 -7.90 10.51 -2.56
N LYS A 188 -9.04 11.09 -3.04
CA LYS A 188 -10.36 10.93 -2.40
C LYS A 188 -10.95 9.55 -2.70
N ASN A 189 -10.25 8.77 -3.55
CA ASN A 189 -10.51 7.38 -3.96
C ASN A 189 -11.98 7.03 -4.20
N THR A 190 -12.67 7.87 -5.00
CA THR A 190 -14.06 7.70 -5.42
C THR A 190 -14.16 6.41 -6.27
N PRO A 191 -15.28 5.64 -6.24
CA PRO A 191 -15.36 4.41 -7.06
C PRO A 191 -15.11 4.69 -8.55
N LYS A 192 -14.24 3.89 -9.19
CA LYS A 192 -13.91 4.03 -10.60
C LYS A 192 -15.09 3.59 -11.50
N PHE A 193 -15.80 2.51 -11.11
CA PHE A 193 -16.94 2.01 -11.90
C PHE A 193 -17.99 1.23 -11.13
N LEU A 194 -19.14 1.05 -11.78
CA LEU A 194 -20.19 0.17 -11.32
C LEU A 194 -20.26 -0.96 -12.33
N TYR A 195 -20.11 -2.22 -11.85
CA TYR A 195 -20.25 -3.38 -12.70
C TYR A 195 -21.63 -3.89 -12.47
N THR A 196 -22.34 -4.23 -13.57
CA THR A 196 -23.68 -4.73 -13.52
C THR A 196 -23.97 -5.74 -14.61
N VAL A 197 -24.86 -6.68 -14.30
CA VAL A 197 -25.46 -7.62 -15.22
C VAL A 197 -26.96 -7.23 -15.12
N PRO A 198 -27.43 -6.29 -15.97
CA PRO A 198 -28.81 -5.81 -15.83
C PRO A 198 -29.91 -6.76 -16.28
N ASN A 199 -29.58 -7.83 -17.01
CA ASN A 199 -30.63 -8.79 -17.37
C ASN A 199 -30.22 -10.19 -16.93
N GLY A 200 -31.03 -10.80 -16.08
CA GLY A 200 -30.79 -12.14 -15.57
C GLY A 200 -29.41 -12.34 -14.99
N ASN A 201 -29.10 -11.59 -13.93
CA ASN A 201 -27.83 -11.60 -13.19
C ASN A 201 -27.40 -12.98 -12.84
N ASN A 202 -26.12 -13.27 -13.09
CA ASN A 202 -25.52 -14.55 -12.73
C ASN A 202 -25.12 -14.44 -11.23
N PRO A 203 -25.72 -15.19 -10.27
CA PRO A 203 -26.59 -16.37 -10.38
C PRO A 203 -28.09 -16.22 -10.07
N THR A 204 -28.54 -15.03 -9.64
CA THR A 204 -29.92 -14.75 -9.22
C THR A 204 -31.02 -14.84 -10.28
N GLY A 205 -30.74 -14.37 -11.49
CA GLY A 205 -31.69 -14.31 -12.60
C GLY A 205 -32.52 -13.04 -12.64
N ASN A 206 -32.23 -12.09 -11.72
CA ASN A 206 -32.94 -10.84 -11.59
C ASN A 206 -32.51 -9.79 -12.58
N SER A 207 -33.49 -8.98 -13.06
CA SER A 207 -33.32 -7.90 -14.04
C SER A 207 -33.66 -6.56 -13.47
N LEU A 208 -32.92 -5.54 -13.86
CA LEU A 208 -33.22 -4.15 -13.47
C LEU A 208 -34.41 -3.62 -14.23
N THR A 209 -35.14 -2.66 -13.64
CA THR A 209 -36.24 -2.00 -14.32
C THR A 209 -35.68 -0.77 -15.02
N SER A 210 -36.48 -0.10 -15.89
CA SER A 210 -36.10 1.11 -16.64
C SER A 210 -35.83 2.24 -15.67
N GLU A 211 -36.69 2.37 -14.67
CA GLU A 211 -36.68 3.41 -13.62
C GLU A 211 -35.43 3.30 -12.77
N ARG A 212 -35.11 2.06 -12.34
CA ARG A 212 -33.93 1.79 -11.53
C ARG A 212 -32.66 2.16 -12.30
N LYS A 213 -32.60 1.78 -13.60
CA LYS A 213 -31.48 2.06 -14.53
C LYS A 213 -31.23 3.56 -14.67
N LYS A 214 -32.32 4.37 -14.77
CA LYS A 214 -32.25 5.84 -14.87
C LYS A 214 -31.70 6.46 -13.58
N GLU A 215 -32.04 5.88 -12.41
CA GLU A 215 -31.56 6.36 -11.11
C GLU A 215 -30.07 6.01 -10.96
N ILE A 216 -29.67 4.88 -11.54
CA ILE A 216 -28.28 4.40 -11.47
C ILE A 216 -27.41 5.26 -12.39
N TYR A 217 -27.92 5.57 -13.61
CA TYR A 217 -27.20 6.44 -14.56
C TYR A 217 -26.99 7.85 -14.01
N GLU A 218 -28.02 8.42 -13.35
CA GLU A 218 -27.92 9.78 -12.76
C GLU A 218 -26.90 9.82 -11.61
N LEU A 219 -26.76 8.70 -10.87
CA LEU A 219 -25.78 8.55 -9.79
C LEU A 219 -24.37 8.39 -10.36
N ALA A 220 -24.26 7.72 -11.54
CA ALA A 220 -22.99 7.51 -12.25
C ALA A 220 -22.51 8.84 -12.78
N ARG A 221 -23.44 9.70 -13.25
CA ARG A 221 -23.18 11.07 -13.71
C ARG A 221 -22.75 11.96 -12.53
N LYS A 222 -23.38 11.80 -11.36
CA LYS A 222 -23.12 12.61 -10.14
C LYS A 222 -21.77 12.35 -9.50
N TYR A 223 -21.38 11.09 -9.37
CA TYR A 223 -20.12 10.74 -8.73
C TYR A 223 -19.04 10.41 -9.74
N ASP A 224 -19.35 10.67 -11.03
CA ASP A 224 -18.49 10.51 -12.21
C ASP A 224 -17.75 9.15 -12.30
N PHE A 225 -18.51 8.04 -12.22
CA PHE A 225 -17.96 6.71 -12.42
C PHE A 225 -18.50 6.15 -13.73
N LEU A 226 -17.87 5.08 -14.21
CA LEU A 226 -18.26 4.37 -15.41
C LEU A 226 -19.25 3.24 -15.05
N ILE A 227 -20.02 2.79 -16.05
CA ILE A 227 -20.94 1.67 -15.87
C ILE A 227 -20.48 0.58 -16.80
N ILE A 228 -20.01 -0.56 -16.25
CA ILE A 228 -19.62 -1.69 -17.05
C ILE A 228 -20.86 -2.60 -17.06
N GLU A 229 -21.59 -2.50 -18.18
CA GLU A 229 -22.85 -3.20 -18.41
C GLU A 229 -22.54 -4.49 -19.09
N ASP A 230 -22.45 -5.56 -18.32
CA ASP A 230 -22.18 -6.89 -18.86
C ASP A 230 -23.57 -7.50 -19.08
N ASP A 231 -24.03 -7.48 -20.35
CA ASP A 231 -25.38 -7.91 -20.73
C ASP A 231 -25.39 -9.15 -21.62
N PRO A 232 -24.99 -10.33 -21.11
CA PRO A 232 -25.00 -11.50 -21.97
C PRO A 232 -26.39 -12.10 -22.20
N TYR A 233 -27.39 -11.69 -21.35
CA TYR A 233 -28.77 -12.18 -21.36
C TYR A 233 -29.79 -11.20 -21.91
N TYR A 234 -29.30 -10.11 -22.55
CA TYR A 234 -30.11 -9.12 -23.23
C TYR A 234 -31.02 -9.80 -24.27
N PHE A 235 -30.51 -10.79 -24.97
CA PHE A 235 -31.28 -11.55 -25.95
C PHE A 235 -31.97 -12.83 -25.36
N LEU A 236 -31.94 -13.02 -24.02
CA LEU A 236 -32.52 -14.20 -23.33
C LEU A 236 -33.53 -13.79 -22.26
N GLN A 237 -34.26 -12.69 -22.47
CA GLN A 237 -35.25 -12.21 -21.52
C GLN A 237 -36.59 -12.91 -21.74
N PHE A 238 -37.24 -13.31 -20.65
CA PHE A 238 -38.53 -14.00 -20.71
C PHE A 238 -39.64 -13.04 -20.38
N ASN A 239 -40.75 -13.16 -21.10
CA ASN A 239 -42.01 -12.39 -20.93
C ASN A 239 -41.77 -10.95 -20.44
N SER A 240 -40.92 -10.22 -21.18
CA SER A 240 -40.54 -8.84 -20.84
C SER A 240 -40.51 -7.88 -22.00
N GLY A 241 -39.83 -8.24 -23.09
CA GLY A 241 -39.78 -7.34 -24.24
C GLY A 241 -38.69 -6.27 -24.30
N ARG A 242 -37.58 -6.46 -23.57
CA ARG A 242 -36.39 -5.62 -23.57
C ARG A 242 -36.51 -4.15 -23.11
N VAL A 243 -36.06 -3.93 -21.87
CA VAL A 243 -35.95 -2.66 -21.15
C VAL A 243 -34.74 -1.90 -21.77
N PRO A 244 -34.79 -0.54 -21.90
CA PRO A 244 -33.63 0.17 -22.49
C PRO A 244 -32.34 -0.07 -21.70
N THR A 245 -31.22 -0.18 -22.41
CA THR A 245 -29.92 -0.46 -21.79
C THR A 245 -29.28 0.79 -21.22
N PHE A 246 -28.14 0.65 -20.51
CA PHE A 246 -27.40 1.82 -20.00
C PHE A 246 -26.73 2.54 -21.15
N LEU A 247 -26.45 1.80 -22.26
CA LEU A 247 -25.83 2.33 -23.48
C LEU A 247 -26.83 3.24 -24.23
N SER A 248 -28.13 2.85 -24.24
CA SER A 248 -29.20 3.61 -24.88
C SER A 248 -29.36 5.01 -24.29
N MET A 249 -29.03 5.15 -22.99
CA MET A 249 -29.10 6.39 -22.23
C MET A 249 -27.74 7.08 -22.01
N ASP A 250 -26.68 6.53 -22.61
CA ASP A 250 -25.32 7.05 -22.43
C ASP A 250 -25.01 8.39 -23.10
N VAL A 251 -25.56 9.46 -22.56
CA VAL A 251 -25.36 10.83 -23.05
C VAL A 251 -23.93 11.29 -22.71
N ASP A 252 -23.33 10.77 -21.61
CA ASP A 252 -21.99 11.13 -21.15
C ASP A 252 -20.83 10.37 -21.73
N GLY A 253 -21.11 9.23 -22.38
CA GLY A 253 -20.08 8.36 -22.90
C GLY A 253 -19.32 7.68 -21.77
N ARG A 254 -20.04 7.18 -20.75
CA ARG A 254 -19.51 6.56 -19.54
C ARG A 254 -19.88 5.09 -19.36
N VAL A 255 -20.50 4.48 -20.39
CA VAL A 255 -20.93 3.10 -20.40
C VAL A 255 -20.04 2.29 -21.33
N ILE A 256 -19.51 1.17 -20.77
CA ILE A 256 -18.77 0.15 -21.48
C ILE A 256 -19.72 -1.04 -21.39
N ARG A 257 -20.17 -1.51 -22.56
CA ARG A 257 -21.10 -2.62 -22.67
C ARG A 257 -20.42 -3.83 -23.30
N ALA A 258 -20.57 -5.01 -22.63
CA ALA A 258 -20.11 -6.30 -23.09
C ALA A 258 -21.30 -7.12 -23.61
N ASP A 259 -21.24 -7.58 -24.87
CA ASP A 259 -22.29 -8.43 -25.46
C ASP A 259 -21.64 -9.73 -25.75
N SER A 260 -22.43 -10.81 -25.65
CA SER A 260 -21.94 -12.18 -25.83
C SER A 260 -22.83 -12.95 -26.84
N PHE A 261 -22.19 -13.75 -27.69
CA PHE A 261 -22.89 -14.62 -28.62
C PHE A 261 -22.85 -16.06 -28.12
N SER A 262 -22.34 -16.25 -26.88
CA SER A 262 -22.17 -17.57 -26.25
C SER A 262 -23.40 -18.43 -26.04
N LYS A 263 -24.54 -17.81 -25.86
CA LYS A 263 -25.78 -18.53 -25.63
C LYS A 263 -26.67 -18.58 -26.86
N ILE A 264 -26.46 -17.62 -27.82
CA ILE A 264 -27.25 -17.51 -29.04
C ILE A 264 -26.58 -18.08 -30.31
N ILE A 265 -25.25 -17.89 -30.48
CA ILE A 265 -24.52 -18.35 -31.68
C ILE A 265 -23.53 -19.46 -31.41
N SER A 266 -22.59 -19.27 -30.43
CA SER A 266 -21.58 -20.26 -30.06
C SER A 266 -20.67 -19.78 -28.94
N SER A 267 -20.57 -20.64 -27.91
CA SER A 267 -19.71 -20.46 -26.73
C SER A 267 -18.26 -20.80 -27.06
N GLY A 268 -18.05 -21.86 -27.84
CA GLY A 268 -16.73 -22.36 -28.23
C GLY A 268 -15.99 -21.60 -29.31
N LEU A 269 -16.71 -20.84 -30.17
CA LEU A 269 -16.09 -20.03 -31.19
C LEU A 269 -15.38 -18.84 -30.55
N ARG A 270 -15.69 -18.46 -29.29
CA ARG A 270 -14.99 -17.37 -28.56
C ARG A 270 -15.10 -16.01 -29.25
N ILE A 271 -16.33 -15.62 -29.57
CA ILE A 271 -16.63 -14.38 -30.27
C ILE A 271 -17.68 -13.58 -29.49
N GLY A 272 -17.25 -12.44 -29.00
CA GLY A 272 -18.09 -11.48 -28.31
C GLY A 272 -17.72 -10.09 -28.81
N PHE A 273 -18.35 -9.05 -28.25
CA PHE A 273 -18.02 -7.69 -28.69
C PHE A 273 -18.18 -6.73 -27.58
N LEU A 274 -17.35 -5.71 -27.59
CA LEU A 274 -17.32 -4.68 -26.57
C LEU A 274 -17.64 -3.32 -27.21
N THR A 275 -18.68 -2.62 -26.68
CA THR A 275 -19.10 -1.29 -27.17
C THR A 275 -18.83 -0.31 -26.02
N GLY A 276 -18.27 0.85 -26.34
CA GLY A 276 -17.94 1.86 -25.34
C GLY A 276 -17.34 3.11 -25.90
N PRO A 277 -16.80 4.00 -25.04
CA PRO A 277 -16.20 5.24 -25.56
C PRO A 277 -14.88 4.98 -26.25
N LYS A 278 -14.69 5.54 -27.46
CA LYS A 278 -13.47 5.38 -28.28
C LYS A 278 -12.16 5.45 -27.51
N PRO A 279 -11.87 6.41 -26.59
CA PRO A 279 -10.57 6.37 -25.88
C PRO A 279 -10.33 5.11 -25.05
N LEU A 280 -11.41 4.57 -24.45
CA LEU A 280 -11.36 3.35 -23.65
C LEU A 280 -11.34 2.09 -24.53
N ILE A 281 -12.14 2.04 -25.62
CA ILE A 281 -12.12 0.88 -26.56
C ILE A 281 -10.71 0.75 -27.17
N GLU A 282 -10.07 1.89 -27.47
CA GLU A 282 -8.72 2.00 -28.02
C GLU A 282 -7.66 1.34 -27.10
N ARG A 283 -7.73 1.58 -25.79
CA ARG A 283 -6.81 1.01 -24.80
C ARG A 283 -6.98 -0.53 -24.70
N VAL A 284 -8.20 -1.00 -24.92
CA VAL A 284 -8.55 -2.42 -24.90
C VAL A 284 -7.97 -3.11 -26.15
N ILE A 285 -8.15 -2.50 -27.34
CA ILE A 285 -7.62 -2.97 -28.61
C ILE A 285 -6.09 -3.14 -28.54
N LEU A 286 -5.38 -2.15 -27.94
CA LEU A 286 -3.92 -2.14 -27.73
C LEU A 286 -3.42 -3.25 -26.79
N HIS A 287 -4.27 -3.72 -25.87
CA HIS A 287 -3.93 -4.84 -24.98
C HIS A 287 -4.19 -6.14 -25.76
N ILE A 288 -5.31 -6.22 -26.50
CA ILE A 288 -5.58 -7.37 -27.37
C ILE A 288 -4.43 -7.57 -28.37
N GLN A 289 -4.01 -6.47 -29.05
CA GLN A 289 -2.92 -6.48 -30.02
C GLN A 289 -1.63 -7.18 -29.52
N VAL A 290 -1.30 -7.04 -28.21
CA VAL A 290 -0.10 -7.64 -27.61
C VAL A 290 -0.32 -9.00 -26.97
N SER A 291 -1.59 -9.44 -26.85
CA SER A 291 -1.93 -10.76 -26.26
C SER A 291 -2.41 -11.77 -27.33
N THR A 292 -3.65 -11.70 -27.78
CA THR A 292 -4.16 -12.63 -28.80
C THR A 292 -3.93 -12.19 -30.27
N LEU A 293 -3.36 -10.98 -30.48
CA LEU A 293 -3.19 -10.26 -31.77
C LEU A 293 -4.57 -9.79 -32.28
N HIS A 294 -5.48 -10.75 -32.51
CA HIS A 294 -6.84 -10.54 -33.00
C HIS A 294 -7.73 -11.76 -32.71
N PRO A 295 -9.06 -11.73 -32.75
CA PRO A 295 -9.80 -12.99 -32.58
C PRO A 295 -9.73 -13.77 -33.91
N SER A 296 -9.89 -15.10 -33.87
CA SER A 296 -9.85 -15.99 -35.02
C SER A 296 -10.54 -15.35 -36.22
N THR A 297 -9.84 -15.19 -37.33
CA THR A 297 -10.39 -14.62 -38.56
C THR A 297 -11.47 -15.54 -39.10
N PHE A 298 -11.24 -16.86 -38.97
CA PHE A 298 -12.09 -17.95 -39.44
C PHE A 298 -13.46 -17.91 -38.75
N ASN A 299 -13.49 -17.80 -37.42
CA ASN A 299 -14.70 -17.79 -36.60
C ASN A 299 -15.49 -16.57 -36.84
N GLN A 300 -14.80 -15.41 -37.03
CA GLN A 300 -15.38 -14.12 -37.35
C GLN A 300 -16.05 -14.22 -38.74
N LEU A 301 -15.39 -14.86 -39.70
CA LEU A 301 -15.92 -15.01 -41.05
C LEU A 301 -17.18 -15.90 -41.06
N MET A 302 -17.17 -16.94 -40.21
CA MET A 302 -18.33 -17.83 -40.01
C MET A 302 -19.52 -17.04 -39.50
N ILE A 303 -19.32 -16.25 -38.45
CA ILE A 303 -20.36 -15.46 -37.82
C ILE A 303 -20.87 -14.35 -38.75
N SER A 304 -19.95 -13.59 -39.35
CA SER A 304 -20.26 -12.51 -40.26
C SER A 304 -21.06 -12.97 -41.49
N GLN A 305 -20.71 -14.12 -42.12
CA GLN A 305 -21.45 -14.63 -43.27
C GLN A 305 -22.88 -15.03 -42.91
N LEU A 306 -23.06 -15.58 -41.73
CA LEU A 306 -24.37 -15.98 -41.16
C LEU A 306 -25.22 -14.76 -40.88
N LEU A 307 -24.66 -13.83 -40.12
CA LEU A 307 -25.30 -12.61 -39.71
C LEU A 307 -25.73 -11.76 -40.92
N HIS A 308 -24.84 -11.58 -41.93
CA HIS A 308 -25.19 -10.80 -43.13
C HIS A 308 -26.29 -11.45 -43.97
N GLU A 309 -26.34 -12.80 -44.04
CA GLU A 309 -27.39 -13.49 -44.82
C GLU A 309 -28.73 -13.48 -44.05
N TRP A 310 -28.67 -13.53 -42.72
CA TRP A 310 -29.84 -13.47 -41.84
C TRP A 310 -30.45 -12.11 -41.82
N GLY A 311 -29.60 -11.08 -41.72
CA GLY A 311 -30.02 -9.69 -41.56
C GLY A 311 -30.36 -9.46 -40.11
N GLU A 312 -30.88 -8.29 -39.78
CA GLU A 312 -31.24 -7.94 -38.40
C GLU A 312 -32.63 -8.53 -38.04
N GLU A 313 -33.32 -9.07 -39.06
CA GLU A 313 -34.65 -9.70 -39.02
C GLU A 313 -34.53 -11.20 -38.74
N GLY A 314 -33.66 -11.91 -39.46
CA GLY A 314 -33.40 -13.34 -39.31
C GLY A 314 -32.66 -13.68 -38.03
N PHE A 315 -31.77 -12.74 -37.61
CA PHE A 315 -31.02 -12.77 -36.35
C PHE A 315 -32.03 -12.76 -35.20
N MET A 316 -33.02 -11.88 -35.30
CA MET A 316 -34.14 -11.70 -34.38
C MET A 316 -35.06 -12.92 -34.33
N ALA A 317 -35.41 -13.49 -35.50
CA ALA A 317 -36.21 -14.72 -35.58
C ALA A 317 -35.50 -15.90 -34.86
N HIS A 318 -34.15 -15.89 -34.87
CA HIS A 318 -33.32 -16.87 -34.22
C HIS A 318 -33.34 -16.62 -32.71
N VAL A 319 -32.99 -15.39 -32.24
CA VAL A 319 -33.02 -15.10 -30.78
C VAL A 319 -34.39 -15.45 -30.14
N ASP A 320 -35.50 -15.25 -30.87
CA ASP A 320 -36.83 -15.62 -30.37
C ASP A 320 -37.01 -17.15 -30.29
N ARG A 321 -36.34 -17.91 -31.20
CA ARG A 321 -36.35 -19.39 -31.19
C ARG A 321 -35.54 -19.91 -30.00
N VAL A 322 -34.44 -19.21 -29.67
CA VAL A 322 -33.56 -19.49 -28.53
C VAL A 322 -34.32 -19.21 -27.20
N ILE A 323 -34.95 -18.02 -27.05
CA ILE A 323 -35.75 -17.66 -25.88
C ILE A 323 -36.84 -18.73 -25.63
N ASP A 324 -37.48 -19.20 -26.72
CA ASP A 324 -38.53 -20.21 -26.73
C ASP A 324 -38.08 -21.47 -26.03
N PHE A 325 -36.89 -22.01 -26.45
CA PHE A 325 -36.26 -23.18 -25.88
C PHE A 325 -35.97 -22.93 -24.39
N TYR A 326 -35.26 -21.83 -24.04
CA TYR A 326 -34.94 -21.52 -22.64
C TYR A 326 -36.12 -21.21 -21.76
N SER A 327 -37.23 -20.75 -22.37
CA SER A 327 -38.48 -20.46 -21.66
C SER A 327 -39.04 -21.75 -21.08
N ASN A 328 -39.21 -22.76 -21.94
CA ASN A 328 -39.67 -24.11 -21.67
C ASN A 328 -38.77 -24.81 -20.64
N GLN A 329 -37.45 -24.63 -20.75
CA GLN A 329 -36.46 -25.19 -19.83
C GLN A 329 -36.67 -24.63 -18.42
N LYS A 330 -36.95 -23.32 -18.33
CA LYS A 330 -37.24 -22.56 -17.12
C LYS A 330 -38.56 -23.05 -16.51
N ASP A 331 -39.58 -23.37 -17.36
CA ASP A 331 -40.88 -23.87 -16.85
C ASP A 331 -40.67 -25.26 -16.28
N ALA A 332 -39.77 -26.06 -16.90
CA ALA A 332 -39.45 -27.43 -16.48
C ALA A 332 -38.68 -27.49 -15.13
N ILE A 333 -37.67 -26.60 -14.91
CA ILE A 333 -36.94 -26.56 -13.64
C ILE A 333 -37.84 -26.07 -12.51
N LEU A 334 -38.71 -25.11 -12.80
CA LEU A 334 -39.74 -24.47 -11.97
C LEU A 334 -40.80 -25.51 -11.54
N ALA A 335 -41.26 -26.38 -12.50
CA ALA A 335 -42.18 -27.49 -12.28
C ALA A 335 -41.60 -28.53 -11.31
N ALA A 336 -40.31 -28.88 -11.50
CA ALA A 336 -39.51 -29.81 -10.73
C ALA A 336 -39.30 -29.29 -9.31
N ALA A 337 -38.93 -28.01 -9.16
CA ALA A 337 -38.72 -27.37 -7.88
C ALA A 337 -40.05 -27.17 -7.13
N ASP A 338 -41.17 -26.99 -7.85
CA ASP A 338 -42.51 -26.88 -7.23
C ASP A 338 -42.91 -28.22 -6.58
N LYS A 339 -42.65 -29.31 -7.31
CA LYS A 339 -42.90 -30.70 -6.98
C LYS A 339 -42.08 -31.17 -5.79
N TRP A 340 -40.76 -30.87 -5.74
CA TRP A 340 -39.90 -31.39 -4.67
C TRP A 340 -39.41 -30.40 -3.63
N LEU A 341 -39.22 -29.16 -4.00
CA LEU A 341 -38.56 -28.19 -3.10
C LEU A 341 -39.43 -27.27 -2.29
N THR A 342 -40.73 -27.11 -2.63
CA THR A 342 -41.66 -26.25 -1.87
C THR A 342 -41.73 -26.69 -0.41
N GLY A 343 -41.51 -25.74 0.49
CA GLY A 343 -41.48 -25.99 1.94
C GLY A 343 -40.09 -26.31 2.46
N LEU A 344 -39.18 -26.76 1.56
CA LEU A 344 -37.77 -27.09 1.86
C LEU A 344 -36.85 -25.97 1.43
N ALA A 345 -37.26 -25.23 0.38
CA ALA A 345 -36.48 -24.15 -0.22
C ALA A 345 -37.32 -22.96 -0.71
N GLU A 346 -36.64 -21.86 -1.01
CA GLU A 346 -37.21 -20.61 -1.56
C GLU A 346 -36.41 -20.22 -2.80
N TRP A 347 -37.09 -19.66 -3.77
CA TRP A 347 -36.51 -19.18 -5.03
C TRP A 347 -37.43 -18.16 -5.67
N HIS A 348 -36.86 -17.26 -6.46
CA HIS A 348 -37.59 -16.27 -7.25
C HIS A 348 -37.53 -16.82 -8.66
N VAL A 349 -38.52 -16.48 -9.47
CA VAL A 349 -38.55 -16.90 -10.85
C VAL A 349 -37.54 -16.04 -11.64
N PRO A 350 -36.56 -16.63 -12.39
CA PRO A 350 -35.62 -15.81 -13.16
C PRO A 350 -36.33 -14.97 -14.24
N ALA A 351 -35.81 -13.77 -14.48
CA ALA A 351 -36.34 -12.83 -15.47
C ALA A 351 -35.66 -13.06 -16.82
N ALA A 352 -34.39 -13.43 -16.78
CA ALA A 352 -33.55 -13.75 -17.95
C ALA A 352 -32.49 -14.77 -17.52
N GLY A 353 -31.77 -15.34 -18.48
CA GLY A 353 -30.68 -16.24 -18.20
C GLY A 353 -31.03 -17.70 -18.15
N MET A 354 -30.10 -18.51 -17.60
CA MET A 354 -30.27 -19.97 -17.54
C MET A 354 -30.07 -20.59 -16.16
N PHE A 355 -30.25 -19.82 -15.09
CA PHE A 355 -30.04 -20.30 -13.75
C PHE A 355 -31.19 -19.97 -12.82
N LEU A 356 -31.45 -20.89 -11.88
CA LEU A 356 -32.37 -20.74 -10.78
C LEU A 356 -31.52 -20.66 -9.49
N TRP A 357 -31.69 -19.60 -8.70
CA TRP A 357 -30.99 -19.37 -7.45
C TRP A 357 -31.95 -19.85 -6.33
N ILE A 358 -31.58 -20.95 -5.67
CA ILE A 358 -32.41 -21.60 -4.64
C ILE A 358 -31.85 -21.38 -3.22
N LYS A 359 -32.70 -20.91 -2.27
CA LYS A 359 -32.30 -20.71 -0.88
C LYS A 359 -32.86 -21.87 -0.04
N VAL A 360 -31.98 -22.62 0.61
CA VAL A 360 -32.35 -23.77 1.45
C VAL A 360 -32.84 -23.26 2.81
N LYS A 361 -34.07 -23.66 3.19
CA LYS A 361 -34.81 -23.22 4.36
C LYS A 361 -34.16 -23.24 5.76
N GLY A 362 -33.63 -24.36 6.20
CA GLY A 362 -33.07 -24.41 7.54
C GLY A 362 -31.59 -24.71 7.67
N ILE A 363 -30.84 -24.55 6.57
CA ILE A 363 -29.40 -24.79 6.54
C ILE A 363 -28.66 -23.47 6.35
N ASN A 364 -27.61 -23.20 7.18
CA ASN A 364 -26.77 -22.00 7.13
C ASN A 364 -25.74 -22.07 6.01
N ASP A 365 -25.15 -23.27 5.80
CA ASP A 365 -24.13 -23.54 4.79
C ASP A 365 -24.46 -24.84 4.06
N VAL A 366 -24.73 -24.72 2.77
CA VAL A 366 -25.08 -25.84 1.90
C VAL A 366 -23.82 -26.40 1.20
N LYS A 367 -22.65 -25.90 1.62
CA LYS A 367 -21.35 -26.30 1.07
C LYS A 367 -21.10 -27.81 1.16
N GLU A 368 -21.28 -28.41 2.35
CA GLU A 368 -21.08 -29.87 2.46
C GLU A 368 -22.19 -30.71 1.80
N LEU A 369 -23.47 -30.25 1.88
CA LEU A 369 -24.63 -30.91 1.25
C LEU A 369 -24.48 -31.05 -0.27
N ILE A 370 -23.96 -30.02 -0.94
CA ILE A 370 -23.77 -29.93 -2.39
C ILE A 370 -22.42 -30.48 -2.89
N GLU A 371 -21.32 -30.23 -2.16
CA GLU A 371 -19.96 -30.65 -2.56
C GLU A 371 -19.58 -32.05 -2.16
N GLU A 372 -20.13 -32.52 -1.04
CA GLU A 372 -19.82 -33.86 -0.54
C GLU A 372 -20.98 -34.79 -0.84
N LYS A 373 -22.12 -34.59 -0.16
CA LYS A 373 -23.32 -35.42 -0.21
C LYS A 373 -24.02 -35.55 -1.54
N ALA A 374 -24.22 -34.43 -2.27
CA ALA A 374 -24.91 -34.43 -3.56
C ALA A 374 -24.06 -35.07 -4.64
N VAL A 375 -22.74 -34.80 -4.60
CA VAL A 375 -21.73 -35.33 -5.52
C VAL A 375 -21.69 -36.88 -5.41
N LYS A 376 -21.62 -37.42 -4.19
CA LYS A 376 -21.61 -38.85 -3.85
C LYS A 376 -22.89 -39.59 -4.33
N MET A 377 -23.98 -38.81 -4.61
CA MET A 377 -25.31 -39.27 -5.06
C MET A 377 -25.48 -39.11 -6.57
N GLY A 378 -24.52 -38.42 -7.19
CA GLY A 378 -24.45 -38.21 -8.63
C GLY A 378 -25.20 -37.03 -9.17
N VAL A 379 -25.49 -36.04 -8.30
CA VAL A 379 -26.19 -34.81 -8.65
C VAL A 379 -25.30 -33.57 -8.44
N LEU A 380 -25.00 -32.87 -9.53
CA LEU A 380 -24.13 -31.70 -9.48
C LEU A 380 -24.89 -30.39 -9.56
N MET A 381 -24.57 -29.46 -8.64
CA MET A 381 -25.12 -28.11 -8.55
C MET A 381 -24.01 -27.23 -7.99
N LEU A 382 -24.22 -25.91 -7.99
CA LEU A 382 -23.17 -25.05 -7.46
C LEU A 382 -23.49 -24.44 -6.13
N PRO A 383 -22.56 -24.55 -5.14
CA PRO A 383 -22.79 -23.88 -3.85
C PRO A 383 -22.74 -22.36 -4.02
N GLY A 384 -23.54 -21.65 -3.23
CA GLY A 384 -23.65 -20.20 -3.25
C GLY A 384 -22.37 -19.44 -2.99
N ASN A 385 -21.43 -20.07 -2.24
CA ASN A 385 -20.11 -19.55 -1.83
C ASN A 385 -19.29 -19.01 -3.02
N ALA A 386 -19.45 -19.63 -4.19
CA ALA A 386 -18.73 -19.35 -5.44
C ALA A 386 -19.05 -17.98 -6.06
N PHE A 387 -20.14 -17.36 -5.64
CA PHE A 387 -20.63 -16.13 -6.22
C PHE A 387 -20.47 -14.90 -5.31
N TYR A 388 -19.64 -15.02 -4.27
CA TYR A 388 -19.38 -13.94 -3.32
C TYR A 388 -17.90 -13.61 -3.27
N VAL A 389 -17.58 -12.36 -2.88
CA VAL A 389 -16.18 -11.91 -2.73
C VAL A 389 -15.53 -12.77 -1.63
N ASP A 390 -16.24 -12.93 -0.50
CA ASP A 390 -15.79 -13.80 0.60
C ASP A 390 -16.47 -15.16 0.47
N SER A 391 -15.76 -16.09 -0.17
CA SER A 391 -16.15 -17.48 -0.45
C SER A 391 -16.09 -18.35 0.81
N SER A 392 -15.35 -17.89 1.83
CA SER A 392 -15.21 -18.59 3.12
C SER A 392 -16.47 -18.40 3.96
N ALA A 393 -17.25 -17.35 3.66
CA ALA A 393 -18.50 -17.04 4.34
C ALA A 393 -19.56 -18.11 4.01
N PRO A 394 -20.37 -18.57 4.99
CA PRO A 394 -21.38 -19.61 4.69
C PRO A 394 -22.52 -19.05 3.85
N SER A 395 -23.04 -19.89 2.95
CA SER A 395 -24.14 -19.52 2.10
C SER A 395 -25.23 -20.57 2.13
N PRO A 396 -26.50 -20.18 2.35
CA PRO A 396 -27.60 -21.16 2.29
C PRO A 396 -28.13 -21.37 0.85
N TYR A 397 -27.45 -20.77 -0.14
CA TYR A 397 -27.88 -20.80 -1.55
C TYR A 397 -27.13 -21.78 -2.41
N LEU A 398 -27.78 -22.17 -3.51
CA LEU A 398 -27.21 -23.00 -4.55
C LEU A 398 -27.65 -22.48 -5.93
N ARG A 399 -26.84 -22.71 -6.95
CA ARG A 399 -27.24 -22.34 -8.31
C ARG A 399 -27.54 -23.64 -9.10
N ALA A 400 -28.70 -23.70 -9.75
CA ALA A 400 -29.14 -24.82 -10.58
C ALA A 400 -29.29 -24.31 -12.00
N SER A 401 -28.59 -24.91 -12.94
CA SER A 401 -28.66 -24.53 -14.32
C SER A 401 -29.79 -25.28 -15.04
N PHE A 402 -30.57 -24.57 -15.91
CA PHE A 402 -31.64 -25.21 -16.67
C PHE A 402 -31.38 -25.29 -18.19
N SER A 403 -30.18 -24.95 -18.64
CA SER A 403 -29.77 -24.97 -20.05
C SER A 403 -29.85 -26.29 -20.81
N SER A 404 -29.30 -27.36 -20.22
CA SER A 404 -29.17 -28.67 -20.88
C SER A 404 -30.01 -29.79 -20.31
N ALA A 405 -30.22 -29.80 -18.97
CA ALA A 405 -30.97 -30.89 -18.31
C ALA A 405 -32.35 -31.09 -18.86
N SER A 406 -32.75 -32.35 -18.99
CA SER A 406 -34.07 -32.69 -19.46
C SER A 406 -35.03 -32.63 -18.28
N PRO A 407 -36.35 -32.45 -18.51
CA PRO A 407 -37.31 -32.46 -17.39
C PRO A 407 -37.11 -33.63 -16.43
N GLU A 408 -36.96 -34.85 -16.96
CA GLU A 408 -36.78 -36.09 -16.18
C GLU A 408 -35.49 -36.11 -15.36
N GLN A 409 -34.45 -35.39 -15.82
CA GLN A 409 -33.19 -35.27 -15.10
C GLN A 409 -33.37 -34.33 -13.90
N MET A 410 -34.13 -33.22 -14.09
CA MET A 410 -34.44 -32.19 -13.08
C MET A 410 -35.22 -32.80 -11.91
N ASP A 411 -36.19 -33.66 -12.24
CA ASP A 411 -37.06 -34.41 -11.34
C ASP A 411 -36.23 -35.28 -10.41
N VAL A 412 -35.28 -36.02 -10.97
CA VAL A 412 -34.37 -36.90 -10.25
C VAL A 412 -33.40 -36.08 -9.38
N ALA A 413 -32.85 -34.99 -9.94
CA ALA A 413 -31.92 -34.07 -9.27
C ALA A 413 -32.58 -33.47 -8.02
N PHE A 414 -33.80 -32.85 -8.19
CA PHE A 414 -34.55 -32.20 -7.14
C PHE A 414 -35.07 -33.15 -6.10
N GLN A 415 -35.33 -34.42 -6.46
CA GLN A 415 -35.70 -35.46 -5.47
C GLN A 415 -34.50 -35.82 -4.60
N VAL A 416 -33.30 -35.95 -5.21
CA VAL A 416 -32.06 -36.26 -4.48
C VAL A 416 -31.79 -35.12 -3.51
N LEU A 417 -31.85 -33.88 -4.03
CA LEU A 417 -31.63 -32.63 -3.29
C LEU A 417 -32.53 -32.55 -2.06
N ALA A 418 -33.85 -32.79 -2.19
CA ALA A 418 -34.85 -32.73 -1.13
C ALA A 418 -34.54 -33.78 -0.04
N GLN A 419 -34.17 -35.01 -0.46
CA GLN A 419 -33.83 -36.10 0.43
C GLN A 419 -32.56 -35.73 1.20
N LEU A 420 -31.59 -35.09 0.51
CA LEU A 420 -30.34 -34.64 1.14
C LEU A 420 -30.59 -33.49 2.12
N ILE A 421 -31.66 -32.65 1.86
CA ILE A 421 -32.03 -31.50 2.68
C ILE A 421 -32.63 -32.02 3.89
N LYS A 422 -33.61 -32.95 3.75
CA LYS A 422 -34.29 -33.67 4.88
C LYS A 422 -33.29 -34.34 5.81
N GLU A 423 -32.27 -35.03 5.25
CA GLU A 423 -31.25 -35.75 6.04
C GLU A 423 -30.36 -34.82 6.85
N SER A 424 -30.13 -33.59 6.32
CA SER A 424 -29.33 -32.51 6.92
C SER A 424 -30.10 -31.77 8.01
N LEU A 425 -31.43 -31.74 7.94
CA LEU A 425 -32.23 -31.09 8.99
C LEU A 425 -32.32 -31.97 10.24
N LEU A 426 -32.07 -33.29 10.08
CA LEU A 426 -32.10 -34.29 11.16
C LEU A 426 -30.81 -34.39 12.00
N VAL A 427 -29.80 -33.55 11.69
CA VAL A 427 -28.54 -33.50 12.43
C VAL A 427 -28.53 -32.38 13.52
N PRO A 428 -28.75 -32.72 14.82
CA PRO A 428 -28.82 -31.67 15.84
C PRO A 428 -27.47 -31.42 16.53
N MET B 1 14.13 -26.03 -7.39
CA MET B 1 13.94 -24.62 -7.79
C MET B 1 12.70 -23.99 -7.12
N ASN B 2 12.79 -22.65 -6.91
CA ASN B 2 11.73 -21.84 -6.31
C ASN B 2 11.18 -20.87 -7.36
N TYR B 3 9.96 -21.15 -7.82
CA TYR B 3 9.28 -20.37 -8.83
C TYR B 3 8.63 -19.11 -8.30
N ALA B 4 8.43 -19.03 -6.96
CA ALA B 4 7.82 -17.89 -6.26
C ALA B 4 8.46 -16.53 -6.54
N ARG B 5 9.81 -16.49 -6.76
CA ARG B 5 10.47 -15.23 -7.13
C ARG B 5 10.18 -14.80 -8.58
N PHE B 6 9.73 -15.76 -9.43
CA PHE B 6 9.39 -15.54 -10.83
C PHE B 6 7.89 -15.21 -11.07
N ILE B 7 7.09 -15.10 -9.98
CA ILE B 7 5.65 -14.79 -10.13
C ILE B 7 5.21 -13.58 -9.29
N THR B 8 4.44 -12.67 -9.90
CA THR B 8 3.96 -11.46 -9.24
C THR B 8 2.96 -11.82 -8.09
N ALA B 9 2.62 -10.81 -7.24
CA ALA B 9 1.65 -10.96 -6.16
C ALA B 9 0.27 -11.19 -6.80
N ALA B 10 -0.02 -10.47 -7.90
CA ALA B 10 -1.24 -10.57 -8.69
C ALA B 10 -1.38 -11.99 -9.29
N SER B 11 -0.32 -12.52 -9.92
CA SER B 11 -0.35 -13.87 -10.52
C SER B 11 -0.49 -14.99 -9.48
N ALA B 12 0.18 -14.83 -8.31
CA ALA B 12 0.14 -15.79 -7.21
C ALA B 12 -1.26 -15.88 -6.59
N ALA B 13 -2.00 -14.75 -6.59
CA ALA B 13 -3.35 -14.60 -6.02
C ALA B 13 -4.46 -15.27 -6.87
N ARG B 14 -4.14 -15.63 -8.15
CA ARG B 14 -5.07 -16.25 -9.08
C ARG B 14 -5.54 -17.58 -8.59
N ASN B 15 -6.86 -17.76 -8.64
CA ASN B 15 -7.51 -18.99 -8.17
C ASN B 15 -8.20 -19.73 -9.31
N PRO B 16 -8.24 -21.09 -9.23
CA PRO B 16 -8.97 -21.83 -10.27
C PRO B 16 -10.46 -21.55 -10.13
N SER B 17 -11.20 -21.55 -11.24
CA SER B 17 -12.64 -21.29 -11.25
C SER B 17 -13.35 -22.29 -10.34
N PRO B 18 -14.09 -21.91 -9.27
CA PRO B 18 -14.78 -22.93 -8.43
C PRO B 18 -15.90 -23.68 -9.17
N ILE B 19 -16.32 -23.16 -10.32
CA ILE B 19 -17.30 -23.68 -11.26
C ILE B 19 -16.71 -24.84 -12.05
N ARG B 20 -15.48 -24.70 -12.62
CA ARG B 20 -14.82 -25.74 -13.41
C ARG B 20 -14.50 -26.96 -12.58
N THR B 21 -14.10 -26.74 -11.32
CA THR B 21 -13.80 -27.76 -10.32
C THR B 21 -14.97 -28.73 -10.16
N MET B 22 -16.23 -28.22 -9.99
CA MET B 22 -17.47 -29.01 -9.88
C MET B 22 -17.75 -29.67 -11.22
N THR B 23 -17.50 -28.94 -12.29
CA THR B 23 -17.75 -29.38 -13.65
C THR B 23 -16.85 -30.56 -14.06
N ASP B 24 -15.63 -30.60 -13.50
CA ASP B 24 -14.64 -31.63 -13.74
C ASP B 24 -14.93 -32.96 -13.05
N ILE B 25 -15.79 -32.93 -12.00
CA ILE B 25 -16.26 -34.11 -11.27
C ILE B 25 -17.21 -34.86 -12.23
N LEU B 26 -17.88 -34.13 -13.11
CA LEU B 26 -18.82 -34.68 -14.09
C LEU B 26 -18.07 -35.53 -15.10
N SER B 27 -16.94 -35.02 -15.61
CA SER B 27 -16.07 -35.69 -16.58
C SER B 27 -15.35 -36.92 -16.00
N ARG B 28 -15.04 -36.92 -14.69
CA ARG B 28 -14.42 -38.07 -14.00
C ARG B 28 -15.52 -39.04 -13.47
N GLY B 29 -16.80 -38.71 -13.62
CA GLY B 29 -17.86 -39.59 -13.12
C GLY B 29 -18.61 -40.43 -14.16
N PRO B 30 -19.47 -41.33 -13.68
CA PRO B 30 -20.27 -42.19 -14.59
C PRO B 30 -21.35 -41.46 -15.43
N LYS B 31 -21.90 -42.13 -16.48
CA LYS B 31 -22.96 -41.59 -17.39
C LYS B 31 -24.27 -41.33 -16.65
N SER B 32 -24.50 -42.02 -15.51
CA SER B 32 -25.70 -41.84 -14.70
C SER B 32 -25.79 -40.45 -14.00
N MET B 33 -24.64 -39.71 -13.92
CA MET B 33 -24.52 -38.40 -13.27
C MET B 33 -25.37 -37.33 -13.94
N ILE B 34 -26.07 -36.55 -13.08
CA ILE B 34 -26.89 -35.42 -13.47
C ILE B 34 -26.18 -34.17 -13.01
N SER B 35 -26.02 -33.22 -13.94
CA SER B 35 -25.39 -31.94 -13.69
C SER B 35 -26.36 -30.79 -13.95
N LEU B 36 -26.44 -29.91 -12.96
CA LEU B 36 -27.15 -28.65 -12.95
C LEU B 36 -26.08 -27.65 -12.50
N ALA B 37 -24.80 -28.01 -12.67
CA ALA B 37 -23.63 -27.22 -12.29
C ALA B 37 -23.22 -26.19 -13.30
N GLY B 38 -22.79 -26.63 -14.47
CA GLY B 38 -22.26 -25.75 -15.51
C GLY B 38 -23.25 -24.86 -16.20
N GLY B 39 -22.75 -23.72 -16.65
CA GLY B 39 -23.54 -22.76 -17.41
C GLY B 39 -23.30 -22.93 -18.89
N LEU B 40 -23.11 -24.20 -19.32
CA LEU B 40 -22.89 -24.50 -20.71
C LEU B 40 -24.19 -24.33 -21.45
N PRO B 41 -24.23 -23.63 -22.59
CA PRO B 41 -25.51 -23.52 -23.30
C PRO B 41 -25.90 -24.85 -23.96
N ASN B 42 -27.11 -24.94 -24.46
CA ASN B 42 -27.56 -26.12 -25.16
C ASN B 42 -27.02 -25.93 -26.57
N PRO B 43 -26.14 -26.81 -27.06
CA PRO B 43 -25.56 -26.57 -28.39
C PRO B 43 -26.54 -26.72 -29.54
N ASN B 44 -27.66 -27.42 -29.33
CA ASN B 44 -28.68 -27.60 -30.37
C ASN B 44 -29.30 -26.30 -30.85
N MET B 45 -29.05 -25.22 -30.09
CA MET B 45 -29.55 -23.87 -30.34
C MET B 45 -28.60 -23.10 -31.24
N PHE B 46 -27.39 -23.65 -31.45
CA PHE B 46 -26.37 -23.04 -32.28
C PHE B 46 -26.74 -23.21 -33.77
N PRO B 47 -26.58 -22.18 -34.62
CA PRO B 47 -27.04 -22.30 -36.00
C PRO B 47 -26.21 -23.13 -36.98
N PHE B 48 -24.88 -23.27 -36.75
CA PHE B 48 -24.00 -24.07 -37.62
C PHE B 48 -24.14 -25.57 -37.23
N LYS B 49 -24.39 -26.44 -38.23
CA LYS B 49 -24.71 -27.84 -38.00
C LYS B 49 -23.67 -28.89 -38.34
N THR B 50 -22.95 -28.71 -39.45
CA THR B 50 -21.89 -29.63 -39.90
C THR B 50 -20.83 -28.81 -40.61
N ALA B 51 -19.61 -29.36 -40.66
CA ALA B 51 -18.52 -28.70 -41.35
C ALA B 51 -17.74 -29.70 -42.12
N VAL B 52 -17.40 -29.36 -43.36
CA VAL B 52 -16.53 -30.18 -44.19
C VAL B 52 -15.39 -29.32 -44.72
N ILE B 53 -14.20 -29.58 -44.21
CA ILE B 53 -12.98 -28.87 -44.56
C ILE B 53 -12.06 -29.77 -45.38
N THR B 54 -11.70 -29.34 -46.58
CA THR B 54 -10.77 -30.10 -47.44
C THR B 54 -9.34 -29.80 -47.03
N VAL B 55 -8.47 -30.80 -47.19
CA VAL B 55 -7.05 -30.69 -46.87
C VAL B 55 -6.18 -30.91 -48.12
N GLU B 56 -5.21 -30.02 -48.41
CA GLU B 56 -4.29 -30.23 -49.52
C GLU B 56 -3.34 -31.36 -49.05
N ASN B 57 -3.37 -32.50 -49.76
CA ASN B 57 -2.61 -33.72 -49.45
C ASN B 57 -2.96 -34.19 -48.05
N GLY B 58 -4.14 -34.78 -47.96
CA GLY B 58 -4.72 -35.24 -46.71
C GLY B 58 -6.22 -35.40 -46.82
N LYS B 59 -6.74 -36.19 -45.87
CA LYS B 59 -8.15 -36.54 -45.72
C LYS B 59 -8.94 -35.29 -45.42
N THR B 60 -10.15 -35.22 -45.99
CA THR B 60 -11.07 -34.12 -45.74
C THR B 60 -11.57 -34.26 -44.29
N ILE B 61 -11.48 -33.17 -43.54
CA ILE B 61 -11.91 -33.10 -42.15
C ILE B 61 -13.39 -32.83 -42.12
N GLN B 62 -14.14 -33.73 -41.47
CA GLN B 62 -15.60 -33.64 -41.37
C GLN B 62 -16.07 -33.56 -39.94
N PHE B 63 -16.86 -32.54 -39.65
CA PHE B 63 -17.45 -32.33 -38.34
C PHE B 63 -18.91 -32.66 -38.45
N GLY B 64 -19.26 -33.88 -38.04
CA GLY B 64 -20.65 -34.33 -38.02
C GLY B 64 -21.39 -33.60 -36.93
N GLU B 65 -22.72 -33.82 -36.85
CA GLU B 65 -23.63 -33.20 -35.89
C GLU B 65 -23.10 -33.12 -34.46
N GLU B 66 -22.60 -34.24 -33.92
CA GLU B 66 -22.07 -34.37 -32.55
C GLU B 66 -20.75 -33.64 -32.37
N MET B 67 -19.81 -33.82 -33.33
CA MET B 67 -18.49 -33.17 -33.37
C MET B 67 -18.69 -31.63 -33.46
N MET B 68 -19.65 -31.17 -34.27
CA MET B 68 -19.98 -29.76 -34.42
C MET B 68 -20.52 -29.15 -33.11
N LYS B 69 -21.39 -29.88 -32.37
CA LYS B 69 -21.93 -29.44 -31.09
C LYS B 69 -20.77 -29.24 -30.09
N ARG B 70 -19.79 -30.20 -30.07
CA ARG B 70 -18.58 -30.14 -29.23
C ARG B 70 -17.66 -28.96 -29.67
N ALA B 71 -17.44 -28.79 -31.00
CA ALA B 71 -16.63 -27.71 -31.60
C ALA B 71 -17.20 -26.29 -31.34
N LEU B 72 -18.55 -26.15 -31.23
CA LEU B 72 -19.25 -24.90 -30.98
C LEU B 72 -19.45 -24.59 -29.48
N GLN B 73 -19.06 -25.54 -28.61
CA GLN B 73 -19.21 -25.54 -27.17
C GLN B 73 -17.92 -25.22 -26.44
N TYR B 74 -18.02 -24.79 -25.16
CA TYR B 74 -16.90 -24.49 -24.29
C TYR B 74 -16.01 -25.73 -24.08
N SER B 75 -14.73 -25.52 -23.75
CA SER B 75 -13.75 -26.56 -23.55
C SER B 75 -12.68 -26.12 -22.50
N PRO B 76 -11.74 -27.02 -22.04
CA PRO B 76 -10.80 -26.59 -20.97
C PRO B 76 -9.86 -25.48 -21.35
N SER B 77 -9.45 -24.69 -20.33
CA SER B 77 -8.57 -23.51 -20.47
C SER B 77 -7.24 -23.86 -21.06
N ALA B 78 -6.64 -25.02 -20.67
CA ALA B 78 -5.33 -25.48 -21.16
C ALA B 78 -5.37 -25.93 -22.61
N GLY B 79 -6.55 -26.36 -23.06
CA GLY B 79 -6.77 -26.85 -24.41
C GLY B 79 -7.53 -28.16 -24.42
N ILE B 80 -7.95 -28.62 -25.61
CA ILE B 80 -8.68 -29.88 -25.79
C ILE B 80 -7.71 -31.05 -25.47
N PRO B 81 -8.18 -32.15 -24.85
CA PRO B 81 -7.20 -33.20 -24.47
C PRO B 81 -6.42 -33.87 -25.62
N GLU B 82 -7.03 -34.03 -26.79
CA GLU B 82 -6.39 -34.65 -27.96
C GLU B 82 -5.24 -33.81 -28.54
N LEU B 83 -5.38 -32.48 -28.53
CA LEU B 83 -4.34 -31.56 -29.00
C LEU B 83 -3.20 -31.54 -27.99
N LEU B 84 -3.53 -31.53 -26.69
CA LEU B 84 -2.57 -31.55 -25.58
C LEU B 84 -1.68 -32.80 -25.55
N SER B 85 -2.26 -34.01 -25.70
CA SER B 85 -1.47 -35.24 -25.69
C SER B 85 -0.57 -35.37 -26.92
N TRP B 86 -1.07 -34.90 -28.08
CA TRP B 86 -0.30 -34.94 -29.34
C TRP B 86 0.86 -33.95 -29.28
N LEU B 87 0.67 -32.76 -28.68
CA LEU B 87 1.71 -31.73 -28.58
C LEU B 87 2.77 -32.12 -27.56
N LYS B 88 2.39 -32.67 -26.42
CA LYS B 88 3.34 -33.18 -25.41
C LYS B 88 4.26 -34.30 -25.98
N GLN B 89 3.66 -35.19 -26.79
CA GLN B 89 4.24 -36.34 -27.50
C GLN B 89 5.30 -35.87 -28.44
N LEU B 90 4.97 -34.79 -29.20
CA LEU B 90 5.81 -34.11 -30.18
C LEU B 90 6.99 -33.45 -29.47
N GLN B 91 6.75 -32.74 -28.34
CA GLN B 91 7.82 -32.11 -27.55
C GLN B 91 8.81 -33.14 -27.06
N ILE B 92 8.31 -34.33 -26.64
CA ILE B 92 9.15 -35.44 -26.20
C ILE B 92 9.95 -35.99 -27.40
N LYS B 93 9.29 -36.24 -28.55
CA LYS B 93 9.94 -36.73 -29.76
C LYS B 93 11.08 -35.78 -30.22
N LEU B 94 10.78 -34.50 -30.28
CA LEU B 94 11.68 -33.46 -30.78
C LEU B 94 12.72 -32.98 -29.79
N HIS B 95 12.31 -32.72 -28.54
CA HIS B 95 13.18 -32.11 -27.53
C HIS B 95 13.52 -32.98 -26.36
N ASN B 96 12.77 -34.08 -26.14
CA ASN B 96 13.01 -35.02 -25.05
C ASN B 96 13.40 -34.28 -23.74
N PRO B 97 12.52 -33.37 -23.22
CA PRO B 97 12.90 -32.61 -21.99
C PRO B 97 13.29 -33.50 -20.80
N PRO B 98 14.33 -33.14 -20.01
CA PRO B 98 14.67 -33.97 -18.84
C PRO B 98 13.60 -33.94 -17.73
N THR B 99 12.71 -32.94 -17.77
CA THR B 99 11.65 -32.70 -16.77
C THR B 99 10.38 -33.57 -16.85
N ILE B 100 10.20 -34.39 -17.92
CA ILE B 100 9.03 -35.22 -18.19
C ILE B 100 8.47 -35.88 -16.91
N HIS B 101 9.33 -36.54 -16.09
CA HIS B 101 8.89 -37.20 -14.86
C HIS B 101 9.26 -36.57 -13.49
N TYR B 102 9.64 -35.27 -13.48
CA TYR B 102 9.95 -34.54 -12.24
C TYR B 102 8.64 -34.34 -11.41
N PRO B 103 8.71 -34.14 -10.06
CA PRO B 103 7.47 -33.84 -9.33
C PRO B 103 6.93 -32.47 -9.78
N PRO B 104 5.58 -32.25 -9.79
CA PRO B 104 5.06 -30.94 -10.21
C PRO B 104 5.78 -29.71 -9.64
N SER B 105 5.88 -29.61 -8.29
CA SER B 105 6.52 -28.51 -7.55
C SER B 105 7.97 -28.22 -7.94
N GLN B 106 8.68 -29.24 -8.45
CA GLN B 106 10.07 -29.14 -8.89
C GLN B 106 10.21 -28.70 -10.35
N GLY B 107 9.08 -28.51 -11.03
CA GLY B 107 9.03 -28.01 -12.40
C GLY B 107 8.85 -29.03 -13.52
N GLN B 108 7.94 -30.02 -13.30
CA GLN B 108 7.59 -31.04 -14.28
C GLN B 108 7.13 -30.39 -15.59
N MET B 109 7.41 -31.03 -16.73
CA MET B 109 6.97 -30.49 -18.01
C MET B 109 5.43 -30.46 -18.08
N ASP B 110 4.88 -29.28 -18.43
CA ASP B 110 3.48 -29.06 -18.67
C ASP B 110 3.36 -28.24 -19.94
N LEU B 111 2.22 -28.40 -20.65
CA LEU B 111 1.96 -27.72 -21.90
C LEU B 111 0.52 -27.18 -21.90
N CYS B 112 0.34 -25.99 -22.50
CA CYS B 112 -0.98 -25.38 -22.68
C CYS B 112 -1.11 -24.75 -24.04
N VAL B 113 -2.29 -24.90 -24.64
CA VAL B 113 -2.62 -24.33 -25.93
C VAL B 113 -2.97 -22.86 -25.66
N THR B 114 -2.37 -21.96 -26.44
CA THR B 114 -2.60 -20.51 -26.32
C THR B 114 -3.19 -19.98 -27.62
N SER B 115 -3.72 -18.75 -27.59
CA SER B 115 -4.30 -18.07 -28.73
C SER B 115 -3.14 -17.37 -29.42
N GLY B 116 -2.37 -18.18 -30.13
CA GLY B 116 -1.12 -17.78 -30.76
C GLY B 116 0.02 -17.83 -29.77
N SER B 117 1.27 -17.81 -30.23
CA SER B 117 2.43 -17.82 -29.32
C SER B 117 2.51 -16.48 -28.55
N GLN B 118 2.01 -15.40 -29.17
CA GLN B 118 1.92 -14.05 -28.61
C GLN B 118 1.20 -14.07 -27.27
N GLN B 119 0.06 -14.82 -27.15
CA GLN B 119 -0.71 -14.91 -25.90
C GLN B 119 0.10 -15.55 -24.79
N GLY B 120 0.75 -16.64 -25.09
CA GLY B 120 1.61 -17.32 -24.13
C GLY B 120 2.71 -16.41 -23.59
N LEU B 121 3.45 -15.73 -24.51
CA LEU B 121 4.55 -14.80 -24.20
C LEU B 121 4.11 -13.66 -23.31
N CYS B 122 2.98 -13.02 -23.70
CA CYS B 122 2.29 -11.95 -22.99
C CYS B 122 1.93 -12.39 -21.56
N LYS B 123 1.23 -13.52 -21.41
CA LYS B 123 0.83 -14.01 -20.09
C LYS B 123 2.03 -14.36 -19.20
N VAL B 124 3.16 -14.81 -19.81
CA VAL B 124 4.40 -15.12 -19.12
C VAL B 124 5.05 -13.82 -18.59
N PHE B 125 5.19 -12.79 -19.44
CA PHE B 125 5.80 -11.52 -19.03
C PHE B 125 4.97 -10.85 -17.92
N GLU B 126 3.63 -10.86 -18.06
CA GLU B 126 2.71 -10.31 -17.07
C GLU B 126 2.80 -11.08 -15.75
N MET B 127 3.02 -12.42 -15.81
CA MET B 127 3.22 -13.31 -14.66
C MET B 127 4.53 -13.00 -13.90
N ILE B 128 5.62 -12.69 -14.65
CA ILE B 128 6.96 -12.48 -14.12
C ILE B 128 7.29 -11.06 -13.70
N ILE B 129 6.99 -10.07 -14.55
CA ILE B 129 7.41 -8.69 -14.36
C ILE B 129 6.64 -7.79 -13.39
N ASN B 130 7.42 -7.21 -12.45
CA ASN B 130 7.03 -6.20 -11.47
C ASN B 130 7.69 -4.91 -11.97
N PRO B 131 7.10 -3.71 -11.81
CA PRO B 131 7.74 -2.50 -12.34
C PRO B 131 9.12 -2.25 -11.74
N GLY B 132 10.07 -1.95 -12.62
CA GLY B 132 11.46 -1.69 -12.26
C GLY B 132 12.36 -2.91 -12.31
N ASP B 133 11.80 -4.11 -12.58
CA ASP B 133 12.57 -5.36 -12.68
C ASP B 133 13.57 -5.33 -13.83
N ASN B 134 14.68 -6.09 -13.73
CA ASN B 134 15.67 -6.16 -14.81
C ASN B 134 15.39 -7.38 -15.69
N VAL B 135 15.45 -7.21 -17.02
CA VAL B 135 15.20 -8.28 -18.00
C VAL B 135 16.22 -8.25 -19.14
N LEU B 136 16.67 -9.43 -19.59
CA LEU B 136 17.70 -9.57 -20.63
C LEU B 136 17.18 -10.04 -21.99
N LEU B 137 17.61 -9.34 -23.05
CA LEU B 137 17.34 -9.68 -24.44
C LEU B 137 18.36 -9.08 -25.41
N ASP B 138 18.40 -9.60 -26.65
CA ASP B 138 19.26 -9.04 -27.65
C ASP B 138 18.46 -8.19 -28.61
N GLU B 139 18.77 -6.87 -28.65
CA GLU B 139 18.21 -5.89 -29.60
C GLU B 139 19.08 -5.96 -30.87
N PRO B 140 18.52 -5.95 -32.12
CA PRO B 140 17.09 -5.85 -32.46
C PRO B 140 16.27 -7.06 -32.08
N ALA B 141 15.06 -6.83 -31.54
CA ALA B 141 14.10 -7.87 -31.12
C ALA B 141 12.73 -7.70 -31.80
N TYR B 142 11.91 -8.74 -31.70
CA TYR B 142 10.54 -8.81 -32.23
C TYR B 142 9.70 -7.74 -31.55
N SER B 143 9.16 -6.80 -32.34
CA SER B 143 8.35 -5.64 -31.89
C SER B 143 7.22 -5.99 -30.90
N GLY B 144 6.51 -7.08 -31.15
CA GLY B 144 5.44 -7.61 -30.27
C GLY B 144 5.88 -7.89 -28.85
N THR B 145 7.15 -8.29 -28.69
CA THR B 145 7.73 -8.48 -27.35
C THR B 145 8.13 -7.14 -26.76
N LEU B 146 8.53 -6.18 -27.60
CA LEU B 146 8.94 -4.83 -27.16
C LEU B 146 7.74 -4.04 -26.77
N GLN B 147 6.60 -4.28 -27.45
CA GLN B 147 5.33 -3.60 -27.15
C GLN B 147 4.64 -4.25 -25.96
N SER B 148 5.01 -5.48 -25.59
CA SER B 148 4.44 -6.17 -24.40
C SER B 148 5.18 -5.74 -23.15
N LEU B 149 6.50 -5.57 -23.30
CA LEU B 149 7.47 -5.22 -22.26
C LEU B 149 7.40 -3.79 -21.82
N HIS B 150 7.31 -2.84 -22.78
CA HIS B 150 7.22 -1.38 -22.53
C HIS B 150 6.17 -0.98 -21.47
N PRO B 151 4.87 -1.42 -21.55
CA PRO B 151 3.92 -1.05 -20.48
C PRO B 151 4.19 -1.71 -19.13
N LEU B 152 4.98 -2.81 -19.10
CA LEU B 152 5.28 -3.53 -17.85
C LEU B 152 6.24 -2.83 -16.89
N GLY B 153 6.87 -1.76 -17.38
CA GLY B 153 7.77 -0.89 -16.62
C GLY B 153 9.12 -1.46 -16.23
N CYS B 154 9.57 -2.51 -16.94
CA CYS B 154 10.85 -3.15 -16.67
C CYS B 154 12.03 -2.42 -17.31
N ASN B 155 13.25 -2.87 -16.96
CA ASN B 155 14.49 -2.35 -17.49
C ASN B 155 15.05 -3.42 -18.39
N ILE B 156 15.04 -3.12 -19.67
CA ILE B 156 15.55 -4.05 -20.67
C ILE B 156 17.06 -3.81 -20.81
N ILE B 157 17.87 -4.85 -20.57
CA ILE B 157 19.32 -4.83 -20.72
C ILE B 157 19.62 -5.62 -21.98
N ASN B 158 20.31 -4.97 -22.89
CA ASN B 158 20.66 -5.52 -24.18
C ASN B 158 21.93 -6.39 -24.08
N VAL B 159 21.85 -7.61 -24.62
CA VAL B 159 22.95 -8.55 -24.66
C VAL B 159 23.45 -8.56 -26.12
N ALA B 160 24.77 -8.35 -26.32
CA ALA B 160 25.38 -8.29 -27.65
C ALA B 160 25.11 -9.54 -28.48
N SER B 161 25.02 -9.33 -29.80
CA SER B 161 24.79 -10.40 -30.76
C SER B 161 25.55 -10.17 -32.08
N ASP B 162 25.92 -11.29 -32.71
CA ASP B 162 26.54 -11.34 -34.03
C ASP B 162 25.72 -12.32 -34.87
N GLU B 163 26.27 -12.84 -35.96
CA GLU B 163 25.59 -13.77 -36.88
C GLU B 163 25.21 -15.10 -36.24
N SER B 164 25.89 -15.45 -35.13
CA SER B 164 25.60 -16.67 -34.36
C SER B 164 24.71 -16.35 -33.15
N GLY B 165 23.98 -15.21 -33.24
CA GLY B 165 23.09 -14.76 -32.19
C GLY B 165 23.78 -14.20 -30.98
N ILE B 166 23.14 -14.29 -29.80
CA ILE B 166 23.68 -13.79 -28.53
C ILE B 166 25.15 -14.22 -28.30
N VAL B 167 26.03 -13.25 -27.94
CA VAL B 167 27.44 -13.53 -27.63
C VAL B 167 27.47 -13.92 -26.13
N PRO B 168 27.81 -15.19 -25.77
CA PRO B 168 27.78 -15.59 -24.35
C PRO B 168 28.71 -14.78 -23.43
N ASP B 169 29.82 -14.23 -23.98
CA ASP B 169 30.74 -13.40 -23.20
C ASP B 169 30.16 -12.03 -22.86
N SER B 170 29.22 -11.53 -23.69
CA SER B 170 28.49 -10.29 -23.45
C SER B 170 27.54 -10.52 -22.29
N LEU B 171 26.87 -11.69 -22.27
CA LEU B 171 25.93 -12.11 -21.23
C LEU B 171 26.68 -12.26 -19.91
N ARG B 172 27.88 -12.87 -19.96
CA ARG B 172 28.79 -13.08 -18.83
C ARG B 172 29.23 -11.73 -18.25
N ASP B 173 29.47 -10.74 -19.13
CA ASP B 173 29.87 -9.38 -18.78
C ASP B 173 28.75 -8.60 -18.07
N ILE B 174 27.49 -8.74 -18.54
CA ILE B 174 26.35 -8.06 -17.91
C ILE B 174 26.07 -8.67 -16.55
N LEU B 175 26.08 -10.01 -16.49
CA LEU B 175 25.79 -10.79 -15.28
C LEU B 175 26.80 -10.57 -14.17
N SER B 176 28.06 -10.20 -14.52
CA SER B 176 29.16 -9.96 -13.58
C SER B 176 28.91 -8.83 -12.58
N ARG B 177 27.96 -7.90 -12.87
CA ARG B 177 27.59 -6.80 -11.97
C ARG B 177 26.84 -7.27 -10.71
N TRP B 178 26.40 -8.55 -10.72
CA TRP B 178 25.73 -9.23 -9.63
C TRP B 178 26.57 -10.45 -9.24
N LYS B 179 26.33 -11.00 -8.04
CA LYS B 179 27.00 -12.21 -7.55
C LYS B 179 26.01 -13.38 -7.72
N PRO B 180 26.46 -14.62 -8.02
CA PRO B 180 25.50 -15.75 -8.15
C PRO B 180 24.56 -15.91 -6.95
N GLU B 181 25.00 -15.47 -5.76
CA GLU B 181 24.21 -15.51 -4.51
C GLU B 181 23.18 -14.38 -4.42
N ASP B 182 23.34 -13.30 -5.23
CA ASP B 182 22.42 -12.15 -5.27
C ASP B 182 21.06 -12.52 -5.88
N ALA B 183 20.96 -13.71 -6.52
CA ALA B 183 19.72 -14.23 -7.11
C ALA B 183 18.67 -14.51 -5.99
N LYS B 184 19.15 -15.07 -4.85
CA LYS B 184 18.37 -15.41 -3.64
C LYS B 184 17.83 -14.18 -2.89
N ASN B 185 18.42 -12.99 -3.12
CA ASN B 185 18.01 -11.73 -2.52
C ASN B 185 17.15 -10.91 -3.51
N PRO B 186 15.90 -10.54 -3.15
CA PRO B 186 15.05 -9.78 -4.10
C PRO B 186 15.51 -8.35 -4.33
N GLN B 187 15.96 -7.69 -3.24
CA GLN B 187 16.43 -6.31 -3.18
C GLN B 187 17.70 -6.02 -3.99
N LYS B 188 18.50 -7.05 -4.32
CA LYS B 188 19.70 -6.90 -5.16
C LYS B 188 19.27 -6.66 -6.63
N ASN B 189 18.01 -7.02 -6.97
CA ASN B 189 17.34 -6.85 -8.26
C ASN B 189 18.05 -7.49 -9.48
N THR B 190 18.33 -8.80 -9.38
CA THR B 190 18.97 -9.61 -10.44
C THR B 190 17.98 -9.81 -11.61
N PRO B 191 18.43 -10.08 -12.86
CA PRO B 191 17.45 -10.26 -13.95
C PRO B 191 16.54 -11.45 -13.70
N LYS B 192 15.24 -11.29 -13.96
CA LYS B 192 14.28 -12.37 -13.74
C LYS B 192 14.38 -13.45 -14.84
N PHE B 193 14.59 -13.04 -16.10
CA PHE B 193 14.72 -13.99 -17.20
C PHE B 193 15.62 -13.47 -18.32
N LEU B 194 15.86 -14.34 -19.32
CA LEU B 194 16.50 -14.00 -20.57
C LEU B 194 15.50 -14.32 -21.67
N TYR B 195 15.19 -13.32 -22.48
CA TYR B 195 14.34 -13.54 -23.62
C TYR B 195 15.22 -13.72 -24.86
N THR B 196 14.91 -14.75 -25.67
CA THR B 196 15.59 -14.98 -26.93
C THR B 196 14.76 -15.78 -27.91
N VAL B 197 15.05 -15.55 -29.20
CA VAL B 197 14.51 -16.20 -30.37
C VAL B 197 15.76 -16.90 -30.93
N PRO B 198 15.98 -18.19 -30.54
CA PRO B 198 17.21 -18.87 -30.96
C PRO B 198 17.29 -19.29 -32.42
N ASN B 199 16.20 -19.26 -33.16
CA ASN B 199 16.25 -19.60 -34.59
C ASN B 199 15.61 -18.49 -35.40
N GLY B 200 16.40 -17.92 -36.31
CA GLY B 200 15.98 -16.86 -37.20
C GLY B 200 15.30 -15.71 -36.49
N ASN B 201 16.05 -15.06 -35.58
CA ASN B 201 15.62 -13.94 -34.75
C ASN B 201 14.93 -12.88 -35.57
N ASN B 202 13.79 -12.39 -35.07
CA ASN B 202 13.04 -11.34 -35.69
C ASN B 202 13.70 -10.02 -35.22
N PRO B 203 14.36 -9.20 -36.07
CA PRO B 203 14.39 -9.18 -37.55
C PRO B 203 15.66 -9.64 -38.29
N THR B 204 16.73 -9.97 -37.55
CA THR B 204 18.06 -10.33 -38.08
C THR B 204 18.14 -11.61 -38.94
N GLY B 205 17.42 -12.65 -38.52
CA GLY B 205 17.43 -13.96 -39.16
C GLY B 205 18.51 -14.87 -38.65
N ASN B 206 19.28 -14.42 -37.63
CA ASN B 206 20.38 -15.17 -37.03
C ASN B 206 19.94 -16.22 -36.03
N SER B 207 20.69 -17.34 -36.01
CA SER B 207 20.46 -18.50 -35.15
C SER B 207 21.61 -18.76 -34.22
N LEU B 208 21.32 -19.16 -32.97
CA LEU B 208 22.35 -19.55 -31.99
C LEU B 208 22.93 -20.90 -32.35
N THR B 209 24.18 -21.12 -31.94
CA THR B 209 24.83 -22.41 -32.15
C THR B 209 24.56 -23.26 -30.90
N SER B 210 24.89 -24.59 -30.95
CA SER B 210 24.71 -25.53 -29.84
C SER B 210 25.58 -25.11 -28.66
N GLU B 211 26.82 -24.73 -28.96
CA GLU B 211 27.86 -24.32 -28.01
C GLU B 211 27.48 -23.08 -27.27
N ARG B 212 26.97 -22.07 -28.00
CA ARG B 212 26.54 -20.80 -27.43
C ARG B 212 25.37 -21.03 -26.48
N LYS B 213 24.39 -21.89 -26.88
CA LYS B 213 23.20 -22.28 -26.11
C LYS B 213 23.59 -22.91 -24.77
N LYS B 214 24.62 -23.79 -24.78
CA LYS B 214 25.13 -24.46 -23.58
C LYS B 214 25.79 -23.46 -22.61
N GLU B 215 26.49 -22.44 -23.15
CA GLU B 215 27.13 -21.39 -22.36
C GLU B 215 26.06 -20.47 -21.74
N ILE B 216 24.95 -20.28 -22.47
CA ILE B 216 23.84 -19.44 -22.01
C ILE B 216 23.06 -20.18 -20.91
N TYR B 217 22.81 -21.49 -21.09
CA TYR B 217 22.12 -22.31 -20.07
C TYR B 217 22.91 -22.38 -18.76
N GLU B 218 24.27 -22.53 -18.84
CA GLU B 218 25.13 -22.58 -17.65
C GLU B 218 25.12 -21.25 -16.89
N LEU B 219 24.96 -20.13 -17.62
CA LEU B 219 24.86 -18.79 -17.03
C LEU B 219 23.51 -18.58 -16.38
N ALA B 220 22.43 -19.16 -16.98
CA ALA B 220 21.07 -19.12 -16.43
C ALA B 220 20.99 -19.92 -15.14
N ARG B 221 21.76 -21.03 -15.06
CA ARG B 221 21.89 -21.89 -13.88
C ARG B 221 22.71 -21.15 -12.79
N LYS B 222 23.76 -20.40 -13.17
CA LYS B 222 24.65 -19.66 -12.26
C LYS B 222 23.99 -18.43 -11.58
N TYR B 223 23.28 -17.60 -12.35
CA TYR B 223 22.66 -16.38 -11.80
C TYR B 223 21.15 -16.57 -11.57
N ASP B 224 20.72 -17.85 -11.59
CA ASP B 224 19.36 -18.34 -11.40
C ASP B 224 18.28 -17.49 -12.08
N PHE B 225 18.36 -17.46 -13.43
CA PHE B 225 17.35 -16.80 -14.24
C PHE B 225 16.60 -17.80 -15.15
N LEU B 226 15.45 -17.37 -15.68
CA LEU B 226 14.64 -18.18 -16.59
C LEU B 226 15.06 -17.94 -18.03
N ILE B 227 14.80 -18.90 -18.90
CA ILE B 227 15.04 -18.69 -20.32
C ILE B 227 13.70 -18.75 -21.01
N ILE B 228 13.28 -17.63 -21.62
CA ILE B 228 12.08 -17.55 -22.41
C ILE B 228 12.51 -17.81 -23.84
N GLU B 229 12.32 -19.07 -24.28
CA GLU B 229 12.72 -19.51 -25.61
C GLU B 229 11.53 -19.36 -26.54
N ASP B 230 11.49 -18.22 -27.24
CA ASP B 230 10.41 -17.98 -28.20
C ASP B 230 10.96 -18.50 -29.54
N ASP B 231 10.52 -19.69 -29.95
CA ASP B 231 11.04 -20.38 -31.12
C ASP B 231 9.98 -20.59 -32.23
N PRO B 232 9.50 -19.52 -32.88
CA PRO B 232 8.48 -19.72 -33.92
C PRO B 232 9.04 -20.21 -35.24
N TYR B 233 10.42 -20.13 -35.41
CA TYR B 233 11.15 -20.53 -36.63
C TYR B 233 11.92 -21.80 -36.51
N TYR B 234 11.68 -22.57 -35.43
CA TYR B 234 12.27 -23.87 -35.18
C TYR B 234 11.96 -24.82 -36.36
N PHE B 235 10.75 -24.72 -36.92
CA PHE B 235 10.31 -25.48 -38.08
C PHE B 235 10.58 -24.78 -39.45
N LEU B 236 11.28 -23.62 -39.45
CA LEU B 236 11.60 -22.87 -40.68
C LEU B 236 13.12 -22.65 -40.85
N GLN B 237 13.93 -23.63 -40.39
CA GLN B 237 15.39 -23.60 -40.46
C GLN B 237 15.89 -23.93 -41.87
N PHE B 238 16.82 -23.13 -42.36
CA PHE B 238 17.40 -23.27 -43.71
C PHE B 238 18.77 -23.93 -43.66
N ASN B 239 19.01 -24.90 -44.57
CA ASN B 239 20.30 -25.59 -44.75
C ASN B 239 21.04 -25.90 -43.44
N SER B 240 20.31 -26.43 -42.44
CA SER B 240 20.84 -26.78 -41.13
C SER B 240 20.09 -27.94 -40.56
N GLY B 241 20.80 -28.75 -39.78
CA GLY B 241 20.20 -29.81 -39.00
C GLY B 241 19.65 -29.12 -37.79
N ARG B 242 18.67 -29.70 -37.11
CA ARG B 242 18.10 -28.97 -35.98
C ARG B 242 19.01 -28.94 -34.74
N VAL B 243 19.46 -27.75 -34.36
CA VAL B 243 20.32 -27.51 -33.19
C VAL B 243 19.44 -27.81 -31.94
N PRO B 244 19.98 -28.48 -30.90
CA PRO B 244 19.11 -28.75 -29.72
C PRO B 244 18.58 -27.46 -29.09
N THR B 245 17.36 -27.50 -28.56
CA THR B 245 16.73 -26.34 -27.97
C THR B 245 17.16 -26.13 -26.52
N PHE B 246 16.74 -25.04 -25.88
CA PHE B 246 17.06 -24.79 -24.47
C PHE B 246 16.21 -25.73 -23.61
N LEU B 247 15.04 -26.17 -24.14
CA LEU B 247 14.12 -27.11 -23.49
C LEU B 247 14.75 -28.52 -23.44
N SER B 248 15.47 -28.92 -24.52
CA SER B 248 16.14 -30.23 -24.63
C SER B 248 17.21 -30.42 -23.54
N MET B 249 17.82 -29.31 -23.10
CA MET B 249 18.86 -29.27 -22.07
C MET B 249 18.35 -28.80 -20.69
N ASP B 250 17.04 -28.60 -20.56
CA ASP B 250 16.45 -28.08 -19.32
C ASP B 250 16.41 -29.04 -18.14
N VAL B 251 17.58 -29.30 -17.55
CA VAL B 251 17.75 -30.20 -16.39
C VAL B 251 17.18 -29.51 -15.14
N ASP B 252 17.19 -28.16 -15.08
CA ASP B 252 16.71 -27.36 -13.94
C ASP B 252 15.24 -27.01 -13.95
N GLY B 253 14.58 -27.12 -15.10
CA GLY B 253 13.19 -26.75 -15.24
C GLY B 253 13.04 -25.24 -15.18
N ARG B 254 13.94 -24.53 -15.90
CA ARG B 254 14.02 -23.07 -15.96
C ARG B 254 13.71 -22.46 -17.33
N VAL B 255 13.27 -23.28 -18.28
CA VAL B 255 12.95 -22.90 -19.65
C VAL B 255 11.46 -22.91 -19.88
N ILE B 256 10.96 -21.78 -20.42
CA ILE B 256 9.59 -21.61 -20.87
C ILE B 256 9.77 -21.47 -22.36
N ARG B 257 9.18 -22.40 -23.11
CA ARG B 257 9.25 -22.40 -24.56
C ARG B 257 7.89 -22.08 -25.21
N ALA B 258 7.89 -21.12 -26.16
CA ALA B 258 6.71 -20.74 -26.97
C ALA B 258 6.87 -21.30 -28.41
N ASP B 259 5.90 -22.09 -28.88
CA ASP B 259 5.92 -22.63 -30.25
C ASP B 259 4.73 -22.04 -30.93
N SER B 260 4.84 -21.83 -32.24
CA SER B 260 3.82 -21.21 -33.09
C SER B 260 3.49 -22.05 -34.32
N PHE B 261 2.21 -22.12 -34.67
CA PHE B 261 1.79 -22.81 -35.90
C PHE B 261 1.43 -21.78 -36.97
N SER B 262 1.72 -20.48 -36.69
CA SER B 262 1.41 -19.34 -37.56
C SER B 262 2.03 -19.34 -38.95
N LYS B 263 3.19 -19.95 -39.12
CA LYS B 263 3.85 -19.99 -40.41
C LYS B 263 3.68 -21.32 -41.12
N ILE B 264 3.37 -22.40 -40.35
CA ILE B 264 3.22 -23.76 -40.86
C ILE B 264 1.80 -24.25 -41.05
N ILE B 265 0.88 -23.89 -40.14
CA ILE B 265 -0.53 -24.34 -40.17
C ILE B 265 -1.51 -23.22 -40.46
N SER B 266 -1.49 -22.15 -39.63
CA SER B 266 -2.37 -20.99 -39.76
C SER B 266 -2.13 -19.91 -38.71
N SER B 267 -2.01 -18.68 -39.21
CA SER B 267 -1.78 -17.46 -38.45
C SER B 267 -3.12 -16.96 -37.89
N GLY B 268 -4.19 -17.02 -38.70
CA GLY B 268 -5.52 -16.55 -38.36
C GLY B 268 -6.34 -17.43 -37.43
N LEU B 269 -6.02 -18.73 -37.36
CA LEU B 269 -6.69 -19.64 -36.45
C LEU B 269 -6.32 -19.33 -35.01
N ARG B 270 -5.20 -18.62 -34.72
CA ARG B 270 -4.75 -18.19 -33.38
C ARG B 270 -4.50 -19.39 -32.45
N ILE B 271 -3.70 -20.33 -32.91
CA ILE B 271 -3.36 -21.55 -32.16
C ILE B 271 -1.87 -21.71 -32.07
N GLY B 272 -1.37 -21.63 -30.85
CA GLY B 272 0.03 -21.82 -30.49
C GLY B 272 0.09 -22.68 -29.23
N PHE B 273 1.29 -22.93 -28.71
CA PHE B 273 1.41 -23.73 -27.48
C PHE B 273 2.58 -23.32 -26.68
N LEU B 274 2.44 -23.41 -25.37
CA LEU B 274 3.47 -23.01 -24.42
C LEU B 274 3.91 -24.23 -23.59
N THR B 275 5.22 -24.55 -23.59
CA THR B 275 5.80 -25.66 -22.83
C THR B 275 6.72 -25.05 -21.77
N GLY B 276 6.64 -25.56 -20.54
CA GLY B 276 7.43 -25.05 -19.44
C GLY B 276 7.24 -25.78 -18.13
N PRO B 277 7.78 -25.23 -17.02
CA PRO B 277 7.59 -25.91 -15.72
C PRO B 277 6.16 -25.78 -15.22
N LYS B 278 5.56 -26.90 -14.80
CA LYS B 278 4.17 -26.97 -14.31
C LYS B 278 3.76 -25.79 -13.39
N PRO B 279 4.52 -25.33 -12.36
CA PRO B 279 4.01 -24.19 -11.54
C PRO B 279 3.81 -22.90 -12.32
N LEU B 280 4.66 -22.66 -13.34
CA LEU B 280 4.58 -21.50 -14.20
C LEU B 280 3.52 -21.66 -15.29
N ILE B 281 3.38 -22.87 -15.91
CA ILE B 281 2.34 -23.11 -16.92
C ILE B 281 0.95 -22.94 -16.27
N GLU B 282 0.82 -23.38 -15.00
CA GLU B 282 -0.39 -23.29 -14.17
C GLU B 282 -0.85 -21.82 -13.98
N ARG B 283 0.09 -20.90 -13.68
CA ARG B 283 -0.19 -19.47 -13.51
C ARG B 283 -0.69 -18.83 -14.80
N VAL B 284 -0.18 -19.32 -15.94
CA VAL B 284 -0.56 -18.84 -17.26
C VAL B 284 -1.99 -19.31 -17.60
N ILE B 285 -2.30 -20.61 -17.35
CA ILE B 285 -3.63 -21.20 -17.57
C ILE B 285 -4.70 -20.39 -16.77
N LEU B 286 -4.39 -20.01 -15.51
CA LEU B 286 -5.26 -19.21 -14.61
C LEU B 286 -5.51 -17.81 -15.10
N HIS B 287 -4.58 -17.24 -15.87
CA HIS B 287 -4.77 -15.92 -16.47
C HIS B 287 -5.62 -16.08 -17.72
N ILE B 288 -5.33 -17.12 -18.55
CA ILE B 288 -6.15 -17.44 -19.72
C ILE B 288 -7.60 -17.66 -19.31
N GLN B 289 -7.83 -18.50 -18.26
CA GLN B 289 -9.14 -18.81 -17.73
C GLN B 289 -10.02 -17.55 -17.48
N VAL B 290 -9.42 -16.42 -17.03
CA VAL B 290 -10.16 -15.18 -16.73
C VAL B 290 -10.21 -14.19 -17.88
N SER B 291 -9.42 -14.45 -18.97
CA SER B 291 -9.40 -13.58 -20.15
C SER B 291 -10.16 -14.20 -21.36
N THR B 292 -9.56 -15.11 -22.09
CA THR B 292 -10.22 -15.75 -23.24
C THR B 292 -11.07 -17.01 -22.90
N LEU B 293 -11.04 -17.48 -21.62
CA LEU B 293 -11.63 -18.72 -21.05
C LEU B 293 -10.82 -19.91 -21.57
N HIS B 294 -10.72 -20.06 -22.91
CA HIS B 294 -10.00 -21.14 -23.60
C HIS B 294 -9.77 -20.78 -25.07
N PRO B 295 -8.86 -21.40 -25.83
CA PRO B 295 -8.77 -21.04 -27.26
C PRO B 295 -9.95 -21.72 -27.98
N SER B 296 -10.34 -21.23 -29.16
CA SER B 296 -11.45 -21.73 -29.96
C SER B 296 -11.46 -23.26 -29.98
N THR B 297 -12.52 -23.90 -29.55
CA THR B 297 -12.65 -25.36 -29.55
C THR B 297 -12.64 -25.84 -31.00
N PHE B 298 -13.28 -25.07 -31.89
CA PHE B 298 -13.45 -25.31 -33.32
C PHE B 298 -12.11 -25.38 -34.05
N ASN B 299 -11.24 -24.39 -33.83
CA ASN B 299 -9.92 -24.27 -34.44
C ASN B 299 -9.01 -25.33 -33.96
N GLN B 300 -9.08 -25.65 -32.65
CA GLN B 300 -8.34 -26.74 -31.99
C GLN B 300 -8.73 -28.06 -32.60
N LEU B 301 -10.03 -28.30 -32.83
CA LEU B 301 -10.54 -29.53 -33.41
C LEU B 301 -10.09 -29.69 -34.88
N MET B 302 -10.04 -28.57 -35.63
CA MET B 302 -9.53 -28.51 -37.01
C MET B 302 -8.06 -28.94 -37.04
N ILE B 303 -7.23 -28.33 -36.18
CA ILE B 303 -5.80 -28.62 -36.11
C ILE B 303 -5.54 -30.06 -35.60
N SER B 304 -6.22 -30.48 -34.50
CA SER B 304 -6.08 -31.80 -33.92
C SER B 304 -6.46 -32.92 -34.89
N GLN B 305 -7.53 -32.76 -35.69
CA GLN B 305 -7.92 -33.80 -36.65
C GLN B 305 -6.90 -33.96 -37.79
N LEU B 306 -6.32 -32.85 -38.26
CA LEU B 306 -5.26 -32.80 -39.29
C LEU B 306 -3.98 -33.47 -38.75
N LEU B 307 -3.52 -32.97 -37.58
CA LEU B 307 -2.33 -33.45 -36.90
C LEU B 307 -2.40 -34.94 -36.61
N HIS B 308 -3.55 -35.44 -36.07
CA HIS B 308 -3.68 -36.88 -35.78
C HIS B 308 -3.64 -37.78 -37.04
N GLU B 309 -4.20 -37.31 -38.17
CA GLU B 309 -4.22 -38.05 -39.42
C GLU B 309 -2.86 -38.05 -40.12
N TRP B 310 -2.11 -36.94 -39.98
CA TRP B 310 -0.77 -36.82 -40.59
C TRP B 310 0.22 -37.74 -39.88
N GLY B 311 0.22 -37.65 -38.54
CA GLY B 311 1.15 -38.34 -37.66
C GLY B 311 2.35 -37.42 -37.47
N GLU B 312 3.31 -37.80 -36.61
CA GLU B 312 4.50 -36.97 -36.40
C GLU B 312 5.43 -36.99 -37.64
N GLU B 313 5.09 -37.85 -38.63
CA GLU B 313 5.78 -38.08 -39.87
C GLU B 313 5.18 -37.24 -40.99
N GLY B 314 3.85 -37.23 -41.11
CA GLY B 314 3.09 -36.44 -42.10
C GLY B 314 3.19 -34.95 -41.86
N PHE B 315 3.24 -34.57 -40.56
CA PHE B 315 3.50 -33.28 -40.01
C PHE B 315 4.85 -32.78 -40.50
N MET B 316 5.91 -33.58 -40.29
CA MET B 316 7.30 -33.28 -40.68
C MET B 316 7.50 -33.19 -42.19
N ALA B 317 6.73 -33.99 -42.96
CA ALA B 317 6.76 -33.93 -44.42
C ALA B 317 6.22 -32.56 -44.84
N HIS B 318 5.14 -32.12 -44.15
CA HIS B 318 4.54 -30.81 -44.35
C HIS B 318 5.56 -29.74 -43.98
N VAL B 319 6.19 -29.81 -42.77
CA VAL B 319 7.21 -28.82 -42.46
C VAL B 319 8.27 -28.66 -43.56
N ASP B 320 8.73 -29.80 -44.09
CA ASP B 320 9.68 -29.86 -45.21
C ASP B 320 9.19 -29.16 -46.52
N ARG B 321 7.87 -29.19 -46.84
CA ARG B 321 7.34 -28.51 -48.04
C ARG B 321 7.28 -27.02 -47.84
N VAL B 322 7.04 -26.63 -46.57
CA VAL B 322 6.99 -25.23 -46.14
C VAL B 322 8.39 -24.62 -46.21
N ILE B 323 9.43 -25.27 -45.62
CA ILE B 323 10.83 -24.81 -45.66
C ILE B 323 11.26 -24.64 -47.12
N ASP B 324 10.87 -25.57 -48.00
CA ASP B 324 11.18 -25.58 -49.44
C ASP B 324 10.68 -24.33 -50.13
N PHE B 325 9.41 -23.96 -49.87
CA PHE B 325 8.80 -22.74 -50.39
C PHE B 325 9.58 -21.52 -49.87
N TYR B 326 9.77 -21.40 -48.53
CA TYR B 326 10.52 -20.29 -47.96
C TYR B 326 12.01 -20.21 -48.33
N SER B 327 12.68 -21.34 -48.65
CA SER B 327 14.09 -21.30 -49.11
C SER B 327 14.17 -20.57 -50.49
N ASN B 328 13.29 -20.96 -51.43
CA ASN B 328 13.09 -20.44 -52.77
C ASN B 328 12.71 -19.00 -52.78
N GLN B 329 12.02 -18.54 -51.73
CA GLN B 329 11.63 -17.15 -51.52
C GLN B 329 12.84 -16.34 -51.03
N LYS B 330 13.66 -16.92 -50.12
CA LYS B 330 14.89 -16.37 -49.56
C LYS B 330 15.95 -16.23 -50.71
N ASP B 331 15.99 -17.26 -51.57
CA ASP B 331 16.92 -17.28 -52.69
C ASP B 331 16.59 -16.13 -53.64
N ALA B 332 15.28 -15.87 -53.80
CA ALA B 332 14.74 -14.81 -54.68
C ALA B 332 15.00 -13.37 -54.15
N ILE B 333 14.82 -13.13 -52.83
CA ILE B 333 15.10 -11.82 -52.21
C ILE B 333 16.60 -11.52 -52.25
N LEU B 334 17.43 -12.55 -52.04
CA LEU B 334 18.90 -12.60 -52.06
C LEU B 334 19.41 -12.26 -53.46
N ALA B 335 18.78 -12.85 -54.53
CA ALA B 335 19.10 -12.59 -55.94
C ALA B 335 18.82 -11.11 -56.32
N ALA B 336 17.68 -10.57 -55.85
CA ALA B 336 17.20 -9.22 -56.03
C ALA B 336 18.13 -8.23 -55.32
N ALA B 337 18.50 -8.51 -54.05
CA ALA B 337 19.42 -7.66 -53.27
C ALA B 337 20.85 -7.72 -53.83
N ASP B 338 21.26 -8.85 -54.45
CA ASP B 338 22.57 -8.98 -55.08
C ASP B 338 22.65 -8.06 -56.30
N LYS B 339 21.58 -8.04 -57.09
CA LYS B 339 21.36 -7.28 -58.31
C LYS B 339 21.32 -5.79 -58.09
N TRP B 340 20.60 -5.32 -57.05
CA TRP B 340 20.41 -3.88 -56.83
C TRP B 340 21.14 -3.27 -55.64
N LEU B 341 21.34 -4.03 -54.56
CA LEU B 341 21.84 -3.49 -53.32
C LEU B 341 23.30 -3.60 -53.01
N THR B 342 24.05 -4.49 -53.69
CA THR B 342 25.51 -4.66 -53.49
C THR B 342 26.26 -3.33 -53.72
N GLY B 343 27.05 -2.95 -52.71
CA GLY B 343 27.77 -1.68 -52.72
C GLY B 343 27.00 -0.52 -52.11
N LEU B 344 25.67 -0.67 -52.01
CA LEU B 344 24.75 0.31 -51.41
C LEU B 344 24.31 -0.14 -50.02
N ALA B 345 24.28 -1.45 -49.80
CA ALA B 345 23.83 -2.05 -48.54
C ALA B 345 24.59 -3.31 -48.13
N GLU B 346 24.41 -3.73 -46.87
CA GLU B 346 25.00 -4.95 -46.27
C GLU B 346 23.89 -5.75 -45.62
N TRP B 347 24.01 -7.07 -45.69
CA TRP B 347 23.06 -8.02 -45.12
C TRP B 347 23.74 -9.34 -44.91
N HIS B 348 23.28 -10.08 -43.91
CA HIS B 348 23.73 -11.44 -43.63
C HIS B 348 22.63 -12.33 -44.18
N VAL B 349 22.99 -13.56 -44.56
CA VAL B 349 21.99 -14.48 -45.07
C VAL B 349 21.17 -15.02 -43.88
N PRO B 350 19.81 -14.92 -43.87
CA PRO B 350 19.06 -15.50 -42.75
C PRO B 350 19.24 -17.02 -42.63
N ALA B 351 19.32 -17.50 -41.38
CA ALA B 351 19.48 -18.92 -41.02
C ALA B 351 18.10 -19.58 -40.94
N ALA B 352 17.10 -18.82 -40.48
CA ALA B 352 15.70 -19.25 -40.36
C ALA B 352 14.83 -18.03 -40.49
N GLY B 353 13.53 -18.23 -40.62
CA GLY B 353 12.56 -17.14 -40.69
C GLY B 353 12.16 -16.67 -42.06
N MET B 354 11.49 -15.49 -42.13
CA MET B 354 11.00 -14.91 -43.39
C MET B 354 11.43 -13.48 -43.62
N PHE B 355 12.53 -13.05 -42.98
CA PHE B 355 13.00 -11.68 -43.10
C PHE B 355 14.47 -11.57 -43.40
N LEU B 356 14.82 -10.53 -44.18
CA LEU B 356 16.20 -10.14 -44.49
C LEU B 356 16.39 -8.79 -43.80
N TRP B 357 17.43 -8.67 -42.98
CA TRP B 357 17.80 -7.45 -42.24
C TRP B 357 18.92 -6.78 -43.09
N ILE B 358 18.60 -5.62 -43.70
CA ILE B 358 19.50 -4.90 -44.59
C ILE B 358 20.04 -3.64 -43.93
N LYS B 359 21.38 -3.46 -43.94
CA LYS B 359 22.01 -2.25 -43.39
C LYS B 359 22.38 -1.35 -44.57
N VAL B 360 21.84 -0.13 -44.59
CA VAL B 360 22.10 0.85 -45.65
C VAL B 360 23.45 1.52 -45.37
N LYS B 361 24.37 1.45 -46.35
CA LYS B 361 25.76 1.88 -46.28
C LYS B 361 26.09 3.30 -45.80
N GLY B 362 25.53 4.33 -46.41
CA GLY B 362 25.88 5.71 -46.04
C GLY B 362 24.81 6.57 -45.40
N ILE B 363 23.73 5.93 -44.91
CA ILE B 363 22.64 6.65 -44.26
C ILE B 363 22.60 6.25 -42.76
N ASN B 364 22.49 7.25 -41.86
CA ASN B 364 22.43 7.07 -40.39
C ASN B 364 21.03 6.66 -39.94
N ASP B 365 19.98 7.24 -40.56
CA ASP B 365 18.59 6.99 -40.27
C ASP B 365 17.84 6.83 -41.58
N VAL B 366 17.29 5.62 -41.78
CA VAL B 366 16.56 5.24 -42.98
C VAL B 366 15.05 5.48 -42.76
N LYS B 367 14.70 6.12 -41.63
CA LYS B 367 13.32 6.42 -41.24
C LYS B 367 12.58 7.23 -42.28
N GLU B 368 13.17 8.35 -42.77
CA GLU B 368 12.50 9.14 -43.80
C GLU B 368 12.50 8.48 -45.20
N LEU B 369 13.60 7.78 -45.57
CA LEU B 369 13.73 7.05 -46.83
C LEU B 369 12.66 5.97 -47.01
N ILE B 370 12.33 5.23 -45.94
CA ILE B 370 11.37 4.12 -45.90
C ILE B 370 9.93 4.54 -45.62
N GLU B 371 9.72 5.50 -44.68
CA GLU B 371 8.37 5.95 -44.26
C GLU B 371 7.78 7.04 -45.12
N GLU B 372 8.62 7.88 -45.70
CA GLU B 372 8.14 8.97 -46.54
C GLU B 372 8.37 8.62 -48.02
N LYS B 373 9.63 8.59 -48.46
CA LYS B 373 10.08 8.37 -49.84
C LYS B 373 9.70 7.06 -50.49
N ALA B 374 9.88 5.93 -49.78
CA ALA B 374 9.58 4.60 -50.33
C ALA B 374 8.09 4.37 -50.45
N VAL B 375 7.34 4.86 -49.44
CA VAL B 375 5.87 4.79 -49.37
C VAL B 375 5.26 5.53 -50.57
N LYS B 376 5.70 6.77 -50.84
CA LYS B 376 5.28 7.65 -51.94
C LYS B 376 5.55 7.02 -53.35
N MET B 377 6.46 6.03 -53.40
CA MET B 377 6.88 5.26 -54.59
C MET B 377 6.15 3.92 -54.71
N GLY B 378 5.44 3.56 -53.64
CA GLY B 378 4.60 2.37 -53.59
C GLY B 378 5.29 1.12 -53.10
N VAL B 379 6.44 1.27 -52.40
CA VAL B 379 7.22 0.16 -51.89
C VAL B 379 7.31 0.19 -50.35
N LEU B 380 6.73 -0.83 -49.72
CA LEU B 380 6.68 -0.93 -48.28
C LEU B 380 7.71 -1.89 -47.71
N MET B 381 8.42 -1.44 -46.67
CA MET B 381 9.42 -2.17 -45.90
C MET B 381 9.37 -1.62 -44.48
N LEU B 382 10.06 -2.24 -43.55
CA LEU B 382 10.02 -1.73 -42.18
C LEU B 382 11.29 -1.06 -41.74
N PRO B 383 11.19 0.15 -41.13
CA PRO B 383 12.41 0.81 -40.63
C PRO B 383 12.93 0.06 -39.40
N GLY B 384 14.24 0.04 -39.23
CA GLY B 384 14.92 -0.64 -38.13
C GLY B 384 14.56 -0.17 -36.75
N ASN B 385 14.07 1.09 -36.62
CA ASN B 385 13.65 1.77 -35.40
C ASN B 385 12.64 0.96 -34.58
N ALA B 386 11.77 0.20 -35.30
CA ALA B 386 10.65 -0.58 -34.74
C ALA B 386 11.08 -1.79 -33.91
N PHE B 387 12.34 -2.18 -34.04
CA PHE B 387 12.87 -3.38 -33.40
C PHE B 387 13.84 -3.09 -32.23
N TYR B 388 13.83 -1.84 -31.72
CA TYR B 388 14.67 -1.40 -30.60
C TYR B 388 13.83 -0.86 -29.49
N VAL B 389 14.36 -0.93 -28.26
CA VAL B 389 13.70 -0.40 -27.05
C VAL B 389 13.54 1.11 -27.23
N ASP B 390 14.61 1.79 -27.66
CA ASP B 390 14.55 3.22 -27.96
C ASP B 390 14.37 3.39 -29.47
N SER B 391 13.11 3.57 -29.86
CA SER B 391 12.63 3.75 -31.24
C SER B 391 12.96 5.13 -31.79
N SER B 392 13.25 6.09 -30.89
CA SER B 392 13.61 7.46 -31.23
C SER B 392 15.06 7.51 -31.75
N ALA B 393 15.85 6.48 -31.40
CA ALA B 393 17.25 6.34 -31.81
C ALA B 393 17.32 6.06 -33.32
N PRO B 394 18.27 6.70 -34.06
CA PRO B 394 18.33 6.46 -35.51
C PRO B 394 18.83 5.06 -35.83
N SER B 395 18.31 4.47 -36.91
CA SER B 395 18.71 3.17 -37.35
C SER B 395 19.02 3.15 -38.83
N PRO B 396 20.18 2.60 -39.23
CA PRO B 396 20.49 2.50 -40.67
C PRO B 396 19.91 1.21 -41.28
N TYR B 397 19.12 0.45 -40.49
CA TYR B 397 18.57 -0.83 -40.92
C TYR B 397 17.12 -0.79 -41.36
N LEU B 398 16.75 -1.78 -42.17
CA LEU B 398 15.39 -2.01 -42.61
C LEU B 398 15.11 -3.51 -42.60
N ARG B 399 13.84 -3.90 -42.42
CA ARG B 399 13.47 -5.30 -42.50
C ARG B 399 12.64 -5.52 -43.76
N ALA B 400 13.05 -6.50 -44.58
CA ALA B 400 12.35 -6.87 -45.81
C ALA B 400 11.81 -8.28 -45.64
N SER B 401 10.54 -8.47 -45.81
CA SER B 401 9.90 -9.77 -45.70
C SER B 401 9.90 -10.46 -47.07
N PHE B 402 10.19 -11.78 -47.08
CA PHE B 402 10.21 -12.55 -48.34
C PHE B 402 9.11 -13.63 -48.44
N SER B 403 8.14 -13.60 -47.51
CA SER B 403 7.03 -14.56 -47.44
C SER B 403 6.08 -14.65 -48.64
N SER B 404 5.61 -13.50 -49.12
CA SER B 404 4.58 -13.41 -50.16
C SER B 404 5.03 -12.83 -51.50
N ALA B 405 5.96 -11.86 -51.49
CA ALA B 405 6.40 -11.20 -52.72
C ALA B 405 6.95 -12.15 -53.75
N SER B 406 6.62 -11.88 -55.01
CA SER B 406 7.10 -12.68 -56.12
C SER B 406 8.47 -12.16 -56.50
N PRO B 407 9.33 -12.98 -57.16
CA PRO B 407 10.64 -12.49 -57.59
C PRO B 407 10.58 -11.14 -58.30
N GLU B 408 9.67 -10.98 -59.26
CA GLU B 408 9.50 -9.76 -60.06
C GLU B 408 9.05 -8.55 -59.23
N GLN B 409 8.36 -8.77 -58.09
CA GLN B 409 7.96 -7.71 -57.18
C GLN B 409 9.20 -7.25 -56.39
N MET B 410 10.06 -8.20 -55.96
CA MET B 410 11.30 -7.95 -55.20
C MET B 410 12.29 -7.09 -56.02
N ASP B 411 12.39 -7.40 -57.32
CA ASP B 411 13.21 -6.72 -58.32
C ASP B 411 12.82 -5.24 -58.43
N VAL B 412 11.51 -4.97 -58.48
CA VAL B 412 10.94 -3.63 -58.57
C VAL B 412 11.12 -2.89 -57.22
N ALA B 413 10.84 -3.55 -56.08
CA ALA B 413 11.01 -3.01 -54.73
C ALA B 413 12.45 -2.52 -54.52
N PHE B 414 13.45 -3.41 -54.76
CA PHE B 414 14.87 -3.10 -54.60
C PHE B 414 15.44 -2.13 -55.57
N GLN B 415 14.93 -2.06 -56.81
CA GLN B 415 15.37 -1.02 -57.72
C GLN B 415 14.95 0.34 -57.14
N VAL B 416 13.68 0.46 -56.68
CA VAL B 416 13.19 1.70 -56.05
C VAL B 416 14.10 2.09 -54.87
N LEU B 417 14.42 1.15 -53.97
CA LEU B 417 15.32 1.30 -52.83
C LEU B 417 16.71 1.74 -53.25
N ALA B 418 17.33 1.12 -54.29
CA ALA B 418 18.67 1.51 -54.75
C ALA B 418 18.61 2.95 -55.28
N GLN B 419 17.53 3.26 -56.05
CA GLN B 419 17.29 4.59 -56.59
C GLN B 419 17.14 5.56 -55.45
N LEU B 420 16.36 5.20 -54.39
CA LEU B 420 16.18 6.07 -53.21
C LEU B 420 17.43 6.15 -52.33
N ILE B 421 18.26 5.09 -52.35
CA ILE B 421 19.50 5.10 -51.57
C ILE B 421 20.44 6.05 -52.28
N LYS B 422 20.48 6.01 -53.63
CA LYS B 422 21.31 6.90 -54.47
C LYS B 422 20.88 8.34 -54.35
N GLU B 423 19.56 8.66 -54.39
CA GLU B 423 19.05 10.04 -54.29
C GLU B 423 19.38 10.71 -52.94
N SER B 424 19.74 9.87 -51.95
CA SER B 424 20.10 10.31 -50.61
C SER B 424 21.60 10.56 -50.43
N LEU B 425 22.43 9.92 -51.25
CA LEU B 425 23.89 10.05 -51.24
C LEU B 425 24.36 11.07 -52.30
N LEU B 426 23.48 11.38 -53.29
CA LEU B 426 23.70 12.34 -54.39
C LEU B 426 23.37 13.80 -54.02
N VAL B 427 23.17 14.10 -52.72
CA VAL B 427 22.91 15.46 -52.24
C VAL B 427 24.24 16.13 -51.78
N PRO B 428 24.87 17.03 -52.60
CA PRO B 428 26.14 17.64 -52.18
C PRO B 428 25.96 18.98 -51.48
N MET C 1 -2.21 42.17 30.39
CA MET C 1 -1.70 41.19 31.35
C MET C 1 -0.18 40.94 31.22
N ASN C 2 0.44 40.57 32.36
CA ASN C 2 1.86 40.27 32.48
C ASN C 2 2.05 38.79 32.77
N TYR C 3 2.52 38.05 31.76
CA TYR C 3 2.76 36.62 31.84
C TYR C 3 4.08 36.26 32.50
N ALA C 4 5.00 37.25 32.65
CA ALA C 4 6.32 37.08 33.27
C ALA C 4 6.29 36.50 34.68
N ARG C 5 5.21 36.78 35.46
CA ARG C 5 5.09 36.22 36.80
C ARG C 5 4.69 34.73 36.79
N PHE C 6 4.15 34.23 35.65
CA PHE C 6 3.73 32.84 35.46
C PHE C 6 4.75 31.96 34.72
N ILE C 7 5.93 32.52 34.37
CA ILE C 7 7.01 31.81 33.67
C ILE C 7 8.28 31.73 34.53
N THR C 8 8.79 30.50 34.74
CA THR C 8 10.00 30.25 35.55
C THR C 8 11.25 30.72 34.80
N ALA C 9 12.39 30.87 35.51
CA ALA C 9 13.66 31.32 34.91
C ALA C 9 14.13 30.36 33.82
N ALA C 10 13.96 29.06 34.07
CA ALA C 10 14.31 27.98 33.16
C ALA C 10 13.49 28.05 31.87
N SER C 11 12.14 28.18 32.00
CA SER C 11 11.27 28.27 30.81
C SER C 11 11.46 29.57 30.02
N ALA C 12 11.77 30.68 30.70
CA ALA C 12 12.03 31.99 30.05
C ALA C 12 13.31 31.95 29.20
N ALA C 13 14.31 31.14 29.65
CA ALA C 13 15.61 30.96 29.02
C ALA C 13 15.57 30.12 27.72
N ARG C 14 14.44 29.41 27.46
CA ARG C 14 14.26 28.55 26.30
C ARG C 14 14.28 29.36 25.03
N ASN C 15 15.05 28.87 24.06
CA ASN C 15 15.22 29.52 22.77
C ASN C 15 14.71 28.66 21.63
N PRO C 16 14.22 29.27 20.53
CA PRO C 16 13.77 28.45 19.39
C PRO C 16 14.98 27.82 18.71
N SER C 17 14.77 26.65 18.07
CA SER C 17 15.83 25.90 17.41
C SER C 17 16.51 26.75 16.33
N PRO C 18 17.83 27.00 16.38
CA PRO C 18 18.47 27.79 15.30
C PRO C 18 18.44 27.02 13.97
N ILE C 19 18.31 25.67 14.05
CA ILE C 19 18.21 24.69 12.97
C ILE C 19 16.87 24.86 12.25
N ARG C 20 15.77 24.97 13.02
CA ARG C 20 14.42 25.11 12.49
C ARG C 20 14.17 26.49 11.88
N THR C 21 14.89 27.52 12.37
CA THR C 21 14.79 28.91 11.89
C THR C 21 15.17 28.98 10.41
N MET C 22 16.16 28.16 9.99
CA MET C 22 16.64 28.03 8.62
C MET C 22 15.67 27.19 7.80
N THR C 23 15.11 26.11 8.42
CA THR C 23 14.14 25.19 7.83
C THR C 23 12.91 26.01 7.41
N ASP C 24 12.51 26.97 8.24
CA ASP C 24 11.34 27.79 7.97
C ASP C 24 11.44 28.71 6.76
N ILE C 25 12.65 29.16 6.41
CA ILE C 25 12.88 30.00 5.23
C ILE C 25 12.72 29.13 3.98
N LEU C 26 12.96 27.80 4.11
CA LEU C 26 12.82 26.81 3.03
C LEU C 26 11.34 26.62 2.71
N SER C 27 10.48 26.47 3.76
CA SER C 27 9.03 26.28 3.63
C SER C 27 8.31 27.55 3.15
N ARG C 28 8.86 28.72 3.49
CA ARG C 28 8.37 30.04 3.07
C ARG C 28 9.13 30.52 1.80
N GLY C 29 9.74 29.57 1.08
CA GLY C 29 10.52 29.89 -0.10
C GLY C 29 10.12 29.17 -1.37
N PRO C 30 10.68 29.62 -2.53
CA PRO C 30 10.36 28.97 -3.81
C PRO C 30 10.91 27.54 -3.97
N LYS C 31 10.34 26.76 -4.92
CA LYS C 31 10.74 25.37 -5.21
C LYS C 31 12.20 25.26 -5.71
N SER C 32 12.74 26.35 -6.28
CA SER C 32 14.11 26.44 -6.79
C SER C 32 15.19 26.38 -5.68
N MET C 33 14.79 26.61 -4.40
CA MET C 33 15.67 26.61 -3.23
C MET C 33 16.33 25.26 -2.95
N ILE C 34 17.63 25.30 -2.62
CA ILE C 34 18.42 24.12 -2.27
C ILE C 34 18.74 24.19 -0.78
N SER C 35 18.46 23.11 -0.07
CA SER C 35 18.74 23.03 1.37
C SER C 35 19.76 21.95 1.69
N LEU C 36 20.78 22.35 2.45
CA LEU C 36 21.84 21.53 3.02
C LEU C 36 21.82 21.91 4.50
N ALA C 37 20.69 22.49 4.96
CA ALA C 37 20.50 22.99 6.31
C ALA C 37 20.07 21.90 7.30
N GLY C 38 18.84 21.43 7.16
CA GLY C 38 18.24 20.45 8.06
C GLY C 38 18.84 19.06 8.05
N GLY C 39 18.69 18.39 9.19
CA GLY C 39 19.14 17.02 9.37
C GLY C 39 18.04 16.02 9.12
N LEU C 40 17.13 16.35 8.18
CA LEU C 40 16.00 15.47 7.82
C LEU C 40 16.54 14.28 7.01
N PRO C 41 16.31 13.03 7.49
CA PRO C 41 16.79 11.86 6.75
C PRO C 41 16.05 11.66 5.44
N ASN C 42 16.61 10.86 4.54
CA ASN C 42 15.98 10.60 3.26
C ASN C 42 14.80 9.64 3.49
N PRO C 43 13.54 10.08 3.23
CA PRO C 43 12.39 9.21 3.51
C PRO C 43 12.27 7.95 2.65
N ASN C 44 12.97 7.88 1.50
CA ASN C 44 12.92 6.70 0.63
C ASN C 44 13.62 5.47 1.25
N MET C 45 14.35 5.69 2.37
CA MET C 45 15.10 4.70 3.13
C MET C 45 14.24 4.05 4.20
N PHE C 46 13.06 4.64 4.47
CA PHE C 46 12.13 4.13 5.47
C PHE C 46 11.42 2.88 4.94
N PRO C 47 11.27 1.80 5.75
CA PRO C 47 10.70 0.55 5.21
C PRO C 47 9.20 0.49 4.95
N PHE C 48 8.38 1.28 5.67
CA PHE C 48 6.93 1.31 5.48
C PHE C 48 6.59 2.19 4.26
N LYS C 49 5.81 1.64 3.31
CA LYS C 49 5.54 2.33 2.04
C LYS C 49 4.16 2.92 1.81
N THR C 50 3.10 2.24 2.23
CA THR C 50 1.72 2.72 2.11
C THR C 50 0.95 2.24 3.32
N ALA C 51 -0.16 2.92 3.62
CA ALA C 51 -1.02 2.54 4.73
C ALA C 51 -2.45 2.69 4.31
N VAL C 52 -3.27 1.71 4.65
CA VAL C 52 -4.70 1.75 4.44
C VAL C 52 -5.39 1.44 5.76
N ILE C 53 -6.03 2.46 6.33
CA ILE C 53 -6.75 2.38 7.59
C ILE C 53 -8.25 2.48 7.35
N THR C 54 -9.00 1.47 7.78
CA THR C 54 -10.45 1.47 7.63
C THR C 54 -11.10 2.24 8.78
N VAL C 55 -12.21 2.94 8.48
CA VAL C 55 -12.98 3.75 9.44
C VAL C 55 -14.40 3.18 9.62
N GLU C 56 -14.93 3.20 10.88
CA GLU C 56 -16.29 2.74 11.21
C GLU C 56 -17.25 3.83 10.74
N ASN C 57 -18.12 3.50 9.77
CA ASN C 57 -19.09 4.41 9.13
C ASN C 57 -18.32 5.63 8.61
N GLY C 58 -17.52 5.40 7.58
CA GLY C 58 -16.68 6.43 7.00
C GLY C 58 -15.70 5.92 5.97
N LYS C 59 -15.09 6.88 5.25
CA LYS C 59 -14.13 6.64 4.19
C LYS C 59 -12.83 6.01 4.72
N THR C 60 -12.27 5.08 3.93
CA THR C 60 -11.01 4.41 4.21
C THR C 60 -9.87 5.43 4.09
N ILE C 61 -9.10 5.62 5.17
CA ILE C 61 -7.96 6.56 5.15
C ILE C 61 -6.80 5.85 4.45
N GLN C 62 -6.32 6.44 3.36
CA GLN C 62 -5.21 5.88 2.58
C GLN C 62 -4.00 6.80 2.55
N PHE C 63 -2.83 6.25 2.91
CA PHE C 63 -1.57 6.97 2.87
C PHE C 63 -0.77 6.43 1.70
N GLY C 64 -0.83 7.14 0.58
CA GLY C 64 -0.07 6.78 -0.60
C GLY C 64 1.41 7.02 -0.37
N GLU C 65 2.27 6.63 -1.34
CA GLU C 65 3.74 6.74 -1.27
C GLU C 65 4.26 8.07 -0.71
N GLU C 66 3.76 9.20 -1.25
CA GLU C 66 4.12 10.56 -0.87
C GLU C 66 3.63 10.95 0.52
N MET C 67 2.36 10.63 0.83
CA MET C 67 1.71 10.86 2.12
C MET C 67 2.44 10.07 3.21
N MET C 68 2.82 8.81 2.91
CA MET C 68 3.56 7.94 3.82
C MET C 68 4.95 8.50 4.13
N LYS C 69 5.66 9.05 3.12
CA LYS C 69 6.99 9.67 3.30
C LYS C 69 6.88 10.85 4.25
N ARG C 70 5.81 11.67 4.10
CA ARG C 70 5.51 12.82 4.95
C ARG C 70 5.16 12.37 6.38
N ALA C 71 4.31 11.32 6.50
CA ALA C 71 3.87 10.72 7.77
C ALA C 71 5.02 10.07 8.58
N LEU C 72 6.06 9.54 7.90
CA LEU C 72 7.24 8.91 8.50
C LEU C 72 8.40 9.90 8.77
N GLN C 73 8.22 11.16 8.35
CA GLN C 73 9.19 12.24 8.44
C GLN C 73 8.89 13.21 9.60
N TYR C 74 9.91 14.00 10.01
CA TYR C 74 9.79 15.03 11.04
C TYR C 74 8.76 16.09 10.61
N SER C 75 8.18 16.80 11.58
CA SER C 75 7.17 17.86 11.36
C SER C 75 7.25 18.94 12.47
N PRO C 76 6.53 20.10 12.37
CA PRO C 76 6.70 21.15 13.39
C PRO C 76 6.31 20.77 14.81
N SER C 77 6.98 21.42 15.79
CA SER C 77 6.77 21.16 17.22
C SER C 77 5.35 21.39 17.68
N ALA C 78 4.68 22.46 17.17
CA ALA C 78 3.32 22.82 17.53
C ALA C 78 2.27 21.84 16.97
N GLY C 79 2.63 21.16 15.89
CA GLY C 79 1.77 20.20 15.19
C GLY C 79 1.73 20.44 13.70
N ILE C 80 1.11 19.51 12.95
CA ILE C 80 0.97 19.60 11.49
C ILE C 80 0.00 20.76 11.17
N PRO C 81 0.22 21.56 10.09
CA PRO C 81 -0.66 22.72 9.87
C PRO C 81 -2.15 22.44 9.68
N GLU C 82 -2.51 21.29 9.05
CA GLU C 82 -3.91 20.90 8.81
C GLU C 82 -4.67 20.58 10.09
N LEU C 83 -4.02 19.93 11.06
CA LEU C 83 -4.62 19.61 12.36
C LEU C 83 -4.78 20.89 13.16
N LEU C 84 -3.77 21.78 13.12
CA LEU C 84 -3.78 23.08 13.81
C LEU C 84 -4.89 24.01 13.37
N SER C 85 -5.08 24.20 12.04
CA SER C 85 -6.14 25.08 11.53
C SER C 85 -7.54 24.55 11.82
N TRP C 86 -7.71 23.20 11.76
CA TRP C 86 -8.98 22.54 12.02
C TRP C 86 -9.35 22.65 13.51
N LEU C 87 -8.35 22.50 14.42
CA LEU C 87 -8.57 22.59 15.87
C LEU C 87 -8.86 24.01 16.32
N LYS C 88 -8.15 25.02 15.77
CA LYS C 88 -8.40 26.44 16.08
C LYS C 88 -9.84 26.85 15.67
N GLN C 89 -10.28 26.36 14.49
CA GLN C 89 -11.58 26.55 13.83
C GLN C 89 -12.69 26.03 14.74
N LEU C 90 -12.47 24.82 15.30
CA LEU C 90 -13.33 24.11 16.23
C LEU C 90 -13.45 24.87 17.54
N GLN C 91 -12.31 25.36 18.10
CA GLN C 91 -12.29 26.16 19.32
C GLN C 91 -13.12 27.42 19.15
N ILE C 92 -13.03 28.07 17.97
CA ILE C 92 -13.81 29.26 17.63
C ILE C 92 -15.30 28.89 17.52
N LYS C 93 -15.63 27.82 16.78
CA LYS C 93 -17.02 27.34 16.63
C LYS C 93 -17.68 27.05 18.00
N LEU C 94 -16.97 26.29 18.85
CA LEU C 94 -17.44 25.83 20.15
C LEU C 94 -17.36 26.84 21.28
N HIS C 95 -16.21 27.54 21.39
CA HIS C 95 -15.95 28.44 22.51
C HIS C 95 -15.87 29.89 22.16
N ASN C 96 -15.68 30.24 20.87
CA ASN C 96 -15.58 31.61 20.40
C ASN C 96 -14.76 32.49 21.38
N PRO C 97 -13.46 32.16 21.64
CA PRO C 97 -12.68 32.95 22.62
C PRO C 97 -12.60 34.44 22.30
N PRO C 98 -12.67 35.34 23.30
CA PRO C 98 -12.56 36.79 22.97
C PRO C 98 -11.17 37.21 22.51
N THR C 99 -10.15 36.36 22.75
CA THR C 99 -8.74 36.60 22.45
C THR C 99 -8.28 36.38 20.98
N ILE C 100 -9.16 35.82 20.11
CA ILE C 100 -8.86 35.51 18.70
C ILE C 100 -7.98 36.57 18.00
N HIS C 101 -8.36 37.86 18.10
CA HIS C 101 -7.59 38.93 17.46
C HIS C 101 -6.76 39.89 18.34
N TYR C 102 -6.47 39.50 19.59
CA TYR C 102 -5.64 40.29 20.51
C TYR C 102 -4.18 40.33 20.03
N PRO C 103 -3.34 41.34 20.39
CA PRO C 103 -1.93 41.28 19.99
C PRO C 103 -1.25 40.10 20.70
N PRO C 104 -0.24 39.43 20.08
CA PRO C 104 0.42 38.29 20.75
C PRO C 104 0.78 38.52 22.22
N SER C 105 1.56 39.57 22.54
CA SER C 105 2.02 39.95 23.88
C SER C 105 0.91 40.14 24.93
N GLN C 106 -0.31 40.47 24.46
CA GLN C 106 -1.48 40.67 25.31
C GLN C 106 -2.27 39.37 25.57
N GLY C 107 -1.81 38.27 24.98
CA GLY C 107 -2.39 36.95 25.16
C GLY C 107 -3.35 36.42 24.12
N GLN C 108 -3.02 36.64 22.82
CA GLN C 108 -3.78 36.17 21.66
C GLN C 108 -3.98 34.64 21.75
N MET C 109 -5.10 34.13 21.25
CA MET C 109 -5.33 32.69 21.27
C MET C 109 -4.33 31.98 20.38
N ASP C 110 -3.67 30.97 20.95
CA ASP C 110 -2.75 30.07 20.27
C ASP C 110 -3.07 28.65 20.68
N LEU C 111 -2.78 27.70 19.79
CA LEU C 111 -3.05 26.28 20.01
C LEU C 111 -1.85 25.45 19.59
N CYS C 112 -1.58 24.37 20.35
CA CYS C 112 -0.53 23.41 20.02
C CYS C 112 -0.98 21.99 20.30
N VAL C 113 -0.60 21.07 19.40
CA VAL C 113 -0.89 19.65 19.50
C VAL C 113 0.14 19.08 20.48
N THR C 114 -0.35 18.33 21.48
CA THR C 114 0.49 17.71 22.49
C THR C 114 0.37 16.18 22.40
N SER C 115 1.27 15.47 23.08
CA SER C 115 1.27 14.02 23.13
C SER C 115 0.38 13.65 24.31
N GLY C 116 -0.93 13.77 24.05
CA GLY C 116 -1.99 13.62 25.04
C GLY C 116 -2.19 14.91 25.80
N SER C 117 -3.32 15.05 26.51
CA SER C 117 -3.58 16.26 27.31
C SER C 117 -2.61 16.31 28.51
N GLN C 118 -2.17 15.14 29.00
CA GLN C 118 -1.19 14.97 30.08
C GLN C 118 0.10 15.75 29.79
N GLN C 119 0.63 15.69 28.53
CA GLN C 119 1.85 16.41 28.14
C GLN C 119 1.69 17.91 28.25
N GLY C 120 0.57 18.42 27.75
CA GLY C 120 0.26 19.84 27.82
C GLY C 120 0.23 20.34 29.26
N LEU C 121 -0.51 19.62 30.13
CA LEU C 121 -0.69 19.93 31.56
C LEU C 121 0.64 19.94 32.29
N CYS C 122 1.45 18.90 32.06
CA CYS C 122 2.79 18.70 32.60
C CYS C 122 3.69 19.87 32.22
N LYS C 123 3.80 20.19 30.91
CA LYS C 123 4.63 21.31 30.43
C LYS C 123 4.18 22.66 30.99
N VAL C 124 2.85 22.83 31.25
CA VAL C 124 2.29 24.05 31.82
C VAL C 124 2.69 24.18 33.29
N PHE C 125 2.55 23.10 34.11
CA PHE C 125 2.92 23.13 35.54
C PHE C 125 4.43 23.40 35.70
N GLU C 126 5.26 22.72 34.86
CA GLU C 126 6.71 22.89 34.84
C GLU C 126 7.09 24.33 34.46
N MET C 127 6.31 24.95 33.55
CA MET C 127 6.48 26.33 33.10
C MET C 127 6.16 27.35 34.22
N ILE C 128 5.12 27.07 35.03
CA ILE C 128 4.61 27.95 36.07
C ILE C 128 5.26 27.79 37.46
N ILE C 129 5.38 26.56 37.95
CA ILE C 129 5.81 26.29 39.32
C ILE C 129 7.28 26.36 39.69
N ASN C 130 7.55 27.13 40.76
CA ASN C 130 8.83 27.30 41.45
C ASN C 130 8.64 26.60 42.80
N PRO C 131 9.66 25.97 43.41
CA PRO C 131 9.44 25.26 44.68
C PRO C 131 8.96 26.21 45.78
N GLY C 132 7.92 25.77 46.50
CA GLY C 132 7.30 26.52 47.58
C GLY C 132 6.13 27.38 47.16
N ASP C 133 5.83 27.45 45.83
CA ASP C 133 4.70 28.22 45.29
C ASP C 133 3.34 27.67 45.77
N ASN C 134 2.31 28.53 45.73
CA ASN C 134 0.96 28.17 46.12
C ASN C 134 0.10 27.95 44.88
N VAL C 135 -0.74 26.89 44.91
CA VAL C 135 -1.68 26.51 43.84
C VAL C 135 -3.06 26.12 44.42
N LEU C 136 -4.14 26.73 43.88
CA LEU C 136 -5.52 26.46 44.25
C LEU C 136 -5.99 25.25 43.44
N LEU C 137 -6.69 24.31 44.10
CA LEU C 137 -7.17 23.06 43.49
C LEU C 137 -8.28 22.47 44.37
N ASP C 138 -9.13 21.61 43.77
CA ASP C 138 -10.23 20.93 44.44
C ASP C 138 -9.99 19.41 44.64
N GLU C 139 -9.64 19.01 45.85
CA GLU C 139 -9.45 17.59 46.20
C GLU C 139 -10.83 16.97 46.51
N PRO C 140 -11.17 15.74 46.03
CA PRO C 140 -10.37 14.82 45.22
C PRO C 140 -10.10 15.31 43.79
N ALA C 141 -8.86 15.11 43.32
CA ALA C 141 -8.40 15.48 41.99
C ALA C 141 -7.81 14.30 41.21
N TYR C 142 -7.63 14.48 39.89
CA TYR C 142 -7.04 13.51 38.97
C TYR C 142 -5.59 13.24 39.41
N SER C 143 -5.29 11.96 39.75
CA SER C 143 -3.99 11.49 40.23
C SER C 143 -2.79 11.92 39.36
N GLY C 144 -2.93 11.82 38.04
CA GLY C 144 -1.92 12.22 37.07
C GLY C 144 -1.40 13.63 37.31
N THR C 145 -2.31 14.57 37.65
CA THR C 145 -1.89 15.93 37.97
C THR C 145 -1.31 16.05 39.39
N LEU C 146 -1.77 15.20 40.34
CA LEU C 146 -1.23 15.17 41.70
C LEU C 146 0.18 14.61 41.65
N GLN C 147 0.42 13.64 40.74
CA GLN C 147 1.75 13.04 40.54
C GLN C 147 2.69 13.95 39.76
N SER C 148 2.13 14.94 39.02
CA SER C 148 2.90 15.92 38.27
C SER C 148 3.25 17.12 39.17
N LEU C 149 2.36 17.43 40.12
CA LEU C 149 2.52 18.53 41.06
C LEU C 149 3.49 18.21 42.21
N HIS C 150 3.40 17.00 42.81
CA HIS C 150 4.24 16.52 43.92
C HIS C 150 5.75 16.74 43.72
N PRO C 151 6.39 16.34 42.57
CA PRO C 151 7.84 16.60 42.42
C PRO C 151 8.21 18.09 42.24
N LEU C 152 7.23 18.94 41.86
CA LEU C 152 7.47 20.37 41.65
C LEU C 152 7.66 21.20 42.92
N GLY C 153 7.39 20.58 44.08
CA GLY C 153 7.58 21.16 45.41
C GLY C 153 6.64 22.27 45.83
N CYS C 154 5.47 22.36 45.18
CA CYS C 154 4.48 23.38 45.50
C CYS C 154 3.61 23.02 46.71
N ASN C 155 2.80 23.99 47.16
CA ASN C 155 1.85 23.83 48.26
C ASN C 155 0.45 23.85 47.64
N ILE C 156 -0.24 22.71 47.68
CA ILE C 156 -1.58 22.60 47.08
C ILE C 156 -2.66 23.02 48.06
N ILE C 157 -3.28 24.18 47.80
CA ILE C 157 -4.37 24.68 48.64
C ILE C 157 -5.72 24.14 48.14
N ASN C 158 -6.36 23.31 48.98
CA ASN C 158 -7.63 22.66 48.70
C ASN C 158 -8.79 23.66 48.75
N VAL C 159 -9.64 23.60 47.73
CA VAL C 159 -10.85 24.42 47.61
C VAL C 159 -12.03 23.45 47.73
N ALA C 160 -12.94 23.71 48.68
CA ALA C 160 -14.11 22.85 48.96
C ALA C 160 -15.08 22.76 47.79
N SER C 161 -15.61 21.55 47.52
CA SER C 161 -16.53 21.31 46.42
C SER C 161 -17.72 20.39 46.75
N ASP C 162 -18.84 20.64 46.05
CA ASP C 162 -20.08 19.88 46.17
C ASP C 162 -20.47 19.30 44.80
N GLU C 163 -21.75 18.89 44.62
CA GLU C 163 -22.24 18.30 43.36
C GLU C 163 -22.14 19.23 42.16
N SER C 164 -22.09 20.55 42.41
CA SER C 164 -21.96 21.55 41.36
C SER C 164 -20.49 22.03 41.21
N GLY C 165 -19.55 21.15 41.54
CA GLY C 165 -18.12 21.43 41.48
C GLY C 165 -17.69 22.40 42.57
N ILE C 166 -16.57 23.14 42.33
CA ILE C 166 -15.99 24.14 43.23
C ILE C 166 -17.04 25.12 43.77
N VAL C 167 -17.04 25.37 45.10
CA VAL C 167 -17.94 26.32 45.76
C VAL C 167 -17.23 27.69 45.66
N PRO C 168 -17.79 28.67 44.89
CA PRO C 168 -17.09 29.96 44.73
C PRO C 168 -16.84 30.74 46.02
N ASP C 169 -17.70 30.54 47.05
CA ASP C 169 -17.53 31.18 48.36
C ASP C 169 -16.36 30.61 49.15
N SER C 170 -16.01 29.33 48.88
CA SER C 170 -14.85 28.67 49.48
C SER C 170 -13.58 29.29 48.88
N LEU C 171 -13.59 29.52 47.55
CA LEU C 171 -12.50 30.13 46.80
C LEU C 171 -12.29 31.57 47.28
N ARG C 172 -13.41 32.30 47.49
CA ARG C 172 -13.45 33.68 47.99
C ARG C 172 -12.86 33.74 49.41
N ASP C 173 -13.12 32.69 50.24
CA ASP C 173 -12.62 32.55 51.60
C ASP C 173 -11.12 32.31 51.65
N ILE C 174 -10.59 31.47 50.75
CA ILE C 174 -9.16 31.18 50.70
C ILE C 174 -8.39 32.43 50.24
N LEU C 175 -8.85 33.06 49.14
CA LEU C 175 -8.21 34.25 48.56
C LEU C 175 -8.24 35.49 49.46
N SER C 176 -9.18 35.53 50.43
CA SER C 176 -9.30 36.65 51.38
C SER C 176 -8.05 36.85 52.26
N ARG C 177 -7.18 35.82 52.40
CA ARG C 177 -5.94 35.89 53.18
C ARG C 177 -4.86 36.77 52.50
N TRP C 178 -5.10 37.12 51.22
CA TRP C 178 -4.27 37.99 50.40
C TRP C 178 -5.10 39.19 49.96
N LYS C 179 -4.44 40.27 49.53
CA LYS C 179 -5.11 41.47 49.03
C LYS C 179 -5.03 41.44 47.49
N PRO C 180 -6.04 41.95 46.74
CA PRO C 180 -5.95 41.94 45.26
C PRO C 180 -4.66 42.55 44.70
N GLU C 181 -4.03 43.47 45.46
CA GLU C 181 -2.76 44.14 45.13
C GLU C 181 -1.53 43.25 45.41
N ASP C 182 -1.68 42.21 46.25
CA ASP C 182 -0.60 41.28 46.59
C ASP C 182 -0.22 40.36 45.41
N ALA C 183 -1.06 40.33 44.35
CA ALA C 183 -0.82 39.56 43.13
C ALA C 183 0.40 40.10 42.37
N LYS C 184 0.57 41.45 42.35
CA LYS C 184 1.67 42.17 41.70
C LYS C 184 3.02 41.90 42.35
N ASN C 185 3.02 41.48 43.63
CA ASN C 185 4.22 41.16 44.39
C ASN C 185 4.47 39.63 44.43
N PRO C 186 5.64 39.13 43.96
CA PRO C 186 5.88 37.67 43.97
C PRO C 186 6.09 37.11 45.38
N GLN C 187 6.79 37.86 46.22
CA GLN C 187 7.15 37.55 47.61
C GLN C 187 5.97 37.43 48.58
N LYS C 188 4.79 38.00 48.24
CA LYS C 188 3.57 37.85 49.05
C LYS C 188 3.01 36.42 48.89
N ASN C 189 3.48 35.71 47.83
CA ASN C 189 3.20 34.32 47.48
C ASN C 189 1.72 33.98 47.24
N THR C 190 1.05 34.78 46.37
CA THR C 190 -0.35 34.58 45.98
C THR C 190 -0.47 33.34 45.10
N PRO C 191 -1.63 32.64 45.03
CA PRO C 191 -1.71 31.44 44.19
C PRO C 191 -1.43 31.77 42.72
N LYS C 192 -0.60 30.95 42.06
CA LYS C 192 -0.24 31.18 40.67
C LYS C 192 -1.41 30.79 39.75
N PHE C 193 -2.07 29.66 40.05
CA PHE C 193 -3.21 29.21 39.27
C PHE C 193 -4.25 28.42 40.03
N LEU C 194 -5.39 28.19 39.36
CA LEU C 194 -6.47 27.35 39.82
C LEU C 194 -6.68 26.31 38.74
N TYR C 195 -6.31 25.05 39.03
CA TYR C 195 -6.50 23.90 38.15
C TYR C 195 -7.90 23.42 38.42
N THR C 196 -8.64 23.16 37.35
CA THR C 196 -10.01 22.66 37.46
C THR C 196 -10.42 21.79 36.29
N VAL C 197 -11.17 20.73 36.59
CA VAL C 197 -11.79 19.81 35.63
C VAL C 197 -13.27 20.20 35.74
N PRO C 198 -13.74 21.17 34.90
CA PRO C 198 -15.12 21.64 35.05
C PRO C 198 -16.21 20.71 34.59
N ASN C 199 -15.90 19.64 33.86
CA ASN C 199 -16.92 18.66 33.47
C ASN C 199 -16.50 17.27 33.89
N GLY C 200 -17.33 16.64 34.72
CA GLY C 200 -17.12 15.30 35.23
C GLY C 200 -15.74 15.07 35.81
N ASN C 201 -15.44 15.86 36.87
CA ASN C 201 -14.19 15.86 37.61
C ASN C 201 -13.74 14.44 37.96
N ASN C 202 -12.47 14.17 37.72
CA ASN C 202 -11.87 12.89 38.05
C ASN C 202 -11.47 12.99 39.56
N PRO C 203 -12.07 12.24 40.50
CA PRO C 203 -12.95 11.05 40.37
C PRO C 203 -14.45 11.19 40.69
N THR C 204 -14.89 12.38 41.13
CA THR C 204 -16.27 12.68 41.56
C THR C 204 -17.38 12.57 40.50
N GLY C 205 -17.09 13.07 39.30
CA GLY C 205 -18.04 13.11 38.18
C GLY C 205 -18.86 14.38 38.15
N ASN C 206 -18.58 15.31 39.07
CA ASN C 206 -19.31 16.57 39.20
C ASN C 206 -18.84 17.65 38.21
N SER C 207 -19.81 18.46 37.74
CA SER C 207 -19.64 19.55 36.78
C SER C 207 -20.01 20.90 37.36
N LEU C 208 -19.26 21.94 37.00
CA LEU C 208 -19.54 23.31 37.43
C LEU C 208 -20.73 23.86 36.66
N THR C 209 -21.44 24.81 37.26
CA THR C 209 -22.55 25.49 36.60
C THR C 209 -21.97 26.73 35.91
N SER C 210 -22.78 27.40 35.03
CA SER C 210 -22.39 28.61 34.30
C SER C 210 -22.13 29.74 35.29
N GLU C 211 -23.02 29.88 36.29
CA GLU C 211 -22.99 30.89 37.35
C GLU C 211 -21.76 30.77 38.22
N ARG C 212 -21.43 29.54 38.63
CA ARG C 212 -20.25 29.25 39.45
C ARG C 212 -18.98 29.61 38.69
N LYS C 213 -18.91 29.25 37.38
CA LYS C 213 -17.79 29.53 36.47
C LYS C 213 -17.53 31.04 36.36
N LYS C 214 -18.60 31.85 36.25
CA LYS C 214 -18.52 33.31 36.16
C LYS C 214 -17.98 33.92 37.46
N GLU C 215 -18.36 33.34 38.63
CA GLU C 215 -17.88 33.79 39.94
C GLU C 215 -16.40 33.44 40.12
N ILE C 216 -15.98 32.31 39.53
CA ILE C 216 -14.60 31.83 39.60
C ILE C 216 -13.72 32.70 38.70
N TYR C 217 -14.21 33.03 37.47
CA TYR C 217 -13.48 33.89 36.55
C TYR C 217 -13.29 35.31 37.11
N GLU C 218 -14.33 35.89 37.77
CA GLU C 218 -14.24 37.22 38.38
C GLU C 218 -13.23 37.26 39.55
N LEU C 219 -13.08 36.12 40.26
CA LEU C 219 -12.12 35.96 41.35
C LEU C 219 -10.71 35.82 40.79
N ALA C 220 -10.60 35.16 39.60
CA ALA C 220 -9.34 34.97 38.88
C ALA C 220 -8.83 36.32 38.40
N ARG C 221 -9.76 37.19 37.97
CA ARG C 221 -9.50 38.54 37.51
C ARG C 221 -9.09 39.43 38.72
N LYS C 222 -9.73 39.25 39.89
CA LYS C 222 -9.48 40.01 41.13
C LYS C 222 -8.12 39.75 41.79
N TYR C 223 -7.73 38.47 41.95
CA TYR C 223 -6.47 38.10 42.60
C TYR C 223 -5.40 37.68 41.58
N ASP C 224 -5.65 38.08 40.30
CA ASP C 224 -4.81 37.84 39.13
C ASP C 224 -4.13 36.47 39.08
N PHE C 225 -4.92 35.41 38.91
CA PHE C 225 -4.39 34.06 38.79
C PHE C 225 -4.93 33.39 37.53
N LEU C 226 -4.16 32.45 36.96
CA LEU C 226 -4.59 31.76 35.74
C LEU C 226 -5.56 30.63 36.06
N ILE C 227 -6.33 30.20 35.05
CA ILE C 227 -7.25 29.07 35.19
C ILE C 227 -6.79 27.97 34.24
N ILE C 228 -6.36 26.83 34.78
CA ILE C 228 -5.96 25.68 33.97
C ILE C 228 -7.17 24.75 33.86
N GLU C 229 -7.93 24.98 32.79
CA GLU C 229 -9.17 24.26 32.51
C GLU C 229 -8.85 22.96 31.81
N ASP C 230 -8.73 21.89 32.58
CA ASP C 230 -8.46 20.58 32.05
C ASP C 230 -9.86 19.96 31.80
N ASP C 231 -10.32 19.99 30.53
CA ASP C 231 -11.67 19.57 30.14
C ASP C 231 -11.68 18.34 29.22
N PRO C 232 -11.26 17.15 29.70
CA PRO C 232 -11.28 15.98 28.83
C PRO C 232 -12.67 15.39 28.62
N TYR C 233 -13.65 15.78 29.47
CA TYR C 233 -15.04 15.29 29.45
C TYR C 233 -16.06 16.28 28.92
N TYR C 234 -15.58 17.37 28.28
CA TYR C 234 -16.40 18.40 27.63
C TYR C 234 -17.30 17.73 26.56
N PHE C 235 -16.77 16.71 25.88
CA PHE C 235 -17.50 15.94 24.87
C PHE C 235 -18.18 14.66 25.41
N LEU C 236 -18.16 14.46 26.76
CA LEU C 236 -18.76 13.29 27.43
C LEU C 236 -19.79 13.69 28.50
N GLN C 237 -20.53 14.79 28.27
CA GLN C 237 -21.55 15.24 29.21
C GLN C 237 -22.85 14.48 29.01
N PHE C 238 -23.44 13.98 30.12
CA PHE C 238 -24.68 13.19 30.12
C PHE C 238 -25.89 14.06 30.41
N ASN C 239 -26.95 13.95 29.55
CA ASN C 239 -28.22 14.68 29.63
C ASN C 239 -28.04 16.14 30.05
N SER C 240 -27.21 16.87 29.28
CA SER C 240 -26.93 18.28 29.53
C SER C 240 -26.66 19.01 28.23
N GLY C 241 -26.86 20.30 28.29
CA GLY C 241 -26.53 21.24 27.23
C GLY C 241 -25.21 21.81 27.69
N ARG C 242 -24.12 21.54 26.93
CA ARG C 242 -22.77 22.00 27.22
C ARG C 242 -22.75 23.43 27.74
N VAL C 243 -22.34 23.61 29.01
CA VAL C 243 -22.21 24.86 29.75
C VAL C 243 -21.02 25.63 29.17
N PRO C 244 -21.06 26.98 29.04
CA PRO C 244 -19.89 27.70 28.47
C PRO C 244 -18.61 27.44 29.26
N THR C 245 -17.48 27.35 28.56
CA THR C 245 -16.19 27.05 29.19
C THR C 245 -15.55 28.30 29.77
N PHE C 246 -14.41 28.16 30.48
CA PHE C 246 -13.68 29.30 31.01
C PHE C 246 -12.99 30.04 29.86
N LEU C 247 -12.70 29.32 28.75
CA LEU C 247 -12.08 29.87 27.54
C LEU C 247 -13.08 30.78 26.79
N SER C 248 -14.38 30.39 26.78
CA SER C 248 -15.46 31.15 26.14
C SER C 248 -15.63 32.55 26.75
N MET C 249 -15.32 32.69 28.05
CA MET C 249 -15.41 33.93 28.81
C MET C 249 -14.03 34.59 29.07
N ASP C 250 -12.96 34.06 28.47
CA ASP C 250 -11.60 34.56 28.68
C ASP C 250 -11.28 35.92 28.01
N VAL C 251 -11.85 36.99 28.58
CA VAL C 251 -11.65 38.36 28.11
C VAL C 251 -10.22 38.83 28.47
N ASP C 252 -9.64 38.28 29.56
CA ASP C 252 -8.29 38.63 30.04
C ASP C 252 -7.14 37.86 29.44
N GLY C 253 -7.43 36.71 28.82
CA GLY C 253 -6.39 35.85 28.27
C GLY C 253 -5.63 35.16 29.39
N ARG C 254 -6.37 34.67 30.40
CA ARG C 254 -5.83 34.02 31.61
C ARG C 254 -6.18 32.53 31.75
N VAL C 255 -6.79 31.95 30.71
CA VAL C 255 -7.21 30.56 30.69
C VAL C 255 -6.31 29.75 29.76
N ILE C 256 -5.80 28.64 30.30
CA ILE C 256 -5.04 27.61 29.58
C ILE C 256 -5.99 26.42 29.60
N ARG C 257 -6.42 25.99 28.43
CA ARG C 257 -7.35 24.89 28.29
C ARG C 257 -6.69 23.68 27.65
N ALA C 258 -6.86 22.51 28.29
CA ALA C 258 -6.38 21.21 27.79
C ALA C 258 -7.57 20.39 27.27
N ASP C 259 -7.51 19.94 26.02
CA ASP C 259 -8.56 19.11 25.43
C ASP C 259 -7.90 17.78 25.13
N SER C 260 -8.69 16.71 25.19
CA SER C 260 -8.23 15.33 25.00
C SER C 260 -9.08 14.57 24.00
N PHE C 261 -8.45 13.78 23.12
CA PHE C 261 -9.14 12.92 22.17
C PHE C 261 -9.10 11.46 22.65
N SER C 262 -8.57 11.23 23.87
CA SER C 262 -8.41 9.92 24.50
C SER C 262 -9.66 9.07 24.70
N LYS C 263 -10.81 9.71 24.89
CA LYS C 263 -12.05 8.98 25.10
C LYS C 263 -12.93 8.91 23.85
N ILE C 264 -12.72 9.86 22.91
CA ILE C 264 -13.49 10.00 21.69
C ILE C 264 -12.83 9.48 20.40
N ILE C 265 -11.49 9.67 20.26
CA ILE C 265 -10.74 9.24 19.05
C ILE C 265 -9.76 8.10 19.31
N SER C 266 -8.85 8.28 20.30
CA SER C 266 -7.84 7.28 20.68
C SER C 266 -6.92 7.73 21.79
N SER C 267 -6.80 6.86 22.79
CA SER C 267 -5.97 7.03 23.98
C SER C 267 -4.51 6.71 23.67
N GLY C 268 -4.29 5.65 22.89
CA GLY C 268 -2.97 5.16 22.51
C GLY C 268 -2.23 5.94 21.44
N LEU C 269 -2.96 6.69 20.59
CA LEU C 269 -2.32 7.51 19.56
C LEU C 269 -1.59 8.70 20.19
N ARG C 270 -1.90 9.07 21.48
CA ARG C 270 -1.24 10.16 22.22
C ARG C 270 -1.35 11.52 21.53
N ILE C 271 -2.58 11.91 21.20
CA ILE C 271 -2.87 13.17 20.54
C ILE C 271 -3.91 13.95 21.33
N GLY C 272 -3.51 15.10 21.83
CA GLY C 272 -4.34 16.06 22.54
C GLY C 272 -3.98 17.45 22.05
N PHE C 273 -4.61 18.48 22.62
CA PHE C 273 -4.28 19.85 22.20
C PHE C 273 -4.44 20.82 23.34
N LEU C 274 -3.62 21.85 23.33
CA LEU C 274 -3.60 22.86 24.37
C LEU C 274 -3.91 24.23 23.75
N THR C 275 -4.94 24.91 24.28
CA THR C 275 -5.36 26.26 23.83
C THR C 275 -5.09 27.21 25.00
N GLY C 276 -4.50 28.36 24.70
CA GLY C 276 -4.20 29.36 25.72
C GLY C 276 -3.61 30.64 25.18
N PRO C 277 -3.08 31.52 26.07
CA PRO C 277 -2.48 32.77 25.58
C PRO C 277 -1.15 32.51 24.89
N LYS C 278 -0.95 33.08 23.69
CA LYS C 278 0.26 32.95 22.88
C LYS C 278 1.59 32.98 23.67
N PRO C 279 1.88 33.93 24.60
CA PRO C 279 3.18 33.87 25.31
C PRO C 279 3.41 32.59 26.11
N LEU C 280 2.32 32.04 26.69
CA LEU C 280 2.38 30.81 27.46
C LEU C 280 2.40 29.57 26.56
N ILE C 281 1.61 29.54 25.45
CA ILE C 281 1.61 28.41 24.50
C ILE C 281 3.01 28.27 23.89
N GLU C 282 3.67 29.42 23.61
CA GLU C 282 5.02 29.53 23.06
C GLU C 282 6.07 28.85 23.95
N ARG C 283 6.01 29.09 25.28
CA ARG C 283 6.92 28.48 26.26
C ARG C 283 6.75 26.96 26.32
N VAL C 284 5.53 26.48 26.10
CA VAL C 284 5.19 25.05 26.09
C VAL C 284 5.74 24.39 24.82
N ILE C 285 5.57 25.03 23.65
CA ILE C 285 6.11 24.55 22.36
C ILE C 285 7.64 24.38 22.43
N LEU C 286 8.35 25.36 23.05
CA LEU C 286 9.81 25.36 23.25
C LEU C 286 10.29 24.24 24.17
N HIS C 287 9.44 23.77 25.09
CA HIS C 287 9.78 22.66 25.97
C HIS C 287 9.54 21.36 25.18
N ILE C 288 8.42 21.28 24.44
CA ILE C 288 8.14 20.13 23.56
C ILE C 288 9.29 19.94 22.57
N GLN C 289 9.71 21.03 21.91
CA GLN C 289 10.80 21.03 20.93
C GLN C 289 12.08 20.32 21.43
N VAL C 290 12.41 20.45 22.74
CA VAL C 290 13.61 19.84 23.33
C VAL C 290 13.38 18.47 23.97
N SER C 291 12.11 18.04 24.09
CA SER C 291 11.76 16.73 24.66
C SER C 291 11.31 15.73 23.58
N THR C 292 10.04 15.81 23.12
CA THR C 292 9.53 14.89 22.09
C THR C 292 9.78 15.34 20.63
N LEU C 293 10.35 16.56 20.42
CA LEU C 293 10.54 17.28 19.13
C LEU C 293 9.18 17.75 18.62
N HIS C 294 8.27 16.80 18.38
CA HIS C 294 6.92 17.03 17.88
C HIS C 294 6.04 15.78 18.15
N PRO C 295 4.69 15.84 18.12
CA PRO C 295 3.93 14.58 18.26
C PRO C 295 4.01 13.82 16.93
N SER C 296 3.83 12.49 16.96
CA SER C 296 3.91 11.61 15.78
C SER C 296 3.24 12.25 14.58
N THR C 297 3.96 12.44 13.47
CA THR C 297 3.40 13.02 12.25
C THR C 297 2.33 12.08 11.71
N PHE C 298 2.58 10.76 11.81
CA PHE C 298 1.72 9.66 11.36
C PHE C 298 0.35 9.68 12.03
N ASN C 299 0.33 9.77 13.37
CA ASN C 299 -0.89 9.79 14.19
C ASN C 299 -1.69 11.04 13.93
N GLN C 300 -1.01 12.18 13.77
CA GLN C 300 -1.59 13.47 13.47
C GLN C 300 -2.27 13.40 12.10
N LEU C 301 -1.61 12.75 11.12
CA LEU C 301 -2.14 12.61 9.76
C LEU C 301 -3.39 11.70 9.76
N MET C 302 -3.39 10.65 10.59
CA MET C 302 -4.52 9.74 10.79
C MET C 302 -5.73 10.51 11.30
N ILE C 303 -5.54 11.30 12.38
CA ILE C 303 -6.59 12.09 13.01
C ILE C 303 -7.08 13.21 12.09
N SER C 304 -6.15 13.98 11.49
CA SER C 304 -6.45 15.08 10.57
C SER C 304 -7.26 14.62 9.35
N GLN C 305 -6.92 13.47 8.74
CA GLN C 305 -7.67 12.95 7.59
C GLN C 305 -9.09 12.54 7.96
N LEU C 306 -9.27 11.92 9.14
CA LEU C 306 -10.57 11.53 9.69
C LEU C 306 -11.41 12.80 9.97
N LEU C 307 -10.86 13.75 10.74
CA LEU C 307 -11.49 15.01 11.12
C LEU C 307 -11.92 15.85 9.92
N HIS C 308 -11.04 16.03 8.92
CA HIS C 308 -11.36 16.80 7.70
C HIS C 308 -12.47 16.16 6.86
N GLU C 309 -12.54 14.80 6.80
CA GLU C 309 -13.56 14.08 6.03
C GLU C 309 -14.91 14.11 6.76
N TRP C 310 -14.89 14.07 8.08
CA TRP C 310 -16.11 14.09 8.89
C TRP C 310 -16.81 15.44 8.84
N GLY C 311 -16.07 16.49 9.18
CA GLY C 311 -16.56 17.86 9.27
C GLY C 311 -16.99 18.12 10.69
N GLU C 312 -17.04 19.40 11.10
CA GLU C 312 -17.44 19.81 12.46
C GLU C 312 -18.83 19.26 12.87
N GLU C 313 -19.60 18.79 11.86
CA GLU C 313 -20.92 18.16 11.95
C GLU C 313 -20.73 16.64 12.14
N GLY C 314 -19.82 16.05 11.34
CA GLY C 314 -19.48 14.64 11.38
C GLY C 314 -18.80 14.23 12.68
N PHE C 315 -17.96 15.15 13.22
CA PHE C 315 -17.27 15.02 14.50
C PHE C 315 -18.34 15.00 15.61
N MET C 316 -19.32 15.93 15.54
CA MET C 316 -20.43 16.07 16.48
C MET C 316 -21.41 14.90 16.46
N ALA C 317 -21.57 14.23 15.29
CA ALA C 317 -22.42 13.04 15.18
C ALA C 317 -21.77 11.89 15.97
N HIS C 318 -20.42 11.79 15.89
CA HIS C 318 -19.61 10.80 16.58
C HIS C 318 -19.59 11.04 18.09
N VAL C 319 -19.37 12.30 18.55
CA VAL C 319 -19.34 12.59 19.99
C VAL C 319 -20.65 12.21 20.67
N ASP C 320 -21.77 12.32 19.94
CA ASP C 320 -23.09 11.93 20.42
C ASP C 320 -23.27 10.40 20.47
N ARG C 321 -22.61 9.67 19.54
CA ARG C 321 -22.63 8.19 19.50
C ARG C 321 -21.82 7.64 20.69
N VAL C 322 -20.70 8.33 21.05
CA VAL C 322 -19.83 8.02 22.17
C VAL C 322 -20.57 8.27 23.49
N ILE C 323 -21.21 9.46 23.66
CA ILE C 323 -22.01 9.82 24.86
C ILE C 323 -23.08 8.73 25.08
N ASP C 324 -23.74 8.29 23.99
CA ASP C 324 -24.80 7.27 23.97
C ASP C 324 -24.33 5.97 24.60
N PHE C 325 -23.15 5.47 24.17
CA PHE C 325 -22.51 4.28 24.73
C PHE C 325 -22.21 4.49 26.22
N TYR C 326 -21.53 5.60 26.60
CA TYR C 326 -21.21 5.87 28.00
C TYR C 326 -22.42 6.14 28.89
N SER C 327 -23.57 6.48 28.29
CA SER C 327 -24.82 6.71 29.02
C SER C 327 -25.40 5.37 29.51
N ASN C 328 -25.48 4.37 28.61
CA ASN C 328 -25.98 3.01 28.87
C ASN C 328 -24.98 2.23 29.74
N GLN C 329 -23.71 2.71 29.84
CA GLN C 329 -22.68 2.15 30.73
C GLN C 329 -22.90 2.71 32.14
N LYS C 330 -23.15 4.05 32.24
CA LYS C 330 -23.44 4.77 33.49
C LYS C 330 -24.77 4.24 34.08
N ASP C 331 -25.79 3.98 33.21
CA ASP C 331 -27.11 3.44 33.57
C ASP C 331 -26.93 2.07 34.22
N ALA C 332 -26.00 1.24 33.65
CA ALA C 332 -25.67 -0.12 34.09
C ALA C 332 -24.93 -0.17 35.44
N ILE C 333 -23.93 0.72 35.66
CA ILE C 333 -23.21 0.78 36.95
C ILE C 333 -24.13 1.26 38.08
N LEU C 334 -25.03 2.22 37.74
CA LEU C 334 -26.05 2.83 38.58
C LEU C 334 -27.07 1.79 39.01
N ALA C 335 -27.52 0.92 38.07
CA ALA C 335 -28.46 -0.20 38.29
C ALA C 335 -27.87 -1.23 39.25
N ALA C 336 -26.58 -1.56 39.05
CA ALA C 336 -25.76 -2.49 39.84
C ALA C 336 -25.56 -1.97 41.26
N ALA C 337 -25.22 -0.68 41.41
CA ALA C 337 -25.03 -0.03 42.71
C ALA C 337 -26.35 0.14 43.45
N ASP C 338 -27.48 0.32 42.72
CA ASP C 338 -28.81 0.42 43.32
C ASP C 338 -29.20 -0.93 43.96
N LYS C 339 -28.91 -2.01 43.23
CA LYS C 339 -29.17 -3.41 43.56
C LYS C 339 -28.37 -3.89 44.77
N TRP C 340 -27.06 -3.57 44.84
CA TRP C 340 -26.20 -4.09 45.90
C TRP C 340 -25.71 -3.10 46.94
N LEU C 341 -25.52 -1.84 46.57
CA LEU C 341 -24.91 -0.87 47.47
C LEU C 341 -25.80 0.05 48.29
N THR C 342 -27.10 0.19 47.93
CA THR C 342 -28.06 1.03 48.69
C THR C 342 -28.15 0.57 50.16
N GLY C 343 -27.94 1.52 51.07
CA GLY C 343 -27.92 1.26 52.50
C GLY C 343 -26.53 0.96 53.03
N LEU C 344 -25.61 0.53 52.13
CA LEU C 344 -24.22 0.21 52.46
C LEU C 344 -23.28 1.33 52.02
N ALA C 345 -23.68 2.09 51.00
CA ALA C 345 -22.88 3.15 50.41
C ALA C 345 -23.71 4.34 49.90
N GLU C 346 -23.02 5.46 49.63
CA GLU C 346 -23.59 6.70 49.08
C GLU C 346 -22.78 7.11 47.85
N TRP C 347 -23.47 7.67 46.86
CA TRP C 347 -22.88 8.15 45.61
C TRP C 347 -23.78 9.18 44.98
N HIS C 348 -23.17 10.09 44.21
CA HIS C 348 -23.91 11.07 43.42
C HIS C 348 -23.87 10.53 42.00
N VAL C 349 -24.86 10.91 41.18
CA VAL C 349 -24.86 10.47 39.79
C VAL C 349 -23.84 11.34 39.03
N PRO C 350 -22.88 10.75 38.28
CA PRO C 350 -21.93 11.60 37.53
C PRO C 350 -22.62 12.43 36.43
N ALA C 351 -22.13 13.66 36.26
CA ALA C 351 -22.62 14.62 35.25
C ALA C 351 -21.95 14.39 33.91
N ALA C 352 -20.67 14.00 33.95
CA ALA C 352 -19.83 13.69 32.79
C ALA C 352 -18.78 12.68 33.23
N GLY C 353 -18.04 12.12 32.26
CA GLY C 353 -16.96 11.19 32.52
C GLY C 353 -17.31 9.72 32.53
N MET C 354 -16.42 8.90 33.08
CA MET C 354 -16.58 7.45 33.14
C MET C 354 -16.39 6.82 34.52
N PHE C 355 -16.57 7.60 35.59
CA PHE C 355 -16.37 7.11 36.94
C PHE C 355 -17.51 7.43 37.88
N LEU C 356 -17.75 6.51 38.82
CA LEU C 356 -18.69 6.66 39.91
C LEU C 356 -17.85 6.72 41.20
N TRP C 357 -18.04 7.76 42.00
CA TRP C 357 -17.36 8.00 43.27
C TRP C 357 -18.32 7.51 44.37
N ILE C 358 -17.94 6.39 45.03
CA ILE C 358 -18.77 5.74 46.04
C ILE C 358 -18.23 5.94 47.46
N LYS C 359 -19.07 6.43 48.39
CA LYS C 359 -18.69 6.61 49.80
C LYS C 359 -19.25 5.43 50.62
N VAL C 360 -18.37 4.66 51.25
CA VAL C 360 -18.75 3.51 52.08
C VAL C 360 -19.25 4.01 53.45
N LYS C 361 -20.50 3.62 53.80
CA LYS C 361 -21.24 4.03 54.99
C LYS C 361 -20.59 3.99 56.38
N GLY C 362 -20.09 2.84 56.81
CA GLY C 362 -19.52 2.73 58.16
C GLY C 362 -18.04 2.44 58.28
N ILE C 363 -17.28 2.64 57.19
CA ILE C 363 -15.84 2.40 57.18
C ILE C 363 -15.09 3.74 57.02
N ASN C 364 -14.05 3.98 57.84
CA ASN C 364 -13.20 5.18 57.85
C ASN C 364 -12.17 5.16 56.73
N ASP C 365 -11.58 3.96 56.48
CA ASP C 365 -10.56 3.72 55.48
C ASP C 365 -10.87 2.43 54.74
N VAL C 366 -11.15 2.56 53.44
CA VAL C 366 -11.50 1.45 52.55
C VAL C 366 -10.23 0.91 51.85
N LYS C 367 -9.05 1.39 52.28
CA LYS C 367 -7.75 1.01 51.75
C LYS C 367 -7.50 -0.50 51.83
N GLU C 368 -7.70 -1.12 53.00
CA GLU C 368 -7.49 -2.58 53.10
C GLU C 368 -8.58 -3.41 52.42
N LEU C 369 -9.86 -2.95 52.47
CA LEU C 369 -11.01 -3.60 51.83
C LEU C 369 -10.83 -3.73 50.31
N ILE C 370 -10.30 -2.69 49.65
CA ILE C 370 -10.10 -2.58 48.20
C ILE C 370 -8.73 -3.13 47.71
N GLU C 371 -7.64 -2.86 48.45
CA GLU C 371 -6.28 -3.27 48.07
C GLU C 371 -5.91 -4.69 48.48
N GLU C 372 -6.47 -5.18 49.59
CA GLU C 372 -6.16 -6.51 50.06
C GLU C 372 -7.31 -7.46 49.75
N LYS C 373 -8.45 -7.27 50.43
CA LYS C 373 -9.66 -8.10 50.36
C LYS C 373 -10.34 -8.22 49.00
N ALA C 374 -10.54 -7.09 48.29
CA ALA C 374 -11.21 -7.08 47.00
C ALA C 374 -10.35 -7.70 45.91
N VAL C 375 -9.03 -7.43 45.97
CA VAL C 375 -8.01 -7.95 45.05
C VAL C 375 -7.98 -9.50 45.14
N LYS C 376 -7.92 -10.04 46.37
CA LYS C 376 -7.92 -11.48 46.69
C LYS C 376 -9.20 -12.22 46.18
N MET C 377 -10.27 -11.45 45.93
CA MET C 377 -11.58 -11.91 45.44
C MET C 377 -11.71 -11.73 43.91
N GLY C 378 -10.76 -11.02 43.31
CA GLY C 378 -10.68 -10.79 41.88
C GLY C 378 -11.43 -9.58 41.37
N VAL C 379 -11.72 -8.61 42.26
CA VAL C 379 -12.44 -7.39 41.90
C VAL C 379 -11.56 -6.15 42.13
N LEU C 380 -11.25 -5.44 41.05
CA LEU C 380 -10.40 -4.26 41.10
C LEU C 380 -11.18 -2.96 41.02
N MET C 381 -10.87 -2.04 41.94
CA MET C 381 -11.43 -0.70 42.07
C MET C 381 -10.33 0.18 42.64
N LEU C 382 -10.54 1.48 42.67
CA LEU C 382 -9.50 2.35 43.21
C LEU C 382 -9.82 2.95 44.55
N PRO C 383 -8.90 2.85 45.54
CA PRO C 383 -9.16 3.48 46.85
C PRO C 383 -9.12 4.99 46.70
N GLY C 384 -9.92 5.69 47.50
CA GLY C 384 -10.02 7.15 47.48
C GLY C 384 -8.73 7.90 47.76
N ASN C 385 -7.80 7.27 48.51
CA ASN C 385 -6.48 7.76 48.92
C ASN C 385 -5.65 8.30 47.76
N ALA C 386 -5.79 7.68 46.56
CA ALA C 386 -5.07 7.99 45.31
C ALA C 386 -5.39 9.35 44.69
N PHE C 387 -6.49 9.97 45.13
CA PHE C 387 -6.99 11.22 44.57
C PHE C 387 -6.83 12.44 45.50
N TYR C 388 -6.01 12.29 46.54
CA TYR C 388 -5.73 13.36 47.52
C TYR C 388 -4.25 13.67 47.57
N VAL C 389 -3.91 14.91 47.96
CA VAL C 389 -2.51 15.35 48.12
C VAL C 389 -1.89 14.50 49.23
N ASP C 390 -2.60 14.34 50.36
CA ASP C 390 -2.16 13.47 51.46
C ASP C 390 -2.85 12.12 51.31
N SER C 391 -2.12 11.19 50.66
CA SER C 391 -2.53 9.81 50.38
C SER C 391 -2.49 8.94 51.63
N SER C 392 -1.75 9.37 52.67
CA SER C 392 -1.64 8.67 53.95
C SER C 392 -2.91 8.85 54.77
N ALA C 393 -3.69 9.92 54.47
CA ALA C 393 -4.96 10.24 55.12
C ALA C 393 -6.00 9.17 54.77
N PRO C 394 -6.82 8.70 55.75
CA PRO C 394 -7.81 7.66 55.45
C PRO C 394 -8.95 8.21 54.59
N SER C 395 -9.46 7.38 53.70
CA SER C 395 -10.57 7.77 52.84
C SER C 395 -11.65 6.71 52.86
N PRO C 396 -12.92 7.13 53.07
CA PRO C 396 -14.03 6.15 53.01
C PRO C 396 -14.54 5.96 51.56
N TYR C 397 -13.87 6.59 50.57
CA TYR C 397 -14.27 6.55 49.16
C TYR C 397 -13.51 5.58 48.28
N LEU C 398 -14.13 5.20 47.17
CA LEU C 398 -13.56 4.37 46.13
C LEU C 398 -14.00 4.89 44.76
N ARG C 399 -13.19 4.66 43.72
CA ARG C 399 -13.58 5.04 42.37
C ARG C 399 -13.86 3.76 41.56
N ALA C 400 -15.04 3.71 40.92
CA ALA C 400 -15.45 2.60 40.08
C ALA C 400 -15.61 3.10 38.65
N SER C 401 -14.88 2.50 37.71
CA SER C 401 -14.95 2.91 36.30
C SER C 401 -16.04 2.12 35.57
N PHE C 402 -16.82 2.81 34.71
CA PHE C 402 -17.90 2.17 33.95
C PHE C 402 -17.64 2.10 32.43
N SER C 403 -16.43 2.43 31.98
CA SER C 403 -16.02 2.44 30.57
C SER C 403 -16.08 1.13 29.81
N SER C 404 -15.52 0.05 30.39
CA SER C 404 -15.37 -1.26 29.75
C SER C 404 -16.21 -2.39 30.31
N ALA C 405 -16.42 -2.41 31.63
CA ALA C 405 -17.19 -3.48 32.28
C ALA C 405 -18.58 -3.69 31.72
N SER C 406 -18.97 -4.96 31.59
CA SER C 406 -20.29 -5.31 31.10
C SER C 406 -21.25 -5.27 32.28
N PRO C 407 -22.58 -5.09 32.05
CA PRO C 407 -23.53 -5.12 33.17
C PRO C 407 -23.35 -6.29 34.13
N GLU C 408 -23.19 -7.51 33.58
CA GLU C 408 -23.00 -8.75 34.36
C GLU C 408 -21.72 -8.77 35.18
N GLN C 409 -20.67 -8.03 34.73
CA GLN C 409 -19.41 -7.91 35.45
C GLN C 409 -19.61 -6.98 36.66
N MET C 410 -20.34 -5.86 36.45
CA MET C 410 -20.67 -4.84 37.46
C MET C 410 -21.46 -5.47 38.63
N ASP C 411 -22.43 -6.34 38.29
CA ASP C 411 -23.29 -7.09 39.20
C ASP C 411 -22.47 -7.97 40.15
N VAL C 412 -21.50 -8.75 39.62
CA VAL C 412 -20.59 -9.60 40.40
C VAL C 412 -19.66 -8.72 41.23
N ALA C 413 -19.11 -7.63 40.64
CA ALA C 413 -18.21 -6.69 41.31
C ALA C 413 -18.87 -6.04 42.55
N PHE C 414 -20.10 -5.49 42.37
CA PHE C 414 -20.84 -4.84 43.45
C PHE C 414 -21.45 -5.80 44.48
N GLN C 415 -21.59 -7.10 44.13
CA GLN C 415 -22.03 -8.11 45.08
C GLN C 415 -20.84 -8.37 46.03
N VAL C 416 -19.63 -8.51 45.45
CA VAL C 416 -18.39 -8.72 46.19
C VAL C 416 -18.17 -7.56 47.17
N LEU C 417 -18.37 -6.30 46.69
CA LEU C 417 -18.26 -5.06 47.47
C LEU C 417 -19.17 -5.08 48.69
N ALA C 418 -20.50 -5.30 48.47
CA ALA C 418 -21.52 -5.38 49.51
C ALA C 418 -21.15 -6.44 50.55
N GLN C 419 -20.77 -7.65 50.08
CA GLN C 419 -20.34 -8.77 50.92
C GLN C 419 -19.13 -8.36 51.74
N LEU C 420 -18.11 -7.70 51.11
CA LEU C 420 -16.91 -7.22 51.79
C LEU C 420 -17.19 -6.08 52.76
N ILE C 421 -18.11 -5.17 52.39
CA ILE C 421 -18.53 -4.06 53.26
C ILE C 421 -19.19 -4.66 54.50
N LYS C 422 -20.08 -5.68 54.32
CA LYS C 422 -20.76 -6.40 55.43
C LYS C 422 -19.77 -7.10 56.34
N GLU C 423 -18.76 -7.81 55.77
CA GLU C 423 -17.75 -8.54 56.53
C GLU C 423 -16.86 -7.62 57.38
N SER C 424 -16.60 -6.39 56.85
CA SER C 424 -15.79 -5.34 57.49
C SER C 424 -16.54 -4.61 58.61
N LEU C 425 -17.88 -4.57 58.54
CA LEU C 425 -18.69 -3.94 59.60
C LEU C 425 -18.78 -4.85 60.83
N LEU C 426 -18.60 -6.18 60.64
CA LEU C 426 -18.67 -7.21 61.69
C LEU C 426 -17.39 -7.39 62.52
N VAL C 427 -16.35 -6.57 62.26
CA VAL C 427 -15.07 -6.63 63.00
C VAL C 427 -15.05 -5.60 64.15
N PRO C 428 -15.30 -6.00 65.43
CA PRO C 428 -15.33 -5.01 66.53
C PRO C 428 -13.98 -4.84 67.22
N MET D 1 27.95 1.31 43.24
CA MET D 1 27.73 2.71 42.84
C MET D 1 26.48 3.30 43.51
N ASN D 2 26.53 4.62 43.78
CA ASN D 2 25.45 5.39 44.37
C ASN D 2 24.89 6.38 43.36
N TYR D 3 23.67 6.09 42.87
CA TYR D 3 22.99 6.90 41.87
C TYR D 3 22.30 8.12 42.46
N ALA D 4 22.06 8.13 43.78
CA ALA D 4 21.39 9.23 44.52
C ALA D 4 22.08 10.59 44.33
N ARG D 5 23.40 10.57 44.02
CA ARG D 5 24.21 11.76 43.76
C ARG D 5 24.04 12.30 42.34
N PHE D 6 23.50 11.45 41.44
CA PHE D 6 23.21 11.77 40.05
C PHE D 6 21.70 12.01 39.83
N ILE D 7 20.89 11.86 40.89
CA ILE D 7 19.44 12.08 40.85
C ILE D 7 19.14 13.40 41.61
N THR D 8 18.42 14.36 40.96
CA THR D 8 18.00 15.63 41.58
C THR D 8 16.89 15.30 42.59
N ALA D 9 16.65 16.17 43.58
CA ALA D 9 15.59 15.97 44.59
C ALA D 9 14.21 15.80 43.95
N ALA D 10 13.91 16.60 42.90
CA ALA D 10 12.65 16.55 42.15
C ALA D 10 12.43 15.15 41.56
N SER D 11 13.47 14.61 40.87
CA SER D 11 13.49 13.28 40.24
C SER D 11 13.32 12.15 41.28
N ALA D 12 13.93 12.30 42.50
CA ALA D 12 13.87 11.31 43.59
C ALA D 12 12.48 11.22 44.21
N ALA D 13 11.76 12.37 44.23
CA ALA D 13 10.41 12.54 44.78
C ALA D 13 9.30 11.89 43.92
N ARG D 14 9.62 11.55 42.66
CA ARG D 14 8.67 10.94 41.72
C ARG D 14 8.21 9.59 42.20
N ASN D 15 6.89 9.40 42.14
CA ASN D 15 6.25 8.17 42.59
C ASN D 15 5.57 7.44 41.45
N PRO D 16 5.47 6.10 41.50
CA PRO D 16 4.72 5.39 40.45
C PRO D 16 3.24 5.71 40.62
N SER D 17 2.48 5.85 39.52
CA SER D 17 1.06 6.19 39.62
C SER D 17 0.32 5.19 40.52
N PRO D 18 -0.47 5.66 41.52
CA PRO D 18 -1.23 4.74 42.39
C PRO D 18 -2.33 3.97 41.63
N ILE D 19 -2.71 4.48 40.43
CA ILE D 19 -3.69 3.94 39.50
C ILE D 19 -3.08 2.77 38.72
N ARG D 20 -1.89 2.96 38.14
CA ARG D 20 -1.21 1.90 37.39
C ARG D 20 -0.82 0.73 38.30
N THR D 21 -0.60 1.00 39.60
CA THR D 21 -0.24 -0.03 40.59
C THR D 21 -1.37 -1.07 40.73
N MET D 22 -2.63 -0.59 40.82
CA MET D 22 -3.85 -1.41 40.90
C MET D 22 -4.04 -2.13 39.56
N THR D 23 -3.85 -1.40 38.45
CA THR D 23 -3.93 -1.83 37.06
C THR D 23 -2.95 -2.98 36.76
N ASP D 24 -1.67 -2.83 37.17
CA ASP D 24 -0.61 -3.85 36.97
C ASP D 24 -0.98 -5.25 37.51
N ILE D 25 -1.73 -5.31 38.62
CA ILE D 25 -2.14 -6.60 39.16
C ILE D 25 -3.22 -7.32 38.31
N LEU D 26 -4.00 -6.57 37.49
CA LEU D 26 -4.98 -7.12 36.54
C LEU D 26 -4.25 -7.94 35.45
N SER D 27 -3.08 -7.44 34.99
CA SER D 27 -2.25 -8.11 33.99
C SER D 27 -1.54 -9.36 34.55
N ARG D 28 -1.57 -9.56 35.90
CA ARG D 28 -1.00 -10.73 36.59
C ARG D 28 -1.81 -11.41 37.76
N GLY D 29 -3.05 -11.88 37.54
CA GLY D 29 -3.84 -11.70 36.33
C GLY D 29 -4.73 -12.78 35.71
N PRO D 30 -5.50 -13.66 36.42
CA PRO D 30 -6.38 -14.59 35.68
C PRO D 30 -7.54 -13.91 34.92
N LYS D 31 -8.11 -14.63 33.90
CA LYS D 31 -9.22 -14.16 33.07
C LYS D 31 -10.50 -13.90 33.88
N SER D 32 -10.65 -14.59 35.03
CA SER D 32 -11.79 -14.48 35.94
C SER D 32 -11.89 -13.10 36.64
N MET D 33 -10.78 -12.33 36.69
CA MET D 33 -10.70 -11.00 37.31
C MET D 33 -11.59 -9.95 36.64
N ILE D 34 -12.31 -9.16 37.46
CA ILE D 34 -13.14 -8.06 36.98
C ILE D 34 -12.49 -6.75 37.44
N SER D 35 -12.32 -5.82 36.51
CA SER D 35 -11.73 -4.51 36.82
C SER D 35 -12.71 -3.37 36.58
N LEU D 36 -12.82 -2.50 37.59
CA LEU D 36 -13.56 -1.25 37.60
C LEU D 36 -12.51 -0.21 38.06
N ALA D 37 -11.21 -0.59 37.98
CA ALA D 37 -10.09 0.21 38.43
C ALA D 37 -9.63 1.27 37.42
N GLY D 38 -9.08 0.83 36.30
CA GLY D 38 -8.52 1.69 35.26
C GLY D 38 -9.48 2.58 34.52
N GLY D 39 -8.96 3.73 34.09
CA GLY D 39 -9.69 4.72 33.32
C GLY D 39 -9.51 4.51 31.81
N LEU D 40 -9.35 3.24 31.39
CA LEU D 40 -9.17 2.89 29.99
C LEU D 40 -10.51 2.99 29.25
N PRO D 41 -10.60 3.84 28.21
CA PRO D 41 -11.86 3.96 27.46
C PRO D 41 -12.22 2.70 26.68
N ASN D 42 -13.48 2.57 26.21
CA ASN D 42 -13.86 1.41 25.41
C ASN D 42 -13.29 1.56 23.99
N PRO D 43 -12.50 0.57 23.51
CA PRO D 43 -11.87 0.72 22.18
C PRO D 43 -12.81 0.61 20.99
N ASN D 44 -14.04 0.12 21.21
CA ASN D 44 -15.05 -0.01 20.15
C ASN D 44 -15.59 1.37 19.73
N MET D 45 -15.41 2.39 20.59
CA MET D 45 -15.83 3.77 20.35
C MET D 45 -14.84 4.49 19.46
N PHE D 46 -13.66 3.88 19.23
CA PHE D 46 -12.62 4.47 18.40
C PHE D 46 -12.99 4.29 16.91
N PRO D 47 -12.80 5.31 16.05
CA PRO D 47 -13.27 5.18 14.66
C PRO D 47 -12.45 4.34 13.70
N PHE D 48 -11.14 4.20 13.92
CA PHE D 48 -10.26 3.39 13.06
C PHE D 48 -10.41 1.92 13.44
N LYS D 49 -10.68 1.04 12.46
CA LYS D 49 -10.96 -0.37 12.73
C LYS D 49 -9.92 -1.40 12.35
N THR D 50 -9.23 -1.22 11.21
CA THR D 50 -8.16 -2.11 10.74
C THR D 50 -7.11 -1.26 10.05
N ALA D 51 -5.89 -1.78 9.96
CA ALA D 51 -4.81 -1.10 9.27
C ALA D 51 -4.03 -2.11 8.47
N VAL D 52 -3.68 -1.75 7.24
CA VAL D 52 -2.82 -2.55 6.41
C VAL D 52 -1.69 -1.67 5.89
N ILE D 53 -0.48 -1.92 6.40
CA ILE D 53 0.72 -1.19 6.05
C ILE D 53 1.66 -2.07 5.21
N THR D 54 2.00 -1.61 4.01
CA THR D 54 2.92 -2.35 3.15
C THR D 54 4.36 -1.95 3.47
N VAL D 55 5.30 -2.90 3.32
CA VAL D 55 6.74 -2.72 3.57
C VAL D 55 7.53 -2.99 2.27
N GLU D 56 8.56 -2.16 1.98
CA GLU D 56 9.45 -2.32 0.82
C GLU D 56 10.28 -3.58 1.05
N ASN D 57 10.08 -4.60 0.17
CA ASN D 57 10.71 -5.93 0.22
C ASN D 57 10.44 -6.57 1.60
N GLY D 58 9.25 -7.14 1.76
CA GLY D 58 8.85 -7.75 3.03
C GLY D 58 7.36 -7.97 3.20
N LYS D 59 6.97 -8.49 4.38
CA LYS D 59 5.58 -8.79 4.68
C LYS D 59 4.77 -7.54 4.98
N THR D 60 3.53 -7.48 4.47
CA THR D 60 2.58 -6.39 4.67
C THR D 60 1.97 -6.46 6.08
N ILE D 61 2.32 -5.50 6.96
CA ILE D 61 1.88 -5.44 8.36
C ILE D 61 0.38 -5.20 8.43
N GLN D 62 -0.35 -6.13 9.04
CA GLN D 62 -1.80 -6.04 9.16
C GLN D 62 -2.27 -5.96 10.61
N PHE D 63 -3.06 -4.94 10.91
CA PHE D 63 -3.66 -4.75 12.23
C PHE D 63 -5.12 -5.11 12.12
N GLY D 64 -5.44 -6.33 12.53
CA GLY D 64 -6.83 -6.80 12.55
C GLY D 64 -7.59 -6.10 13.66
N GLU D 65 -8.91 -6.34 13.74
CA GLU D 65 -9.82 -5.73 14.72
C GLU D 65 -9.28 -5.64 16.14
N GLU D 66 -8.78 -6.78 16.67
CA GLU D 66 -8.23 -6.91 18.03
C GLU D 66 -6.90 -6.18 18.20
N MET D 67 -5.98 -6.33 17.24
CA MET D 67 -4.67 -5.68 17.18
C MET D 67 -4.87 -4.15 17.12
N MET D 68 -5.84 -3.68 16.32
CA MET D 68 -6.18 -2.27 16.18
C MET D 68 -6.72 -1.67 17.50
N LYS D 69 -7.57 -2.43 18.24
CA LYS D 69 -8.11 -2.00 19.53
C LYS D 69 -6.96 -1.79 20.52
N ARG D 70 -5.96 -2.70 20.50
CA ARG D 70 -4.77 -2.68 21.34
C ARG D 70 -3.88 -1.49 20.95
N ALA D 71 -3.67 -1.28 19.62
CA ALA D 71 -2.87 -0.21 19.03
C ALA D 71 -3.44 1.20 19.30
N LEU D 72 -4.78 1.34 19.41
CA LEU D 72 -5.49 2.59 19.69
C LEU D 72 -5.71 2.85 21.19
N GLN D 73 -5.30 1.90 22.03
CA GLN D 73 -5.45 1.92 23.48
C GLN D 73 -4.17 2.28 24.21
N TYR D 74 -4.28 2.70 25.50
CA TYR D 74 -3.15 3.02 26.37
C TYR D 74 -2.27 1.77 26.55
N SER D 75 -0.98 1.98 26.88
CA SER D 75 0.00 0.90 27.10
C SER D 75 1.06 1.32 28.13
N PRO D 76 1.97 0.41 28.62
CA PRO D 76 2.93 0.83 29.68
C PRO D 76 3.87 1.96 29.32
N SER D 77 4.28 2.74 30.34
CA SER D 77 5.16 3.90 30.21
C SER D 77 6.52 3.57 29.59
N ALA D 78 7.11 2.42 29.96
CA ALA D 78 8.42 1.97 29.46
C ALA D 78 8.37 1.52 28.00
N GLY D 79 7.20 1.11 27.55
CA GLY D 79 6.97 0.62 26.20
C GLY D 79 6.21 -0.69 26.18
N ILE D 80 5.79 -1.13 24.97
CA ILE D 80 5.06 -2.40 24.79
C ILE D 80 6.03 -3.57 25.07
N PRO D 81 5.58 -4.69 25.69
CA PRO D 81 6.54 -5.76 26.04
C PRO D 81 7.33 -6.39 24.89
N GLU D 82 6.71 -6.55 23.72
CA GLU D 82 7.36 -7.15 22.54
C GLU D 82 8.50 -6.30 21.97
N LEU D 83 8.35 -4.98 21.99
CA LEU D 83 9.39 -4.05 21.53
C LEU D 83 10.54 -4.04 22.54
N LEU D 84 10.21 -4.05 23.84
CA LEU D 84 11.17 -4.06 24.95
C LEU D 84 12.07 -5.31 24.96
N SER D 85 11.48 -6.51 24.81
CA SER D 85 12.28 -7.75 24.83
C SER D 85 13.18 -7.87 23.59
N TRP D 86 12.70 -7.39 22.42
CA TRP D 86 13.45 -7.41 21.17
C TRP D 86 14.61 -6.43 21.22
N LEU D 87 14.41 -5.22 21.81
CA LEU D 87 15.45 -4.20 21.94
C LEU D 87 16.53 -4.59 22.95
N LYS D 88 16.14 -5.19 24.09
CA LYS D 88 17.10 -5.67 25.11
C LYS D 88 17.99 -6.77 24.53
N GLN D 89 17.39 -7.69 23.74
CA GLN D 89 17.98 -8.82 23.02
C GLN D 89 19.06 -8.33 22.06
N LEU D 90 18.73 -7.26 21.31
CA LEU D 90 19.56 -6.57 20.35
C LEU D 90 20.76 -5.92 21.04
N GLN D 91 20.52 -5.20 22.18
CA GLN D 91 21.57 -4.58 22.99
C GLN D 91 22.57 -5.63 23.47
N ILE D 92 22.07 -6.82 23.88
CA ILE D 92 22.91 -7.94 24.31
C ILE D 92 23.70 -8.48 23.12
N LYS D 93 23.04 -8.72 21.97
CA LYS D 93 23.71 -9.20 20.75
C LYS D 93 24.85 -8.25 20.30
N LEU D 94 24.55 -6.96 20.24
CA LEU D 94 25.45 -5.91 19.76
C LEU D 94 26.49 -5.43 20.77
N HIS D 95 26.08 -5.18 22.01
CA HIS D 95 26.93 -4.59 23.03
C HIS D 95 27.29 -5.49 24.18
N ASN D 96 26.53 -6.58 24.39
CA ASN D 96 26.75 -7.54 25.48
C ASN D 96 27.15 -6.80 26.80
N PRO D 97 26.28 -5.90 27.33
CA PRO D 97 26.66 -5.16 28.54
C PRO D 97 27.04 -6.04 29.74
N PRO D 98 28.07 -5.67 30.54
CA PRO D 98 28.41 -6.53 31.70
C PRO D 98 27.35 -6.50 32.81
N THR D 99 26.44 -5.50 32.78
CA THR D 99 25.39 -5.28 33.76
C THR D 99 24.12 -6.15 33.67
N ILE D 100 23.95 -6.95 32.59
CA ILE D 100 22.76 -7.81 32.33
C ILE D 100 22.21 -8.49 33.61
N HIS D 101 23.07 -9.14 34.41
CA HIS D 101 22.63 -9.82 35.63
C HIS D 101 23.01 -9.20 36.99
N TYR D 102 23.37 -7.89 37.03
CA TYR D 102 23.69 -7.18 38.28
C TYR D 102 22.40 -7.00 39.11
N PRO D 103 22.48 -6.80 40.46
CA PRO D 103 21.23 -6.53 41.20
C PRO D 103 20.68 -5.16 40.78
N PRO D 104 19.34 -4.94 40.76
CA PRO D 104 18.80 -3.62 40.35
C PRO D 104 19.52 -2.39 40.94
N SER D 105 19.62 -2.30 42.28
CA SER D 105 20.25 -1.20 43.04
C SER D 105 21.71 -0.92 42.66
N GLN D 106 22.42 -1.94 42.14
CA GLN D 106 23.82 -1.83 41.71
C GLN D 106 23.97 -1.37 40.25
N GLY D 107 22.84 -1.18 39.56
CA GLY D 107 22.78 -0.67 38.20
C GLY D 107 22.60 -1.66 37.07
N GLN D 108 21.71 -2.66 37.28
CA GLN D 108 21.34 -3.67 36.28
C GLN D 108 20.88 -3.01 34.98
N MET D 109 21.14 -3.65 33.84
CA MET D 109 20.69 -3.09 32.57
C MET D 109 19.17 -3.07 32.48
N ASP D 110 18.64 -1.88 32.15
CA ASP D 110 17.23 -1.63 31.90
C ASP D 110 17.11 -0.80 30.63
N LEU D 111 15.98 -0.97 29.93
CA LEU D 111 15.70 -0.26 28.68
C LEU D 111 14.27 0.26 28.68
N CYS D 112 14.08 1.46 28.11
CA CYS D 112 12.77 2.06 27.94
C CYS D 112 12.63 2.73 26.59
N VAL D 113 11.45 2.59 25.99
CA VAL D 113 11.12 3.18 24.71
C VAL D 113 10.77 4.64 25.00
N THR D 114 11.37 5.56 24.23
CA THR D 114 11.14 7.00 24.37
C THR D 114 10.53 7.55 23.09
N SER D 115 10.01 8.78 23.15
CA SER D 115 9.44 9.47 22.02
C SER D 115 10.60 10.18 21.33
N GLY D 116 11.39 9.38 20.60
CA GLY D 116 12.63 9.79 19.97
C GLY D 116 13.78 9.74 20.97
N SER D 117 15.04 9.77 20.49
CA SER D 117 16.19 9.75 21.39
C SER D 117 16.26 11.07 22.18
N GLN D 118 15.76 12.18 21.56
CA GLN D 118 15.66 13.51 22.16
C GLN D 118 14.93 13.47 23.51
N GLN D 119 13.81 12.71 23.62
CA GLN D 119 13.04 12.61 24.87
C GLN D 119 13.84 11.96 25.97
N GLY D 120 14.52 10.86 25.65
CA GLY D 120 15.37 10.17 26.59
C GLY D 120 16.45 11.06 27.16
N LEU D 121 17.19 11.77 26.26
CA LEU D 121 18.28 12.71 26.58
C LEU D 121 17.82 13.83 27.48
N CYS D 122 16.68 14.45 27.11
CA CYS D 122 16.00 15.52 27.83
C CYS D 122 15.66 15.08 29.24
N LYS D 123 14.94 13.93 29.40
CA LYS D 123 14.54 13.41 30.71
C LYS D 123 15.77 13.05 31.59
N VAL D 124 16.89 12.63 30.96
CA VAL D 124 18.13 12.31 31.65
C VAL D 124 18.79 13.59 32.18
N PHE D 125 18.92 14.65 31.34
CA PHE D 125 19.53 15.92 31.78
C PHE D 125 18.71 16.55 32.91
N GLU D 126 17.37 16.54 32.77
CA GLU D 126 16.45 17.07 33.79
C GLU D 126 16.58 16.28 35.11
N MET D 127 16.82 14.95 35.00
CA MET D 127 17.02 14.04 36.14
C MET D 127 18.34 14.31 36.90
N ILE D 128 19.42 14.66 36.15
CA ILE D 128 20.77 14.85 36.70
C ILE D 128 21.12 16.28 37.12
N ILE D 129 20.78 17.27 36.27
CA ILE D 129 21.19 18.67 36.48
C ILE D 129 20.44 19.53 37.50
N ASN D 130 21.23 20.12 38.41
CA ASN D 130 20.87 21.12 39.41
C ASN D 130 21.52 22.42 38.92
N PRO D 131 20.94 23.62 39.14
CA PRO D 131 21.57 24.84 38.61
C PRO D 131 22.96 25.08 39.19
N GLY D 132 23.90 25.39 38.31
CA GLY D 132 25.30 25.62 38.65
C GLY D 132 26.20 24.41 38.54
N ASP D 133 25.62 23.22 38.26
CA ASP D 133 26.38 21.96 38.10
C ASP D 133 27.35 22.02 36.90
N ASN D 134 28.38 21.16 36.92
CA ASN D 134 29.39 21.09 35.86
C ASN D 134 29.20 19.86 34.97
N VAL D 135 29.16 20.07 33.63
CA VAL D 135 28.99 18.98 32.65
C VAL D 135 30.09 19.07 31.58
N LEU D 136 30.59 17.92 31.11
CA LEU D 136 31.63 17.87 30.07
C LEU D 136 31.00 17.48 28.74
N LEU D 137 31.39 18.20 27.68
CA LEU D 137 30.89 18.04 26.32
C LEU D 137 31.95 18.57 25.36
N ASP D 138 31.99 18.08 24.11
CA ASP D 138 32.93 18.61 23.14
C ASP D 138 32.23 19.56 22.16
N GLU D 139 32.56 20.85 22.22
CA GLU D 139 32.00 21.83 21.30
C GLU D 139 32.87 21.79 20.02
N PRO D 140 32.30 21.81 18.79
CA PRO D 140 30.87 21.89 18.45
C PRO D 140 30.06 20.65 18.81
N ALA D 141 28.83 20.87 19.35
CA ALA D 141 27.90 19.82 19.76
C ALA D 141 26.52 19.97 19.08
N TYR D 142 25.70 18.92 19.16
CA TYR D 142 24.33 18.85 18.62
C TYR D 142 23.48 19.92 19.32
N SER D 143 22.92 20.87 18.53
CA SER D 143 22.11 22.00 19.01
C SER D 143 20.98 21.62 19.97
N GLY D 144 20.28 20.53 19.68
CA GLY D 144 19.20 20.00 20.52
C GLY D 144 19.56 19.84 21.98
N THR D 145 20.75 19.24 22.26
CA THR D 145 21.23 19.11 23.63
C THR D 145 21.65 20.47 24.16
N LEU D 146 22.25 21.36 23.31
CA LEU D 146 22.66 22.69 23.74
C LEU D 146 21.45 23.51 24.13
N GLN D 147 20.34 23.36 23.38
CA GLN D 147 19.09 24.07 23.73
C GLN D 147 18.32 23.42 24.91
N SER D 148 18.66 22.14 25.26
CA SER D 148 18.09 21.42 26.41
C SER D 148 18.89 21.81 27.65
N LEU D 149 20.24 21.91 27.49
CA LEU D 149 21.17 22.22 28.58
C LEU D 149 21.10 23.66 29.07
N HIS D 150 21.00 24.64 28.15
CA HIS D 150 20.92 26.07 28.46
C HIS D 150 19.86 26.46 29.53
N PRO D 151 18.58 26.03 29.45
CA PRO D 151 17.62 26.38 30.51
C PRO D 151 17.89 25.70 31.87
N LEU D 152 18.67 24.61 31.89
CA LEU D 152 18.97 23.88 33.13
C LEU D 152 19.95 24.58 34.09
N GLY D 153 20.59 25.65 33.60
CA GLY D 153 21.49 26.49 34.37
C GLY D 153 22.84 25.90 34.72
N CYS D 154 23.28 24.87 33.98
CA CYS D 154 24.57 24.24 34.20
C CYS D 154 25.75 25.00 33.55
N ASN D 155 26.97 24.56 33.86
CA ASN D 155 28.21 25.09 33.29
C ASN D 155 28.77 24.04 32.37
N ILE D 156 28.77 24.34 31.06
CA ILE D 156 29.27 23.41 30.04
C ILE D 156 30.77 23.56 29.82
N ILE D 157 31.52 22.52 30.23
CA ILE D 157 32.97 22.45 30.10
C ILE D 157 33.35 21.75 28.81
N ASN D 158 33.83 22.54 27.87
CA ASN D 158 34.29 22.09 26.56
C ASN D 158 35.53 21.19 26.75
N VAL D 159 35.54 20.03 26.07
CA VAL D 159 36.66 19.09 26.06
C VAL D 159 37.19 19.06 24.62
N ALA D 160 38.46 19.43 24.43
CA ALA D 160 39.07 19.51 23.11
C ALA D 160 38.95 18.23 22.32
N SER D 161 38.66 18.40 21.02
CA SER D 161 38.52 17.28 20.10
C SER D 161 39.17 17.53 18.74
N ASP D 162 39.71 16.44 18.19
CA ASP D 162 40.35 16.39 16.89
C ASP D 162 39.46 15.51 15.98
N GLU D 163 40.04 14.84 14.98
CA GLU D 163 39.36 13.97 14.01
C GLU D 163 38.99 12.60 14.59
N SER D 164 39.65 12.20 15.67
CA SER D 164 39.36 10.94 16.37
C SER D 164 38.48 11.21 17.60
N GLY D 165 37.73 12.31 17.53
CA GLY D 165 36.82 12.73 18.61
C GLY D 165 37.55 13.33 19.80
N ILE D 166 36.91 13.25 20.98
CA ILE D 166 37.45 13.76 22.24
C ILE D 166 38.91 13.30 22.45
N VAL D 167 39.81 14.24 22.79
CA VAL D 167 41.22 13.97 23.07
C VAL D 167 41.27 13.56 24.55
N PRO D 168 41.59 12.29 24.90
CA PRO D 168 41.58 11.88 26.32
C PRO D 168 42.51 12.68 27.25
N ASP D 169 43.61 13.23 26.69
CA ASP D 169 44.55 14.05 27.46
C ASP D 169 43.97 15.42 27.80
N SER D 170 43.01 15.92 26.98
CA SER D 170 42.29 17.17 27.25
C SER D 170 41.33 16.93 28.42
N LEU D 171 40.67 15.75 28.43
CA LEU D 171 39.73 15.33 29.47
C LEU D 171 40.50 15.17 30.79
N ARG D 172 41.71 14.56 30.72
CA ARG D 172 42.61 14.33 31.84
C ARG D 172 43.08 15.68 32.41
N ASP D 173 43.29 16.69 31.54
CA ASP D 173 43.70 18.04 31.90
C ASP D 173 42.61 18.81 32.63
N ILE D 174 41.34 18.67 32.16
CA ILE D 174 40.21 19.34 32.81
C ILE D 174 39.92 18.72 34.18
N LEU D 175 39.88 17.38 34.26
CA LEU D 175 39.62 16.60 35.48
C LEU D 175 40.69 16.76 36.56
N SER D 176 41.93 17.14 36.17
CA SER D 176 43.03 17.36 37.10
C SER D 176 42.78 18.47 38.13
N ARG D 177 41.84 19.40 37.85
CA ARG D 177 41.48 20.49 38.78
C ARG D 177 40.71 19.99 40.04
N TRP D 178 40.28 18.72 40.01
CA TRP D 178 39.59 18.02 41.09
C TRP D 178 40.42 16.79 41.48
N LYS D 179 40.17 16.24 42.67
CA LYS D 179 40.82 15.03 43.17
C LYS D 179 39.86 13.84 42.97
N PRO D 180 40.32 12.60 42.68
CA PRO D 180 39.39 11.48 42.52
C PRO D 180 38.42 11.26 43.69
N GLU D 181 38.79 11.73 44.90
CA GLU D 181 37.96 11.66 46.10
C GLU D 181 36.90 12.77 46.15
N ASP D 182 37.12 13.88 45.40
CA ASP D 182 36.18 15.03 45.33
C ASP D 182 34.90 14.66 44.59
N ALA D 183 34.98 13.58 43.78
CA ALA D 183 33.93 12.97 42.97
C ALA D 183 32.75 12.64 43.84
N LYS D 184 33.01 11.93 44.97
CA LYS D 184 32.01 11.51 45.95
C LYS D 184 31.22 12.70 46.55
N ASN D 185 31.85 13.91 46.55
CA ASN D 185 31.35 15.16 47.11
C ASN D 185 30.52 16.05 46.20
N PRO D 186 29.31 16.44 46.65
CA PRO D 186 28.49 17.32 45.79
C PRO D 186 29.00 18.76 45.77
N GLN D 187 29.39 19.27 46.95
CA GLN D 187 29.88 20.63 47.20
C GLN D 187 31.22 20.98 46.53
N LYS D 188 32.04 19.97 46.18
CA LYS D 188 33.30 20.19 45.45
C LYS D 188 32.99 20.47 43.97
N ASN D 189 31.75 20.12 43.54
CA ASN D 189 31.15 20.27 42.21
C ASN D 189 31.97 19.69 41.06
N THR D 190 32.17 18.37 41.14
CA THR D 190 32.85 17.60 40.11
C THR D 190 31.87 17.41 38.95
N PRO D 191 32.32 17.22 37.69
CA PRO D 191 31.35 17.02 36.60
C PRO D 191 30.47 15.79 36.85
N LYS D 192 29.13 15.97 36.85
CA LYS D 192 28.16 14.86 37.08
C LYS D 192 28.16 13.86 35.90
N PHE D 193 28.46 14.36 34.66
CA PHE D 193 28.54 13.52 33.45
C PHE D 193 29.35 14.09 32.29
N LEU D 194 29.76 13.18 31.36
CA LEU D 194 30.39 13.47 30.08
C LEU D 194 29.39 13.09 29.01
N TYR D 195 28.90 14.08 28.26
CA TYR D 195 27.95 13.83 27.17
C TYR D 195 28.73 13.77 25.86
N THR D 196 28.69 12.59 25.21
CA THR D 196 29.34 12.41 23.92
C THR D 196 28.55 11.63 22.86
N VAL D 197 28.79 12.01 21.59
CA VAL D 197 28.26 11.39 20.39
C VAL D 197 29.49 10.69 19.82
N PRO D 198 29.72 9.40 20.18
CA PRO D 198 30.96 8.73 19.76
C PRO D 198 31.04 8.33 18.29
N ASN D 199 29.93 8.36 17.55
CA ASN D 199 29.98 8.06 16.12
C ASN D 199 29.37 9.19 15.33
N GLY D 200 30.17 9.78 14.45
CA GLY D 200 29.76 10.87 13.58
C GLY D 200 29.08 12.01 14.31
N ASN D 201 29.83 12.64 15.22
CA ASN D 201 29.40 13.76 16.06
C ASN D 201 28.72 14.85 15.26
N ASN D 202 27.58 15.30 15.75
CA ASN D 202 26.83 16.39 15.14
C ASN D 202 27.49 17.71 15.65
N PRO D 203 28.14 18.55 14.81
CA PRO D 203 28.16 18.60 13.33
C PRO D 203 29.43 18.16 12.59
N THR D 204 30.50 17.81 13.34
CA THR D 204 31.84 17.46 12.80
C THR D 204 31.92 16.18 11.93
N GLY D 205 31.22 15.13 12.34
CA GLY D 205 31.21 13.83 11.68
C GLY D 205 32.30 12.89 12.18
N ASN D 206 33.05 13.33 13.22
CA ASN D 206 34.15 12.56 13.79
C ASN D 206 33.70 11.48 14.77
N SER D 207 34.43 10.34 14.76
CA SER D 207 34.20 9.17 15.60
C SER D 207 35.38 8.88 16.52
N LEU D 208 35.07 8.44 17.74
CA LEU D 208 36.10 8.03 18.71
C LEU D 208 36.68 6.68 18.33
N THR D 209 37.92 6.44 18.71
CA THR D 209 38.56 5.15 18.50
C THR D 209 38.29 4.27 19.75
N SER D 210 38.61 2.96 19.69
CA SER D 210 38.42 2.00 20.78
C SER D 210 39.31 2.40 21.96
N GLU D 211 40.56 2.77 21.65
CA GLU D 211 41.61 3.15 22.59
C GLU D 211 41.24 4.41 23.35
N ARG D 212 40.73 5.43 22.62
CA ARG D 212 40.29 6.70 23.21
C ARG D 212 39.12 6.47 24.17
N LYS D 213 38.14 5.62 23.76
CA LYS D 213 36.95 5.24 24.54
C LYS D 213 37.35 4.59 25.86
N LYS D 214 38.37 3.69 25.84
CA LYS D 214 38.88 3.00 27.03
C LYS D 214 39.55 3.98 27.99
N GLU D 215 40.24 5.02 27.46
CA GLU D 215 40.90 6.06 28.27
C GLU D 215 39.84 6.97 28.90
N ILE D 216 38.72 7.19 28.18
CA ILE D 216 37.62 8.00 28.66
C ILE D 216 36.84 7.26 29.76
N TYR D 217 36.58 5.94 29.57
CA TYR D 217 35.90 5.14 30.57
C TYR D 217 36.71 5.03 31.87
N GLU D 218 38.06 4.86 31.77
CA GLU D 218 38.94 4.78 32.95
C GLU D 218 38.96 6.10 33.73
N LEU D 219 38.80 7.24 33.01
CA LEU D 219 38.72 8.58 33.62
C LEU D 219 37.37 8.76 34.27
N ALA D 220 36.32 8.11 33.70
CA ALA D 220 34.95 8.12 34.23
C ALA D 220 34.90 7.34 35.53
N ARG D 221 35.69 6.24 35.65
CA ARG D 221 35.81 5.41 36.88
C ARG D 221 36.64 6.16 37.92
N LYS D 222 37.66 6.91 37.47
CA LYS D 222 38.55 7.65 38.36
C LYS D 222 37.88 8.84 39.05
N TYR D 223 37.15 9.69 38.31
CA TYR D 223 36.49 10.87 38.87
C TYR D 223 34.97 10.68 39.08
N ASP D 224 34.55 9.40 39.13
CA ASP D 224 33.17 8.94 39.31
C ASP D 224 32.09 9.75 38.57
N PHE D 225 32.15 9.72 37.23
CA PHE D 225 31.14 10.39 36.42
C PHE D 225 30.39 9.46 35.50
N LEU D 226 29.14 9.83 35.14
CA LEU D 226 28.35 9.06 34.19
C LEU D 226 28.77 9.43 32.77
N ILE D 227 28.52 8.52 31.81
CA ILE D 227 28.77 8.77 30.40
C ILE D 227 27.42 8.72 29.69
N ILE D 228 26.98 9.85 29.14
CA ILE D 228 25.76 9.90 28.37
C ILE D 228 26.18 9.68 26.90
N GLU D 229 26.05 8.43 26.42
CA GLU D 229 26.44 8.01 25.09
C GLU D 229 25.27 8.16 24.14
N ASP D 230 25.20 9.31 23.45
CA ASP D 230 24.15 9.58 22.48
C ASP D 230 24.71 9.07 21.14
N ASP D 231 24.29 7.87 20.73
CA ASP D 231 24.81 7.19 19.55
C ASP D 231 23.75 7.00 18.44
N PRO D 232 23.25 8.09 17.81
CA PRO D 232 22.24 7.90 16.76
C PRO D 232 22.82 7.42 15.43
N TYR D 233 24.18 7.51 15.27
CA TYR D 233 24.91 7.14 14.06
C TYR D 233 25.71 5.85 14.16
N TYR D 234 25.46 5.06 15.23
CA TYR D 234 26.05 3.75 15.46
C TYR D 234 25.75 2.82 14.28
N PHE D 235 24.54 2.95 13.70
CA PHE D 235 24.14 2.18 12.52
C PHE D 235 24.40 2.91 11.17
N LEU D 236 25.10 4.08 11.19
CA LEU D 236 25.42 4.87 9.99
C LEU D 236 26.93 5.11 9.81
N GLN D 237 27.75 4.11 10.16
CA GLN D 237 29.20 4.21 10.09
C GLN D 237 29.76 3.83 8.74
N PHE D 238 30.68 4.67 8.25
CA PHE D 238 31.33 4.53 6.95
C PHE D 238 32.75 3.99 7.05
N ASN D 239 33.02 2.84 6.38
CA ASN D 239 34.34 2.21 6.25
C ASN D 239 35.11 2.13 7.57
N SER D 240 34.48 1.54 8.59
CA SER D 240 35.08 1.39 9.90
C SER D 240 34.77 0.05 10.54
N GLY D 241 33.52 -0.40 10.42
CA GLY D 241 33.10 -1.68 11.00
C GLY D 241 33.08 -1.63 12.52
N ARG D 242 32.07 -0.94 13.05
CA ARG D 242 31.67 -0.72 14.45
C ARG D 242 32.64 -1.02 15.61
N VAL D 243 33.13 0.07 16.22
CA VAL D 243 34.03 0.12 17.37
C VAL D 243 33.18 -0.19 18.63
N PRO D 244 33.70 -0.91 19.66
CA PRO D 244 32.88 -1.18 20.86
C PRO D 244 32.36 0.09 21.52
N THR D 245 31.13 0.06 22.04
CA THR D 245 30.48 1.21 22.64
C THR D 245 30.92 1.39 24.09
N PHE D 246 30.49 2.50 24.75
CA PHE D 246 30.79 2.73 26.17
C PHE D 246 29.95 1.76 27.00
N LEU D 247 28.78 1.32 26.46
CA LEU D 247 27.87 0.37 27.10
C LEU D 247 28.49 -1.04 27.14
N SER D 248 29.21 -1.42 26.06
CA SER D 248 29.89 -2.72 25.93
C SER D 248 30.96 -2.93 27.02
N MET D 249 31.58 -1.81 27.47
CA MET D 249 32.61 -1.79 28.50
C MET D 249 32.11 -1.31 29.88
N ASP D 250 30.80 -1.10 30.02
CA ASP D 250 30.20 -0.60 31.25
C ASP D 250 30.16 -1.59 32.43
N VAL D 251 31.34 -1.86 33.02
CA VAL D 251 31.50 -2.75 34.17
C VAL D 251 30.91 -2.09 35.42
N ASP D 252 30.94 -0.75 35.50
CA ASP D 252 30.46 0.04 36.65
C ASP D 252 28.99 0.39 36.64
N GLY D 253 28.33 0.27 35.49
CA GLY D 253 26.93 0.65 35.35
C GLY D 253 26.78 2.16 35.42
N ARG D 254 27.68 2.88 34.72
CA ARG D 254 27.75 4.34 34.69
C ARG D 254 27.46 4.96 33.31
N VAL D 255 26.99 4.14 32.35
CA VAL D 255 26.69 4.56 30.99
C VAL D 255 25.18 4.55 30.77
N ILE D 256 24.66 5.68 30.27
CA ILE D 256 23.30 5.87 29.81
C ILE D 256 23.47 6.04 28.31
N ARG D 257 22.89 5.12 27.54
CA ARG D 257 22.97 5.13 26.10
C ARG D 257 21.62 5.44 25.44
N ALA D 258 21.63 6.40 24.48
CA ALA D 258 20.47 6.78 23.69
C ALA D 258 20.63 6.24 22.26
N ASP D 259 19.65 5.45 21.78
CA ASP D 259 19.66 4.92 20.42
C ASP D 259 18.48 5.54 19.72
N SER D 260 18.60 5.75 18.41
CA SER D 260 17.59 6.39 17.58
C SER D 260 17.27 5.58 16.34
N PHE D 261 15.97 5.50 15.97
CA PHE D 261 15.54 4.84 14.75
C PHE D 261 15.20 5.89 13.68
N SER D 262 15.47 7.17 13.99
CA SER D 262 15.16 8.33 13.13
C SER D 262 15.78 8.35 11.75
N LYS D 263 16.96 7.76 11.58
CA LYS D 263 17.64 7.74 10.28
C LYS D 263 17.48 6.41 9.55
N ILE D 264 17.17 5.32 10.30
CA ILE D 264 17.04 3.97 9.76
C ILE D 264 15.59 3.46 9.58
N ILE D 265 14.66 3.81 10.50
CA ILE D 265 13.27 3.35 10.46
C ILE D 265 12.28 4.47 10.18
N SER D 266 12.29 5.53 11.00
CA SER D 266 11.39 6.69 10.89
C SER D 266 11.62 7.75 11.95
N SER D 267 11.75 8.99 11.47
CA SER D 267 11.96 10.20 12.26
C SER D 267 10.64 10.70 12.83
N GLY D 268 9.58 10.63 12.02
CA GLY D 268 8.24 11.10 12.37
C GLY D 268 7.43 10.21 13.30
N LEU D 269 7.75 8.90 13.35
CA LEU D 269 7.06 7.98 14.25
C LEU D 269 7.44 8.28 15.71
N ARG D 270 8.57 9.01 15.97
CA ARG D 270 9.02 9.40 17.33
C ARG D 270 9.24 8.19 18.26
N ILE D 271 10.05 7.25 17.79
CA ILE D 271 10.38 6.04 18.54
C ILE D 271 11.90 5.88 18.62
N GLY D 272 12.39 5.95 19.84
CA GLY D 272 13.79 5.75 20.19
C GLY D 272 13.84 4.89 21.45
N PHE D 273 15.03 4.62 21.95
CA PHE D 273 15.14 3.81 23.17
C PHE D 273 16.32 4.21 23.97
N LEU D 274 16.19 4.10 25.29
CA LEU D 274 17.21 4.49 26.24
C LEU D 274 17.64 3.26 27.05
N THR D 275 18.96 2.94 27.03
CA THR D 275 19.54 1.82 27.78
C THR D 275 20.44 2.42 28.86
N GLY D 276 20.37 1.89 30.07
CA GLY D 276 21.18 2.38 31.18
C GLY D 276 20.98 1.63 32.47
N PRO D 277 21.52 2.16 33.60
CA PRO D 277 21.34 1.47 34.89
C PRO D 277 19.91 1.60 35.38
N LYS D 278 19.30 0.46 35.81
CA LYS D 278 17.93 0.39 36.31
C LYS D 278 17.50 1.55 37.22
N PRO D 279 18.25 2.00 38.27
CA PRO D 279 17.75 3.12 39.10
C PRO D 279 17.55 4.41 38.33
N LEU D 280 18.41 4.67 37.32
CA LEU D 280 18.32 5.85 36.47
C LEU D 280 17.24 5.71 35.38
N ILE D 281 17.12 4.51 34.74
CA ILE D 281 16.08 4.28 33.73
C ILE D 281 14.67 4.44 34.39
N GLU D 282 14.55 3.97 35.66
CA GLU D 282 13.34 4.04 36.47
C GLU D 282 12.88 5.49 36.70
N ARG D 283 13.82 6.41 37.01
CA ARG D 283 13.52 7.84 37.22
C ARG D 283 13.03 8.50 35.93
N VAL D 284 13.54 8.03 34.78
CA VAL D 284 13.17 8.52 33.46
C VAL D 284 11.75 8.06 33.11
N ILE D 285 11.42 6.76 33.37
CA ILE D 285 10.09 6.18 33.15
C ILE D 285 9.02 6.96 33.95
N LEU D 286 9.33 7.31 35.23
CA LEU D 286 8.46 8.07 36.13
C LEU D 286 8.21 9.51 35.67
N HIS D 287 9.15 10.10 34.90
CA HIS D 287 8.97 11.43 34.33
C HIS D 287 8.11 11.28 33.07
N ILE D 288 8.40 10.27 32.23
CA ILE D 288 7.59 9.97 31.05
C ILE D 288 6.12 9.73 31.47
N GLN D 289 5.90 8.90 32.50
CA GLN D 289 4.57 8.59 33.04
C GLN D 289 3.70 9.84 33.32
N VAL D 290 4.31 10.95 33.79
CA VAL D 290 3.60 12.20 34.09
C VAL D 290 3.59 13.23 32.95
N SER D 291 4.31 12.96 31.86
CA SER D 291 4.33 13.86 30.70
C SER D 291 3.58 13.25 29.49
N THR D 292 4.19 12.34 28.73
CA THR D 292 3.54 11.72 27.56
C THR D 292 2.69 10.47 27.88
N LEU D 293 2.72 9.98 29.15
CA LEU D 293 2.12 8.73 29.67
C LEU D 293 2.94 7.55 29.16
N HIS D 294 3.02 7.40 27.82
CA HIS D 294 3.73 6.34 27.11
C HIS D 294 3.97 6.74 25.63
N PRO D 295 4.89 6.12 24.86
CA PRO D 295 4.95 6.46 23.43
C PRO D 295 3.79 5.77 22.71
N SER D 296 3.37 6.30 21.54
CA SER D 296 2.25 5.80 20.73
C SER D 296 2.26 4.28 20.69
N THR D 297 1.19 3.62 21.14
CA THR D 297 1.09 2.16 21.12
C THR D 297 1.10 1.68 19.66
N PHE D 298 0.45 2.46 18.78
CA PHE D 298 0.30 2.23 17.33
C PHE D 298 1.64 2.17 16.62
N ASN D 299 2.51 3.19 16.84
CA ASN D 299 3.83 3.31 16.22
C ASN D 299 4.75 2.22 16.71
N GLN D 300 4.67 1.89 18.01
CA GLN D 300 5.42 0.82 18.65
C GLN D 300 5.03 -0.52 18.01
N LEU D 301 3.73 -0.74 17.79
CA LEU D 301 3.22 -1.98 17.18
C LEU D 301 3.68 -2.11 15.72
N MET D 302 3.73 -0.97 14.98
CA MET D 302 4.23 -0.91 13.60
C MET D 302 5.70 -1.34 13.56
N ILE D 303 6.53 -0.74 14.42
CA ILE D 303 7.97 -1.03 14.48
C ILE D 303 8.23 -2.46 14.97
N SER D 304 7.56 -2.90 16.07
CA SER D 304 7.70 -4.23 16.64
C SER D 304 7.31 -5.35 15.67
N GLN D 305 6.23 -5.17 14.88
CA GLN D 305 5.85 -6.18 13.88
C GLN D 305 6.87 -6.30 12.74
N LEU D 306 7.43 -5.17 12.30
CA LEU D 306 8.48 -5.08 11.28
C LEU D 306 9.76 -5.76 11.79
N LEU D 307 10.24 -5.34 12.97
CA LEU D 307 11.44 -5.84 13.62
C LEU D 307 11.38 -7.34 13.90
N HIS D 308 10.25 -7.86 14.44
CA HIS D 308 10.09 -9.30 14.70
C HIS D 308 10.11 -10.15 13.42
N GLU D 309 9.51 -9.66 12.32
CA GLU D 309 9.48 -10.38 11.04
C GLU D 309 10.86 -10.37 10.36
N TRP D 310 11.58 -9.25 10.52
CA TRP D 310 12.94 -9.06 9.99
C TRP D 310 13.93 -9.96 10.71
N GLY D 311 13.93 -9.91 12.05
CA GLY D 311 14.88 -10.62 12.89
C GLY D 311 16.20 -9.87 12.90
N GLU D 312 17.02 -10.05 13.94
CA GLU D 312 18.33 -9.39 14.13
C GLU D 312 19.27 -9.43 12.89
N GLU D 313 18.99 -10.34 11.93
CA GLU D 313 19.75 -10.55 10.69
C GLU D 313 19.16 -9.74 9.53
N GLY D 314 17.82 -9.65 9.47
CA GLY D 314 17.07 -8.92 8.45
C GLY D 314 17.10 -7.42 8.62
N PHE D 315 17.18 -6.97 9.89
CA PHE D 315 17.32 -5.57 10.31
C PHE D 315 18.75 -5.17 9.92
N MET D 316 19.70 -6.13 10.00
CA MET D 316 21.12 -5.99 9.67
C MET D 316 21.41 -5.87 8.16
N ALA D 317 20.47 -6.32 7.30
CA ALA D 317 20.62 -6.18 5.85
C ALA D 317 20.13 -4.78 5.45
N HIS D 318 19.06 -4.31 6.14
CA HIS D 318 18.44 -3.00 5.95
C HIS D 318 19.38 -1.88 6.44
N VAL D 319 20.05 -2.07 7.59
CA VAL D 319 21.01 -1.05 8.08
C VAL D 319 22.15 -0.84 7.09
N ASP D 320 22.59 -1.94 6.44
CA ASP D 320 23.63 -1.93 5.41
C ASP D 320 23.14 -1.27 4.11
N ARG D 321 21.82 -1.39 3.80
CA ARG D 321 21.22 -0.75 2.61
C ARG D 321 21.15 0.76 2.82
N VAL D 322 20.88 1.19 4.07
CA VAL D 322 20.83 2.59 4.49
C VAL D 322 22.24 3.21 4.44
N ILE D 323 23.26 2.55 5.01
CA ILE D 323 24.67 3.00 4.99
C ILE D 323 25.11 3.20 3.54
N ASP D 324 24.73 2.26 2.65
CA ASP D 324 25.03 2.24 1.21
C ASP D 324 24.54 3.53 0.55
N PHE D 325 23.27 3.92 0.79
CA PHE D 325 22.69 5.15 0.29
C PHE D 325 23.47 6.36 0.84
N TYR D 326 23.67 6.45 2.18
CA TYR D 326 24.41 7.57 2.77
C TYR D 326 25.89 7.64 2.42
N SER D 327 26.49 6.50 2.03
CA SER D 327 27.89 6.41 1.61
C SER D 327 28.09 7.17 0.29
N ASN D 328 27.24 6.88 -0.72
CA ASN D 328 27.23 7.51 -2.04
C ASN D 328 26.83 9.00 -1.94
N GLN D 329 25.95 9.36 -0.97
CA GLN D 329 25.55 10.76 -0.72
C GLN D 329 26.76 11.55 -0.21
N LYS D 330 27.55 10.92 0.69
CA LYS D 330 28.80 11.44 1.27
C LYS D 330 29.80 11.63 0.12
N ASP D 331 29.92 10.62 -0.76
CA ASP D 331 30.84 10.63 -1.92
C ASP D 331 30.51 11.80 -2.85
N ALA D 332 29.19 12.07 -3.03
CA ALA D 332 28.66 13.15 -3.87
C ALA D 332 28.90 14.56 -3.31
N ILE D 333 28.71 14.79 -1.98
CA ILE D 333 28.98 16.10 -1.37
C ILE D 333 30.49 16.40 -1.38
N LEU D 334 31.30 15.35 -1.18
CA LEU D 334 32.76 15.33 -1.17
C LEU D 334 33.30 15.68 -2.57
N ALA D 335 32.68 15.11 -3.64
CA ALA D 335 33.01 15.38 -5.07
C ALA D 335 32.73 16.84 -5.42
N ALA D 336 31.57 17.37 -4.95
CA ALA D 336 31.09 18.74 -5.12
C ALA D 336 32.01 19.73 -4.42
N ALA D 337 32.38 19.44 -3.15
CA ALA D 337 33.28 20.27 -2.35
C ALA D 337 34.69 20.24 -2.91
N ASP D 338 35.13 19.11 -3.51
CA ASP D 338 36.46 19.01 -4.14
C ASP D 338 36.54 19.93 -5.36
N LYS D 339 35.46 19.93 -6.16
CA LYS D 339 35.26 20.69 -7.38
C LYS D 339 35.20 22.19 -7.15
N TRP D 340 34.47 22.66 -6.14
CA TRP D 340 34.27 24.09 -5.91
C TRP D 340 34.96 24.71 -4.70
N LEU D 341 35.12 23.95 -3.62
CA LEU D 341 35.62 24.50 -2.36
C LEU D 341 37.11 24.38 -2.05
N THR D 342 37.86 23.51 -2.74
CA THR D 342 39.31 23.34 -2.52
C THR D 342 40.04 24.67 -2.75
N GLY D 343 40.83 25.09 -1.75
CA GLY D 343 41.54 26.36 -1.78
C GLY D 343 40.76 27.49 -1.15
N LEU D 344 39.42 27.32 -1.04
CA LEU D 344 38.52 28.31 -0.43
C LEU D 344 38.10 27.87 0.96
N ALA D 345 38.07 26.55 1.17
CA ALA D 345 37.62 25.94 2.44
C ALA D 345 38.39 24.68 2.83
N GLU D 346 38.21 24.25 4.09
CA GLU D 346 38.80 23.05 4.67
C GLU D 346 37.71 22.22 5.33
N TRP D 347 37.85 20.90 5.25
CA TRP D 347 36.90 19.95 5.82
C TRP D 347 37.57 18.61 6.04
N HIS D 348 37.08 17.85 7.02
CA HIS D 348 37.52 16.49 7.28
C HIS D 348 36.45 15.60 6.69
N VAL D 349 36.81 14.37 6.30
CA VAL D 349 35.82 13.44 5.76
C VAL D 349 35.01 12.88 6.95
N PRO D 350 33.66 12.95 6.95
CA PRO D 350 32.90 12.37 8.09
C PRO D 350 33.06 10.84 8.19
N ALA D 351 33.11 10.33 9.42
CA ALA D 351 33.26 8.91 9.74
C ALA D 351 31.90 8.23 9.80
N ALA D 352 30.89 8.97 10.27
CA ALA D 352 29.50 8.54 10.37
C ALA D 352 28.62 9.76 10.26
N GLY D 353 27.31 9.54 10.14
CA GLY D 353 26.33 10.62 10.08
C GLY D 353 25.98 11.13 8.71
N MET D 354 25.35 12.31 8.66
CA MET D 354 24.89 12.92 7.41
C MET D 354 25.31 14.37 7.20
N PHE D 355 26.40 14.80 7.86
CA PHE D 355 26.85 16.18 7.75
C PHE D 355 28.32 16.33 7.45
N LEU D 356 28.66 17.38 6.70
CA LEU D 356 30.02 17.78 6.38
C LEU D 356 30.22 19.14 7.08
N TRP D 357 31.27 19.24 7.91
CA TRP D 357 31.64 20.43 8.66
C TRP D 357 32.75 21.12 7.84
N ILE D 358 32.41 22.28 7.25
CA ILE D 358 33.30 23.04 6.35
C ILE D 358 33.83 24.31 7.02
N LYS D 359 35.16 24.50 7.02
CA LYS D 359 35.79 25.71 7.57
C LYS D 359 36.15 26.63 6.39
N VAL D 360 35.58 27.84 6.37
CA VAL D 360 35.85 28.85 5.33
C VAL D 360 37.22 29.52 5.63
N LYS D 361 38.14 29.46 4.63
CA LYS D 361 39.52 29.90 4.71
C LYS D 361 39.87 31.29 5.27
N GLY D 362 39.32 32.35 4.69
CA GLY D 362 39.67 33.70 5.12
C GLY D 362 38.60 34.55 5.76
N ILE D 363 37.50 33.92 6.21
CA ILE D 363 36.39 34.63 6.87
C ILE D 363 36.33 34.22 8.35
N ASN D 364 36.20 35.22 9.27
CA ASN D 364 36.11 35.03 10.73
C ASN D 364 34.72 34.59 11.16
N ASP D 365 33.68 35.17 10.53
CA ASP D 365 32.28 34.89 10.82
C ASP D 365 31.52 34.74 9.52
N VAL D 366 31.00 33.54 9.29
CA VAL D 366 30.26 33.17 8.09
C VAL D 366 28.73 33.36 8.33
N LYS D 367 28.38 33.97 9.47
CA LYS D 367 26.99 34.24 9.88
C LYS D 367 26.22 35.07 8.84
N GLU D 368 26.78 36.20 8.38
CA GLU D 368 26.09 37.01 7.38
C GLU D 368 26.10 36.38 5.97
N LEU D 369 27.21 35.69 5.58
CA LEU D 369 27.37 35.01 4.30
C LEU D 369 26.32 33.92 4.10
N ILE D 370 26.00 33.15 5.16
CA ILE D 370 25.06 32.03 5.17
C ILE D 370 23.60 32.42 5.46
N GLU D 371 23.37 33.35 6.42
CA GLU D 371 22.02 33.78 6.84
C GLU D 371 21.41 34.87 5.99
N GLU D 372 22.25 35.75 5.42
CA GLU D 372 21.75 36.84 4.59
C GLU D 372 21.97 36.52 3.12
N LYS D 373 23.24 36.50 2.69
CA LYS D 373 23.70 36.32 1.31
C LYS D 373 23.35 35.00 0.64
N ALA D 374 23.55 33.86 1.33
CA ALA D 374 23.27 32.54 0.75
C ALA D 374 21.78 32.29 0.63
N VAL D 375 21.01 32.76 1.63
CA VAL D 375 19.54 32.66 1.69
C VAL D 375 18.93 33.41 0.49
N LYS D 376 19.36 34.66 0.26
CA LYS D 376 18.95 35.55 -0.84
C LYS D 376 19.24 34.96 -2.24
N MET D 377 20.15 33.97 -2.31
CA MET D 377 20.59 33.25 -3.51
C MET D 377 19.89 31.90 -3.67
N GLY D 378 19.17 31.50 -2.63
CA GLY D 378 18.39 30.27 -2.62
C GLY D 378 19.12 29.03 -2.17
N VAL D 379 20.24 29.20 -1.42
CA VAL D 379 21.04 28.08 -0.92
C VAL D 379 21.07 28.08 0.62
N LEU D 380 20.52 27.03 1.22
CA LEU D 380 20.46 26.91 2.68
C LEU D 380 21.51 25.99 3.26
N MET D 381 22.20 26.46 4.30
CA MET D 381 23.22 25.73 5.05
C MET D 381 23.16 26.26 6.48
N LEU D 382 23.85 25.62 7.41
CA LEU D 382 23.81 26.11 8.79
C LEU D 382 25.07 26.79 9.24
N PRO D 383 24.96 28.00 9.85
CA PRO D 383 26.16 28.66 10.39
C PRO D 383 26.69 27.89 11.60
N GLY D 384 28.01 27.88 11.77
CA GLY D 384 28.68 27.19 12.86
C GLY D 384 28.29 27.62 14.24
N ASN D 385 27.81 28.88 14.39
CA ASN D 385 27.36 29.54 15.62
C ASN D 385 26.33 28.70 16.42
N ALA D 386 25.47 27.96 15.71
CA ALA D 386 24.38 27.14 16.23
C ALA D 386 24.82 25.91 17.04
N PHE D 387 26.09 25.53 16.92
CA PHE D 387 26.62 24.33 17.55
C PHE D 387 27.58 24.60 18.72
N TYR D 388 27.58 25.84 19.23
CA TYR D 388 28.43 26.25 20.36
C TYR D 388 27.59 26.78 21.49
N VAL D 389 28.12 26.69 22.73
CA VAL D 389 27.45 27.20 23.93
C VAL D 389 27.32 28.72 23.77
N ASP D 390 28.40 29.40 23.33
CA ASP D 390 28.36 30.83 23.05
C ASP D 390 28.13 31.03 21.55
N SER D 391 26.85 31.21 21.19
CA SER D 391 26.36 31.40 19.82
C SER D 391 26.67 32.81 19.30
N SER D 392 26.95 33.75 20.23
CA SER D 392 27.29 35.14 19.91
C SER D 392 28.71 35.22 19.37
N ALA D 393 29.55 34.21 19.71
CA ALA D 393 30.94 34.10 19.27
C ALA D 393 31.00 33.87 17.75
N PRO D 394 31.94 34.52 17.03
CA PRO D 394 32.02 34.29 15.57
C PRO D 394 32.53 32.91 15.23
N SER D 395 32.02 32.33 14.15
CA SER D 395 32.45 31.02 13.69
C SER D 395 32.77 31.04 12.20
N PRO D 396 33.94 30.51 11.79
CA PRO D 396 34.24 30.42 10.35
C PRO D 396 33.66 29.13 9.71
N TYR D 397 32.90 28.34 10.49
CA TYR D 397 32.34 27.06 10.06
C TYR D 397 30.89 27.10 9.65
N LEU D 398 30.53 26.11 8.82
CA LEU D 398 29.17 25.88 8.36
C LEU D 398 28.90 24.38 8.35
N ARG D 399 27.64 23.99 8.52
CA ARG D 399 27.27 22.58 8.42
C ARG D 399 26.46 22.38 7.13
N ALA D 400 26.85 21.40 6.32
CA ALA D 400 26.18 21.05 5.07
C ALA D 400 25.66 19.62 5.21
N SER D 401 24.36 19.44 5.03
CA SER D 401 23.75 18.12 5.15
C SER D 401 23.78 17.42 3.79
N PHE D 402 24.09 16.11 3.76
CA PHE D 402 24.11 15.33 2.52
C PHE D 402 23.01 14.24 2.41
N SER D 403 22.05 14.27 3.35
CA SER D 403 20.94 13.31 3.40
C SER D 403 19.99 13.26 2.20
N SER D 404 19.51 14.43 1.76
CA SER D 404 18.48 14.56 0.74
C SER D 404 18.91 15.14 -0.59
N ALA D 405 19.83 16.10 -0.58
CA ALA D 405 20.28 16.76 -1.81
C ALA D 405 20.85 15.81 -2.85
N SER D 406 20.50 16.07 -4.11
CA SER D 406 20.99 15.27 -5.22
C SER D 406 22.37 15.80 -5.60
N PRO D 407 23.21 14.98 -6.28
CA PRO D 407 24.54 15.48 -6.72
C PRO D 407 24.47 16.83 -7.43
N GLU D 408 23.54 16.99 -8.38
CA GLU D 408 23.34 18.22 -9.16
C GLU D 408 22.93 19.43 -8.31
N GLN D 409 22.26 19.19 -7.18
CA GLN D 409 21.85 20.24 -6.26
C GLN D 409 23.09 20.72 -5.48
N MET D 410 23.95 19.77 -5.05
CA MET D 410 25.20 20.01 -4.30
C MET D 410 26.17 20.87 -5.11
N ASP D 411 26.28 20.56 -6.42
CA ASP D 411 27.09 21.24 -7.42
C ASP D 411 26.71 22.72 -7.50
N VAL D 412 25.41 23.00 -7.57
CA VAL D 412 24.85 24.34 -7.66
C VAL D 412 25.05 25.07 -6.32
N ALA D 413 24.80 24.37 -5.19
CA ALA D 413 24.96 24.90 -3.84
C ALA D 413 26.40 25.35 -3.60
N PHE D 414 27.38 24.47 -3.93
CA PHE D 414 28.80 24.73 -3.72
C PHE D 414 29.42 25.73 -4.67
N GLN D 415 28.79 25.96 -5.85
CA GLN D 415 29.23 26.98 -6.80
C GLN D 415 28.82 28.34 -6.22
N VAL D 416 27.60 28.41 -5.67
CA VAL D 416 27.08 29.61 -5.02
C VAL D 416 27.92 29.95 -3.77
N LEU D 417 28.25 28.93 -2.95
CA LEU D 417 29.08 29.08 -1.75
C LEU D 417 30.46 29.64 -2.14
N ALA D 418 31.10 29.06 -3.18
CA ALA D 418 32.40 29.49 -3.70
C ALA D 418 32.33 30.95 -4.16
N GLN D 419 31.25 31.32 -4.89
CA GLN D 419 30.98 32.67 -5.40
C GLN D 419 30.88 33.68 -4.25
N LEU D 420 30.07 33.34 -3.21
CA LEU D 420 29.83 34.16 -2.03
C LEU D 420 31.08 34.36 -1.18
N ILE D 421 31.94 33.32 -1.06
CA ILE D 421 33.18 33.36 -0.30
C ILE D 421 34.13 34.39 -0.91
N LYS D 422 34.29 34.37 -2.25
CA LYS D 422 35.17 35.26 -3.03
C LYS D 422 34.83 36.76 -2.91
N GLU D 423 33.54 37.10 -2.71
CA GLU D 423 33.02 38.46 -2.53
C GLU D 423 33.34 39.00 -1.12
N SER D 424 33.22 38.12 -0.10
CA SER D 424 33.45 38.44 1.32
C SER D 424 34.95 38.58 1.65
N LEU D 425 35.82 37.89 0.88
CA LEU D 425 37.28 37.93 1.01
C LEU D 425 37.82 39.27 0.52
N LEU D 426 37.03 39.99 -0.30
CA LEU D 426 37.38 41.28 -0.87
C LEU D 426 37.02 42.50 0.01
N VAL D 427 36.44 42.26 1.21
CA VAL D 427 36.10 43.33 2.15
C VAL D 427 37.21 43.53 3.23
N PRO D 428 38.10 44.55 3.10
CA PRO D 428 39.19 44.71 4.07
C PRO D 428 38.84 45.65 5.23
#